data_5CCS
# 
_entry.id   5CCS 
# 
_audit_conform.dict_name       mmcif_pdbx.dic 
_audit_conform.dict_version    5.383 
_audit_conform.dict_location   http://mmcif.pdb.org/dictionaries/ascii/mmcif_pdbx.dic 
# 
loop_
_database_2.database_id 
_database_2.database_code 
_database_2.pdbx_database_accession 
_database_2.pdbx_DOI 
PDB   5CCS         pdb_00005ccs 10.2210/pdb5ccs/pdb 
WWPDB D_1000210779 ?            ?                   
# 
loop_
_pdbx_audit_revision_history.ordinal 
_pdbx_audit_revision_history.data_content_type 
_pdbx_audit_revision_history.major_revision 
_pdbx_audit_revision_history.minor_revision 
_pdbx_audit_revision_history.revision_date 
1 'Structure model' 1 0 2016-07-20 
2 'Structure model' 1 1 2024-01-10 
# 
_pdbx_audit_revision_details.ordinal             1 
_pdbx_audit_revision_details.revision_ordinal    1 
_pdbx_audit_revision_details.data_content_type   'Structure model' 
_pdbx_audit_revision_details.provider            repository 
_pdbx_audit_revision_details.type                'Initial release' 
_pdbx_audit_revision_details.description         ? 
_pdbx_audit_revision_details.details             ? 
# 
loop_
_pdbx_audit_revision_group.ordinal 
_pdbx_audit_revision_group.revision_ordinal 
_pdbx_audit_revision_group.data_content_type 
_pdbx_audit_revision_group.group 
1 2 'Structure model' 'Data collection'        
2 2 'Structure model' 'Database references'    
3 2 'Structure model' 'Refinement description' 
# 
loop_
_pdbx_audit_revision_category.ordinal 
_pdbx_audit_revision_category.revision_ordinal 
_pdbx_audit_revision_category.data_content_type 
_pdbx_audit_revision_category.category 
1 2 'Structure model' chem_comp_atom                
2 2 'Structure model' chem_comp_bond                
3 2 'Structure model' database_2                    
4 2 'Structure model' pdbx_initial_refinement_model 
# 
loop_
_pdbx_audit_revision_item.ordinal 
_pdbx_audit_revision_item.revision_ordinal 
_pdbx_audit_revision_item.data_content_type 
_pdbx_audit_revision_item.item 
1 2 'Structure model' '_database_2.pdbx_DOI'                
2 2 'Structure model' '_database_2.pdbx_database_accession' 
# 
_pdbx_database_status.status_code                     REL 
_pdbx_database_status.status_code_sf                  REL 
_pdbx_database_status.status_code_mr                  ? 
_pdbx_database_status.entry_id                        5CCS 
_pdbx_database_status.recvd_initial_deposition_date   2015-07-02 
_pdbx_database_status.SG_entry                        N 
_pdbx_database_status.deposit_site                    RCSB 
_pdbx_database_status.process_site                    PDBE 
_pdbx_database_status.status_code_cs                  ? 
_pdbx_database_status.methods_development_category    ? 
_pdbx_database_status.pdb_format_compatible           Y 
_pdbx_database_status.status_code_nmr_data            ? 
# 
loop_
_audit_author.name 
_audit_author.pdbx_ordinal 
'Gibson, R.P.'    1  
'Shore, E.'       2  
'Kershaw, N.'     3  
'Awais, M.'       4  
'Javed, A.'       5  
'Latawiec, D.'    6  
'Pandalaneni, S.' 7  
'Wen, L.'         8  
'Berry, N.'       9  
;O'Neill, P.
;
10 
'Sutton, R.'      11 
'Lian, L.Y.'      12 
# 
_citation.abstract                  ? 
_citation.abstract_id_CAS           ? 
_citation.book_id_ISBN              ? 
_citation.book_publisher            ? 
_citation.book_publisher_city       ? 
_citation.book_title                ? 
_citation.coordinate_linkage        ? 
_citation.country                   ? 
_citation.database_id_Medline       ? 
_citation.details                   ? 
_citation.id                        primary 
_citation.journal_abbrev            'To Be Published' 
_citation.journal_id_ASTM           ? 
_citation.journal_id_CSD            0353 
_citation.journal_id_ISSN           ? 
_citation.journal_full              ? 
_citation.journal_issue             ? 
_citation.journal_volume            ? 
_citation.language                  ? 
_citation.page_first                ? 
_citation.page_last                 ? 
_citation.title                     'Human Cyclophilin D Complexed with Inhibitor' 
_citation.year                      ? 
_citation.database_id_CSD           ? 
_citation.pdbx_database_id_DOI      ? 
_citation.pdbx_database_id_PubMed   ? 
_citation.unpublished_flag          ? 
# 
loop_
_citation_author.citation_id 
_citation_author.name 
_citation_author.ordinal 
_citation_author.identifier_ORCID 
primary 'Gibson, R.P.'    1  ? 
primary 'Shore, E.'       2  ? 
primary 'Kershaw, N.'     3  ? 
primary 'Awais, M.'       4  ? 
primary 'Javed, A.'       5  ? 
primary 'Latawiec, D.'    6  ? 
primary 'Pandalaneni, S.' 7  ? 
primary 'Wen, L.'         8  ? 
primary 'Berry, N.'       9  ? 
primary 
;O'Neill, P.
;
10 ? 
primary 'Sutton, R.'      11 ? 
primary 'Lian, L.Y.'      12 ? 
# 
loop_
_entity.id 
_entity.type 
_entity.src_method 
_entity.pdbx_description 
_entity.formula_weight 
_entity.pdbx_number_of_molecules 
_entity.pdbx_ec 
_entity.pdbx_mutation 
_entity.pdbx_fragment 
_entity.details 
1 polymer     man 'Peptidyl-prolyl cis-trans isomerase F, mitochondrial'                  17782.271 1   5.2.1.8 'K125Q K133I' 
'UNP residues 44-207' ? 
2 non-polymer syn '1-(4-aminobenzyl)-3-{2-oxo-2-[(2R)-2-phenylpyrrolidin-1-yl]ethyl}urea' 352.430   1   ?       ?             ? ? 
3 water       nat water                                                                   18.015    109 ?       ?             ? ? 
# 
_entity_name_com.entity_id   1 
_entity_name_com.name        
'PPIase F,Cyclophilin D,CypD,Cyclophilin F,Mitochondrial cyclophilin,CyP-M,Rotamase F, Human Cyclophilin D' 
# 
_entity_poly.entity_id                      1 
_entity_poly.type                           'polypeptide(L)' 
_entity_poly.nstd_linkage                   no 
_entity_poly.nstd_monomer                   no 
_entity_poly.pdbx_seq_one_letter_code       
;MGNPLVYLDVDANGKPLGRVVLELKADVVPKTAENFRALCTGEKGFGYKGSTFHRVIPSFMCQAGDFTNHNGTGGKSIYG
SRFPDENFTLKHVGPGVLSMANAGPNTNGSQFFICTIKTDWLDGQHVVFGHVIEGMDVVKKIESFGSKSGRTSKKIVITD
CGQLS
;
_entity_poly.pdbx_seq_one_letter_code_can   
;MGNPLVYLDVDANGKPLGRVVLELKADVVPKTAENFRALCTGEKGFGYKGSTFHRVIPSFMCQAGDFTNHNGTGGKSIYG
SRFPDENFTLKHVGPGVLSMANAGPNTNGSQFFICTIKTDWLDGQHVVFGHVIEGMDVVKKIESFGSKSGRTSKKIVITD
CGQLS
;
_entity_poly.pdbx_strand_id                 X 
_entity_poly.pdbx_target_identifier         ? 
# 
loop_
_pdbx_entity_nonpoly.entity_id 
_pdbx_entity_nonpoly.name 
_pdbx_entity_nonpoly.comp_id 
2 '1-(4-aminobenzyl)-3-{2-oxo-2-[(2R)-2-phenylpyrrolidin-1-yl]ethyl}urea' C4Y 
3 water                                                                   HOH 
# 
loop_
_entity_poly_seq.entity_id 
_entity_poly_seq.num 
_entity_poly_seq.mon_id 
_entity_poly_seq.hetero 
1 1   MET n 
1 2   GLY n 
1 3   ASN n 
1 4   PRO n 
1 5   LEU n 
1 6   VAL n 
1 7   TYR n 
1 8   LEU n 
1 9   ASP n 
1 10  VAL n 
1 11  ASP n 
1 12  ALA n 
1 13  ASN n 
1 14  GLY n 
1 15  LYS n 
1 16  PRO n 
1 17  LEU n 
1 18  GLY n 
1 19  ARG n 
1 20  VAL n 
1 21  VAL n 
1 22  LEU n 
1 23  GLU n 
1 24  LEU n 
1 25  LYS n 
1 26  ALA n 
1 27  ASP n 
1 28  VAL n 
1 29  VAL n 
1 30  PRO n 
1 31  LYS n 
1 32  THR n 
1 33  ALA n 
1 34  GLU n 
1 35  ASN n 
1 36  PHE n 
1 37  ARG n 
1 38  ALA n 
1 39  LEU n 
1 40  CYS n 
1 41  THR n 
1 42  GLY n 
1 43  GLU n 
1 44  LYS n 
1 45  GLY n 
1 46  PHE n 
1 47  GLY n 
1 48  TYR n 
1 49  LYS n 
1 50  GLY n 
1 51  SER n 
1 52  THR n 
1 53  PHE n 
1 54  HIS n 
1 55  ARG n 
1 56  VAL n 
1 57  ILE n 
1 58  PRO n 
1 59  SER n 
1 60  PHE n 
1 61  MET n 
1 62  CYS n 
1 63  GLN n 
1 64  ALA n 
1 65  GLY n 
1 66  ASP n 
1 67  PHE n 
1 68  THR n 
1 69  ASN n 
1 70  HIS n 
1 71  ASN n 
1 72  GLY n 
1 73  THR n 
1 74  GLY n 
1 75  GLY n 
1 76  LYS n 
1 77  SER n 
1 78  ILE n 
1 79  TYR n 
1 80  GLY n 
1 81  SER n 
1 82  ARG n 
1 83  PHE n 
1 84  PRO n 
1 85  ASP n 
1 86  GLU n 
1 87  ASN n 
1 88  PHE n 
1 89  THR n 
1 90  LEU n 
1 91  LYS n 
1 92  HIS n 
1 93  VAL n 
1 94  GLY n 
1 95  PRO n 
1 96  GLY n 
1 97  VAL n 
1 98  LEU n 
1 99  SER n 
1 100 MET n 
1 101 ALA n 
1 102 ASN n 
1 103 ALA n 
1 104 GLY n 
1 105 PRO n 
1 106 ASN n 
1 107 THR n 
1 108 ASN n 
1 109 GLY n 
1 110 SER n 
1 111 GLN n 
1 112 PHE n 
1 113 PHE n 
1 114 ILE n 
1 115 CYS n 
1 116 THR n 
1 117 ILE n 
1 118 LYS n 
1 119 THR n 
1 120 ASP n 
1 121 TRP n 
1 122 LEU n 
1 123 ASP n 
1 124 GLY n 
1 125 GLN n 
1 126 HIS n 
1 127 VAL n 
1 128 VAL n 
1 129 PHE n 
1 130 GLY n 
1 131 HIS n 
1 132 VAL n 
1 133 ILE n 
1 134 GLU n 
1 135 GLY n 
1 136 MET n 
1 137 ASP n 
1 138 VAL n 
1 139 VAL n 
1 140 LYS n 
1 141 LYS n 
1 142 ILE n 
1 143 GLU n 
1 144 SER n 
1 145 PHE n 
1 146 GLY n 
1 147 SER n 
1 148 LYS n 
1 149 SER n 
1 150 GLY n 
1 151 ARG n 
1 152 THR n 
1 153 SER n 
1 154 LYS n 
1 155 LYS n 
1 156 ILE n 
1 157 VAL n 
1 158 ILE n 
1 159 THR n 
1 160 ASP n 
1 161 CYS n 
1 162 GLY n 
1 163 GLN n 
1 164 LEU n 
1 165 SER n 
# 
_entity_src_gen.entity_id                          1 
_entity_src_gen.pdbx_src_id                        1 
_entity_src_gen.pdbx_alt_source_flag               sample 
_entity_src_gen.pdbx_seq_type                      'Biological sequence' 
_entity_src_gen.pdbx_beg_seq_num                   1 
_entity_src_gen.pdbx_end_seq_num                   165 
_entity_src_gen.gene_src_common_name               Human 
_entity_src_gen.gene_src_genus                     ? 
_entity_src_gen.pdbx_gene_src_gene                 'PPIF, CYP3' 
_entity_src_gen.gene_src_species                   ? 
_entity_src_gen.gene_src_strain                    ? 
_entity_src_gen.gene_src_tissue                    ? 
_entity_src_gen.gene_src_tissue_fraction           ? 
_entity_src_gen.gene_src_details                   ? 
_entity_src_gen.pdbx_gene_src_fragment             ? 
_entity_src_gen.pdbx_gene_src_scientific_name      'Homo sapiens' 
_entity_src_gen.pdbx_gene_src_ncbi_taxonomy_id     9606 
_entity_src_gen.pdbx_gene_src_variant              ? 
_entity_src_gen.pdbx_gene_src_cell_line            ? 
_entity_src_gen.pdbx_gene_src_atcc                 ? 
_entity_src_gen.pdbx_gene_src_organ                ? 
_entity_src_gen.pdbx_gene_src_organelle            ? 
_entity_src_gen.pdbx_gene_src_cell                 ? 
_entity_src_gen.pdbx_gene_src_cellular_location    ? 
_entity_src_gen.host_org_common_name               ? 
_entity_src_gen.pdbx_host_org_scientific_name      'Escherichia coli BL21(DE3)' 
_entity_src_gen.pdbx_host_org_ncbi_taxonomy_id     469008 
_entity_src_gen.host_org_genus                     ? 
_entity_src_gen.pdbx_host_org_gene                 ? 
_entity_src_gen.pdbx_host_org_organ                ? 
_entity_src_gen.host_org_species                   ? 
_entity_src_gen.pdbx_host_org_tissue               ? 
_entity_src_gen.pdbx_host_org_tissue_fraction      ? 
_entity_src_gen.pdbx_host_org_strain               ? 
_entity_src_gen.pdbx_host_org_variant              ? 
_entity_src_gen.pdbx_host_org_cell_line            ? 
_entity_src_gen.pdbx_host_org_atcc                 ? 
_entity_src_gen.pdbx_host_org_culture_collection   ? 
_entity_src_gen.pdbx_host_org_cell                 ? 
_entity_src_gen.pdbx_host_org_organelle            ? 
_entity_src_gen.pdbx_host_org_cellular_location    ? 
_entity_src_gen.pdbx_host_org_vector_type          plasmid 
_entity_src_gen.pdbx_host_org_vector               ? 
_entity_src_gen.host_org_details                   ? 
_entity_src_gen.expression_system_id               ? 
_entity_src_gen.plasmid_name                       pET28b 
_entity_src_gen.plasmid_details                    ? 
_entity_src_gen.pdbx_description                   ? 
# 
loop_
_chem_comp.id 
_chem_comp.type 
_chem_comp.mon_nstd_flag 
_chem_comp.name 
_chem_comp.pdbx_synonyms 
_chem_comp.formula 
_chem_comp.formula_weight 
ALA 'L-peptide linking' y ALANINE                                                                 ? 'C3 H7 N O2'     89.093  
ARG 'L-peptide linking' y ARGININE                                                                ? 'C6 H15 N4 O2 1' 175.209 
ASN 'L-peptide linking' y ASPARAGINE                                                              ? 'C4 H8 N2 O3'    132.118 
ASP 'L-peptide linking' y 'ASPARTIC ACID'                                                         ? 'C4 H7 N O4'     133.103 
C4Y non-polymer         . '1-(4-aminobenzyl)-3-{2-oxo-2-[(2R)-2-phenylpyrrolidin-1-yl]ethyl}urea' ? 'C20 H24 N4 O2'  352.430 
CYS 'L-peptide linking' y CYSTEINE                                                                ? 'C3 H7 N O2 S'   121.158 
GLN 'L-peptide linking' y GLUTAMINE                                                               ? 'C5 H10 N2 O3'   146.144 
GLU 'L-peptide linking' y 'GLUTAMIC ACID'                                                         ? 'C5 H9 N O4'     147.129 
GLY 'peptide linking'   y GLYCINE                                                                 ? 'C2 H5 N O2'     75.067  
HIS 'L-peptide linking' y HISTIDINE                                                               ? 'C6 H10 N3 O2 1' 156.162 
HOH non-polymer         . WATER                                                                   ? 'H2 O'           18.015  
ILE 'L-peptide linking' y ISOLEUCINE                                                              ? 'C6 H13 N O2'    131.173 
LEU 'L-peptide linking' y LEUCINE                                                                 ? 'C6 H13 N O2'    131.173 
LYS 'L-peptide linking' y LYSINE                                                                  ? 'C6 H15 N2 O2 1' 147.195 
MET 'L-peptide linking' y METHIONINE                                                              ? 'C5 H11 N O2 S'  149.211 
PHE 'L-peptide linking' y PHENYLALANINE                                                           ? 'C9 H11 N O2'    165.189 
PRO 'L-peptide linking' y PROLINE                                                                 ? 'C5 H9 N O2'     115.130 
SER 'L-peptide linking' y SERINE                                                                  ? 'C3 H7 N O3'     105.093 
THR 'L-peptide linking' y THREONINE                                                               ? 'C4 H9 N O3'     119.119 
TRP 'L-peptide linking' y TRYPTOPHAN                                                              ? 'C11 H12 N2 O2'  204.225 
TYR 'L-peptide linking' y TYROSINE                                                                ? 'C9 H11 N O3'    181.189 
VAL 'L-peptide linking' y VALINE                                                                  ? 'C5 H11 N O2'    117.146 
# 
loop_
_pdbx_poly_seq_scheme.asym_id 
_pdbx_poly_seq_scheme.entity_id 
_pdbx_poly_seq_scheme.seq_id 
_pdbx_poly_seq_scheme.mon_id 
_pdbx_poly_seq_scheme.ndb_seq_num 
_pdbx_poly_seq_scheme.pdb_seq_num 
_pdbx_poly_seq_scheme.auth_seq_num 
_pdbx_poly_seq_scheme.pdb_mon_id 
_pdbx_poly_seq_scheme.auth_mon_id 
_pdbx_poly_seq_scheme.pdb_strand_id 
_pdbx_poly_seq_scheme.pdb_ins_code 
_pdbx_poly_seq_scheme.hetero 
A 1 1   MET 1   1   ?   ?   ?   X . n 
A 1 2   GLY 2   2   2   GLY GLY X . n 
A 1 3   ASN 3   3   3   ASN ASN X . n 
A 1 4   PRO 4   4   4   PRO PRO X . n 
A 1 5   LEU 5   5   5   LEU LEU X . n 
A 1 6   VAL 6   6   6   VAL VAL X . n 
A 1 7   TYR 7   7   7   TYR TYR X . n 
A 1 8   LEU 8   8   8   LEU LEU X . n 
A 1 9   ASP 9   9   9   ASP ASP X . n 
A 1 10  VAL 10  10  10  VAL VAL X . n 
A 1 11  ASP 11  11  11  ASP ASP X . n 
A 1 12  ALA 12  12  12  ALA ALA X . n 
A 1 13  ASN 13  13  13  ASN ASN X . n 
A 1 14  GLY 14  14  14  GLY GLY X . n 
A 1 15  LYS 15  15  15  LYS LYS X . n 
A 1 16  PRO 16  16  16  PRO PRO X . n 
A 1 17  LEU 17  17  17  LEU LEU X . n 
A 1 18  GLY 18  18  18  GLY GLY X . n 
A 1 19  ARG 19  19  19  ARG ARG X . n 
A 1 20  VAL 20  20  20  VAL VAL X . n 
A 1 21  VAL 21  21  21  VAL VAL X . n 
A 1 22  LEU 22  22  22  LEU LEU X . n 
A 1 23  GLU 23  23  23  GLU GLU X . n 
A 1 24  LEU 24  24  24  LEU LEU X . n 
A 1 25  LYS 25  25  25  LYS LYS X . n 
A 1 26  ALA 26  26  26  ALA ALA X . n 
A 1 27  ASP 27  27  27  ASP ASP X . n 
A 1 28  VAL 28  28  28  VAL VAL X . n 
A 1 29  VAL 29  29  29  VAL VAL X . n 
A 1 30  PRO 30  30  30  PRO PRO X . n 
A 1 31  LYS 31  31  31  LYS LYS X . n 
A 1 32  THR 32  32  32  THR THR X . n 
A 1 33  ALA 33  33  33  ALA ALA X . n 
A 1 34  GLU 34  34  34  GLU GLU X . n 
A 1 35  ASN 35  35  35  ASN ASN X . n 
A 1 36  PHE 36  36  36  PHE PHE X . n 
A 1 37  ARG 37  37  37  ARG ARG X . n 
A 1 38  ALA 38  38  38  ALA ALA X . n 
A 1 39  LEU 39  39  39  LEU LEU X . n 
A 1 40  CYS 40  40  40  CYS CYS X . n 
A 1 41  THR 41  41  41  THR THR X . n 
A 1 42  GLY 42  42  42  GLY GLY X . n 
A 1 43  GLU 43  43  43  GLU GLU X . n 
A 1 44  LYS 44  44  44  LYS LYS X . n 
A 1 45  GLY 45  45  45  GLY GLY X . n 
A 1 46  PHE 46  46  46  PHE PHE X . n 
A 1 47  GLY 47  47  47  GLY GLY X . n 
A 1 48  TYR 48  48  48  TYR TYR X . n 
A 1 49  LYS 49  49  49  LYS LYS X . n 
A 1 50  GLY 50  50  50  GLY GLY X . n 
A 1 51  SER 51  51  51  SER SER X . n 
A 1 52  THR 52  52  52  THR THR X . n 
A 1 53  PHE 53  53  53  PHE PHE X . n 
A 1 54  HIS 54  54  54  HIS HIS X . n 
A 1 55  ARG 55  55  55  ARG ARG X . n 
A 1 56  VAL 56  56  56  VAL VAL X . n 
A 1 57  ILE 57  57  57  ILE ILE X . n 
A 1 58  PRO 58  58  58  PRO PRO X . n 
A 1 59  SER 59  59  59  SER SER X . n 
A 1 60  PHE 60  60  60  PHE PHE X . n 
A 1 61  MET 61  61  61  MET MET X . n 
A 1 62  CYS 62  62  62  CYS CYS X . n 
A 1 63  GLN 63  63  63  GLN GLN X . n 
A 1 64  ALA 64  64  64  ALA ALA X . n 
A 1 65  GLY 65  65  65  GLY GLY X . n 
A 1 66  ASP 66  66  66  ASP ASP X . n 
A 1 67  PHE 67  67  67  PHE PHE X . n 
A 1 68  THR 68  68  68  THR THR X . n 
A 1 69  ASN 69  69  69  ASN ASN X . n 
A 1 70  HIS 70  70  70  HIS HIS X . n 
A 1 71  ASN 71  71  71  ASN ASN X . n 
A 1 72  GLY 72  72  72  GLY GLY X . n 
A 1 73  THR 73  73  73  THR THR X . n 
A 1 74  GLY 74  74  74  GLY GLY X . n 
A 1 75  GLY 75  75  75  GLY GLY X . n 
A 1 76  LYS 76  76  76  LYS LYS X . n 
A 1 77  SER 77  77  77  SER SER X . n 
A 1 78  ILE 78  78  78  ILE ILE X . n 
A 1 79  TYR 79  79  79  TYR TYR X . n 
A 1 80  GLY 80  80  80  GLY GLY X . n 
A 1 81  SER 81  81  81  SER SER X . n 
A 1 82  ARG 82  82  82  ARG ARG X . n 
A 1 83  PHE 83  83  83  PHE PHE X . n 
A 1 84  PRO 84  84  84  PRO PRO X . n 
A 1 85  ASP 85  85  85  ASP ASP X . n 
A 1 86  GLU 86  86  86  GLU GLU X . n 
A 1 87  ASN 87  87  87  ASN ASN X . n 
A 1 88  PHE 88  88  88  PHE PHE X . n 
A 1 89  THR 89  89  89  THR THR X . n 
A 1 90  LEU 90  90  90  LEU LEU X . n 
A 1 91  LYS 91  91  91  LYS LYS X . n 
A 1 92  HIS 92  92  92  HIS HIS X . n 
A 1 93  VAL 93  93  93  VAL VAL X . n 
A 1 94  GLY 94  94  94  GLY GLY X . n 
A 1 95  PRO 95  95  95  PRO PRO X . n 
A 1 96  GLY 96  96  96  GLY GLY X . n 
A 1 97  VAL 97  97  97  VAL VAL X . n 
A 1 98  LEU 98  98  98  LEU LEU X . n 
A 1 99  SER 99  99  99  SER SER X . n 
A 1 100 MET 100 100 100 MET MET X . n 
A 1 101 ALA 101 101 101 ALA ALA X . n 
A 1 102 ASN 102 102 102 ASN ASN X . n 
A 1 103 ALA 103 103 103 ALA ALA X . n 
A 1 104 GLY 104 104 104 GLY GLY X . n 
A 1 105 PRO 105 105 105 PRO PRO X . n 
A 1 106 ASN 106 106 106 ASN ASN X . n 
A 1 107 THR 107 107 107 THR THR X . n 
A 1 108 ASN 108 108 108 ASN ASN X . n 
A 1 109 GLY 109 109 109 GLY GLY X . n 
A 1 110 SER 110 110 110 SER SER X . n 
A 1 111 GLN 111 111 111 GLN GLN X . n 
A 1 112 PHE 112 112 112 PHE PHE X . n 
A 1 113 PHE 113 113 113 PHE PHE X . n 
A 1 114 ILE 114 114 114 ILE ILE X . n 
A 1 115 CYS 115 115 115 CYS CYS X . n 
A 1 116 THR 116 116 116 THR THR X . n 
A 1 117 ILE 117 117 117 ILE ILE X . n 
A 1 118 LYS 118 118 118 LYS LYS X . n 
A 1 119 THR 119 119 119 THR THR X . n 
A 1 120 ASP 120 120 120 ASP ASP X . n 
A 1 121 TRP 121 121 121 TRP TRP X . n 
A 1 122 LEU 122 122 122 LEU LEU X . n 
A 1 123 ASP 123 123 123 ASP ASP X . n 
A 1 124 GLY 124 124 124 GLY GLY X . n 
A 1 125 GLN 125 125 125 GLN GLN X . n 
A 1 126 HIS 126 126 126 HIS HIS X . n 
A 1 127 VAL 127 127 127 VAL VAL X . n 
A 1 128 VAL 128 128 128 VAL VAL X . n 
A 1 129 PHE 129 129 129 PHE PHE X . n 
A 1 130 GLY 130 130 130 GLY GLY X . n 
A 1 131 HIS 131 131 131 HIS HIS X . n 
A 1 132 VAL 132 132 132 VAL VAL X . n 
A 1 133 ILE 133 133 133 ILE ILE X . n 
A 1 134 GLU 134 134 134 GLU GLU X . n 
A 1 135 GLY 135 135 135 GLY GLY X . n 
A 1 136 MET 136 136 136 MET MET X . n 
A 1 137 ASP 137 137 137 ASP ASP X . n 
A 1 138 VAL 138 138 138 VAL VAL X . n 
A 1 139 VAL 139 139 139 VAL VAL X . n 
A 1 140 LYS 140 140 140 LYS LYS X . n 
A 1 141 LYS 141 141 141 LYS LYS X . n 
A 1 142 ILE 142 142 142 ILE ILE X . n 
A 1 143 GLU 143 143 143 GLU GLU X . n 
A 1 144 SER 144 144 144 SER SER X . n 
A 1 145 PHE 145 145 145 PHE PHE X . n 
A 1 146 GLY 146 146 146 GLY GLY X . n 
A 1 147 SER 147 147 147 SER SER X . n 
A 1 148 LYS 148 148 148 LYS LYS X . n 
A 1 149 SER 149 149 149 SER SER X . n 
A 1 150 GLY 150 150 150 GLY GLY X . n 
A 1 151 ARG 151 151 151 ARG ARG X . n 
A 1 152 THR 152 152 152 THR THR X . n 
A 1 153 SER 153 153 153 SER SER X . n 
A 1 154 LYS 154 154 154 LYS LYS X . n 
A 1 155 LYS 155 155 155 LYS LYS X . n 
A 1 156 ILE 156 156 156 ILE ILE X . n 
A 1 157 VAL 157 157 157 VAL VAL X . n 
A 1 158 ILE 158 158 158 ILE ILE X . n 
A 1 159 THR 159 159 159 THR THR X . n 
A 1 160 ASP 160 160 160 ASP ASP X . n 
A 1 161 CYS 161 161 161 CYS CYS X . n 
A 1 162 GLY 162 162 162 GLY GLY X . n 
A 1 163 GLN 163 163 163 GLN GLN X . n 
A 1 164 LEU 164 164 164 LEU LEU X . n 
A 1 165 SER 165 165 165 SER SER X . n 
# 
loop_
_pdbx_nonpoly_scheme.asym_id 
_pdbx_nonpoly_scheme.entity_id 
_pdbx_nonpoly_scheme.mon_id 
_pdbx_nonpoly_scheme.ndb_seq_num 
_pdbx_nonpoly_scheme.pdb_seq_num 
_pdbx_nonpoly_scheme.auth_seq_num 
_pdbx_nonpoly_scheme.pdb_mon_id 
_pdbx_nonpoly_scheme.auth_mon_id 
_pdbx_nonpoly_scheme.pdb_strand_id 
_pdbx_nonpoly_scheme.pdb_ins_code 
B 2 C4Y 1   201 1   C4Y c4y X . 
C 3 HOH 1   301 41  HOH HOH X . 
C 3 HOH 2   302 19  HOH HOH X . 
C 3 HOH 3   303 104 HOH HOH X . 
C 3 HOH 4   304 10  HOH HOH X . 
C 3 HOH 5   305 36  HOH HOH X . 
C 3 HOH 6   306 83  HOH HOH X . 
C 3 HOH 7   307 8   HOH HOH X . 
C 3 HOH 8   308 78  HOH HOH X . 
C 3 HOH 9   309 59  HOH HOH X . 
C 3 HOH 10  310 14  HOH HOH X . 
C 3 HOH 11  311 18  HOH HOH X . 
C 3 HOH 12  312 37  HOH HOH X . 
C 3 HOH 13  313 72  HOH HOH X . 
C 3 HOH 14  314 39  HOH HOH X . 
C 3 HOH 15  315 108 HOH HOH X . 
C 3 HOH 16  316 103 HOH HOH X . 
C 3 HOH 17  317 49  HOH HOH X . 
C 3 HOH 18  318 94  HOH HOH X . 
C 3 HOH 19  319 27  HOH HOH X . 
C 3 HOH 20  320 74  HOH HOH X . 
C 3 HOH 21  321 50  HOH HOH X . 
C 3 HOH 22  322 1   HOH HOH X . 
C 3 HOH 23  323 91  HOH HOH X . 
C 3 HOH 24  324 5   HOH HOH X . 
C 3 HOH 25  325 98  HOH HOH X . 
C 3 HOH 26  326 9   HOH HOH X . 
C 3 HOH 27  327 89  HOH HOH X . 
C 3 HOH 28  328 97  HOH HOH X . 
C 3 HOH 29  329 99  HOH HOH X . 
C 3 HOH 30  330 77  HOH HOH X . 
C 3 HOH 31  331 2   HOH HOH X . 
C 3 HOH 32  332 82  HOH HOH X . 
C 3 HOH 33  333 54  HOH HOH X . 
C 3 HOH 34  334 30  HOH HOH X . 
C 3 HOH 35  335 42  HOH HOH X . 
C 3 HOH 36  336 75  HOH HOH X . 
C 3 HOH 37  337 20  HOH HOH X . 
C 3 HOH 38  338 22  HOH HOH X . 
C 3 HOH 39  339 32  HOH HOH X . 
C 3 HOH 40  340 28  HOH HOH X . 
C 3 HOH 41  341 101 HOH HOH X . 
C 3 HOH 42  342 46  HOH HOH X . 
C 3 HOH 43  343 71  HOH HOH X . 
C 3 HOH 44  344 53  HOH HOH X . 
C 3 HOH 45  345 13  HOH HOH X . 
C 3 HOH 46  346 29  HOH HOH X . 
C 3 HOH 47  347 84  HOH HOH X . 
C 3 HOH 48  348 4   HOH HOH X . 
C 3 HOH 49  349 107 HOH HOH X . 
C 3 HOH 50  350 7   HOH HOH X . 
C 3 HOH 51  351 6   HOH HOH X . 
C 3 HOH 52  352 51  HOH HOH X . 
C 3 HOH 53  353 15  HOH HOH X . 
C 3 HOH 54  354 17  HOH HOH X . 
C 3 HOH 55  355 12  HOH HOH X . 
C 3 HOH 56  356 3   HOH HOH X . 
C 3 HOH 57  357 55  HOH HOH X . 
C 3 HOH 58  358 23  HOH HOH X . 
C 3 HOH 59  359 81  HOH HOH X . 
C 3 HOH 60  360 79  HOH HOH X . 
C 3 HOH 61  361 80  HOH HOH X . 
C 3 HOH 62  362 109 HOH HOH X . 
C 3 HOH 63  363 85  HOH HOH X . 
C 3 HOH 64  364 38  HOH HOH X . 
C 3 HOH 65  365 16  HOH HOH X . 
C 3 HOH 66  366 73  HOH HOH X . 
C 3 HOH 67  367 86  HOH HOH X . 
C 3 HOH 68  368 100 HOH HOH X . 
C 3 HOH 69  369 106 HOH HOH X . 
C 3 HOH 70  370 11  HOH HOH X . 
C 3 HOH 71  371 95  HOH HOH X . 
C 3 HOH 72  372 24  HOH HOH X . 
C 3 HOH 73  373 76  HOH HOH X . 
C 3 HOH 74  374 70  HOH HOH X . 
C 3 HOH 75  375 43  HOH HOH X . 
C 3 HOH 76  376 34  HOH HOH X . 
C 3 HOH 77  377 58  HOH HOH X . 
C 3 HOH 78  378 31  HOH HOH X . 
C 3 HOH 79  379 40  HOH HOH X . 
C 3 HOH 80  380 105 HOH HOH X . 
C 3 HOH 81  381 90  HOH HOH X . 
C 3 HOH 82  382 87  HOH HOH X . 
C 3 HOH 83  383 35  HOH HOH X . 
C 3 HOH 84  384 25  HOH HOH X . 
C 3 HOH 85  385 44  HOH HOH X . 
C 3 HOH 86  386 93  HOH HOH X . 
C 3 HOH 87  387 92  HOH HOH X . 
C 3 HOH 88  388 65  HOH HOH X . 
C 3 HOH 89  389 45  HOH HOH X . 
C 3 HOH 90  390 56  HOH HOH X . 
C 3 HOH 91  391 88  HOH HOH X . 
C 3 HOH 92  392 48  HOH HOH X . 
C 3 HOH 93  393 68  HOH HOH X . 
C 3 HOH 94  394 102 HOH HOH X . 
C 3 HOH 95  395 61  HOH HOH X . 
C 3 HOH 96  396 62  HOH HOH X . 
C 3 HOH 97  397 21  HOH HOH X . 
C 3 HOH 98  398 66  HOH HOH X . 
C 3 HOH 99  399 60  HOH HOH X . 
C 3 HOH 100 400 57  HOH HOH X . 
C 3 HOH 101 401 69  HOH HOH X . 
C 3 HOH 102 402 52  HOH HOH X . 
C 3 HOH 103 403 64  HOH HOH X . 
C 3 HOH 104 404 67  HOH HOH X . 
C 3 HOH 105 405 26  HOH HOH X . 
C 3 HOH 106 406 33  HOH HOH X . 
C 3 HOH 107 407 63  HOH HOH X . 
C 3 HOH 108 408 47  HOH HOH X . 
C 3 HOH 109 409 96  HOH HOH X . 
# 
loop_
_software.citation_id 
_software.classification 
_software.compiler_name 
_software.compiler_version 
_software.contact_author 
_software.contact_author_email 
_software.date 
_software.description 
_software.dependencies 
_software.hardware 
_software.language 
_software.location 
_software.mods 
_software.name 
_software.os 
_software.os_version 
_software.type 
_software.version 
_software.pdbx_ordinal 
? refinement       ? ? ? ? ? ? ? ? ? ? ? REFMAC ? ? ? 5.8.0123 1 
? 'data reduction' ? ? ? ? ? ? ? ? ? ? ? XDS    ? ? ? .        2 
? 'data scaling'   ? ? ? ? ? ? ? ? ? ? ? SCALA  ? ? ? .        3 
? phasing          ? ? ? ? ? ? ? ? ? ? ? PHASER ? ? ? .        4 
# 
_cell.angle_alpha                  90.00 
_cell.angle_alpha_esd              ? 
_cell.angle_beta                   90.00 
_cell.angle_beta_esd               ? 
_cell.angle_gamma                  90.00 
_cell.angle_gamma_esd              ? 
_cell.entry_id                     5CCS 
_cell.details                      ? 
_cell.formula_units_Z              ? 
_cell.length_a                     37.270 
_cell.length_a_esd                 ? 
_cell.length_b                     58.700 
_cell.length_b_esd                 ? 
_cell.length_c                     77.030 
_cell.length_c_esd                 ? 
_cell.volume                       ? 
_cell.volume_esd                   ? 
_cell.Z_PDB                        4 
_cell.reciprocal_angle_alpha       ? 
_cell.reciprocal_angle_beta        ? 
_cell.reciprocal_angle_gamma       ? 
_cell.reciprocal_angle_alpha_esd   ? 
_cell.reciprocal_angle_beta_esd    ? 
_cell.reciprocal_angle_gamma_esd   ? 
_cell.reciprocal_length_a          ? 
_cell.reciprocal_length_b          ? 
_cell.reciprocal_length_c          ? 
_cell.reciprocal_length_a_esd      ? 
_cell.reciprocal_length_b_esd      ? 
_cell.reciprocal_length_c_esd      ? 
_cell.pdbx_unique_axis             ? 
# 
_symmetry.entry_id                         5CCS 
_symmetry.cell_setting                     ? 
_symmetry.Int_Tables_number                19 
_symmetry.space_group_name_Hall            ? 
_symmetry.space_group_name_H-M             'P 21 21 21' 
_symmetry.pdbx_full_space_group_name_H-M   ? 
# 
_exptl.absorpt_coefficient_mu     ? 
_exptl.absorpt_correction_T_max   ? 
_exptl.absorpt_correction_T_min   ? 
_exptl.absorpt_correction_type    ? 
_exptl.absorpt_process_details    ? 
_exptl.entry_id                   5CCS 
_exptl.crystals_number            ? 
_exptl.details                    ? 
_exptl.method                     'X-RAY DIFFRACTION' 
_exptl.method_details             ? 
# 
_exptl_crystal.colour                      ? 
_exptl_crystal.density_diffrn              ? 
_exptl_crystal.density_Matthews            2.37 
_exptl_crystal.density_method              ? 
_exptl_crystal.density_percent_sol         48.08 
_exptl_crystal.description                 ? 
_exptl_crystal.F_000                       ? 
_exptl_crystal.id                          1 
_exptl_crystal.preparation                 ? 
_exptl_crystal.size_max                    ? 
_exptl_crystal.size_mid                    ? 
_exptl_crystal.size_min                    ? 
_exptl_crystal.size_rad                    ? 
_exptl_crystal.colour_lustre               ? 
_exptl_crystal.colour_modifier             ? 
_exptl_crystal.colour_primary              ? 
_exptl_crystal.density_meas                ? 
_exptl_crystal.density_meas_esd            ? 
_exptl_crystal.density_meas_gt             ? 
_exptl_crystal.density_meas_lt             ? 
_exptl_crystal.density_meas_temp           ? 
_exptl_crystal.density_meas_temp_esd       ? 
_exptl_crystal.density_meas_temp_gt        ? 
_exptl_crystal.density_meas_temp_lt        ? 
_exptl_crystal.pdbx_crystal_image_url      ? 
_exptl_crystal.pdbx_crystal_image_format   ? 
_exptl_crystal.pdbx_mosaicity              ? 
_exptl_crystal.pdbx_mosaicity_esd          ? 
# 
_exptl_crystal_grow.apparatus       ? 
_exptl_crystal_grow.atmosphere      ? 
_exptl_crystal_grow.crystal_id      1 
_exptl_crystal_grow.details         ? 
_exptl_crystal_grow.method          'VAPOR DIFFUSION, SITTING DROP' 
_exptl_crystal_grow.method_ref      ? 
_exptl_crystal_grow.pH              8 
_exptl_crystal_grow.pressure        ? 
_exptl_crystal_grow.pressure_esd    ? 
_exptl_crystal_grow.seeding         ? 
_exptl_crystal_grow.seeding_ref     ? 
_exptl_crystal_grow.temp            294 
_exptl_crystal_grow.temp_details    ? 
_exptl_crystal_grow.temp_esd        ? 
_exptl_crystal_grow.time            ? 
_exptl_crystal_grow.pdbx_details    '25% w/v  PEG3350, 0.1M TRIS-HCL pH 8' 
_exptl_crystal_grow.pdbx_pH_range   ? 
# 
_diffrn.ambient_environment    ? 
_diffrn.ambient_temp           100 
_diffrn.ambient_temp_details   ? 
_diffrn.ambient_temp_esd       ? 
_diffrn.crystal_id             1 
_diffrn.crystal_support        ? 
_diffrn.crystal_treatment      ? 
_diffrn.details                ? 
_diffrn.id                     1 
_diffrn.ambient_pressure       ? 
_diffrn.ambient_pressure_esd   ? 
_diffrn.ambient_pressure_gt    ? 
_diffrn.ambient_pressure_lt    ? 
_diffrn.ambient_temp_gt        ? 
_diffrn.ambient_temp_lt        ? 
# 
_diffrn_detector.details                      ? 
_diffrn_detector.detector                     PIXEL 
_diffrn_detector.diffrn_id                    1 
_diffrn_detector.type                         'PSI PILATUS 6M' 
_diffrn_detector.area_resol_mean              ? 
_diffrn_detector.dtime                        ? 
_diffrn_detector.pdbx_frames_total            ? 
_diffrn_detector.pdbx_collection_time_total   ? 
_diffrn_detector.pdbx_collection_date         2014-11-21 
# 
_diffrn_radiation.collimation                      ? 
_diffrn_radiation.diffrn_id                        1 
_diffrn_radiation.filter_edge                      ? 
_diffrn_radiation.inhomogeneity                    ? 
_diffrn_radiation.monochromator                    ? 
_diffrn_radiation.polarisn_norm                    ? 
_diffrn_radiation.polarisn_ratio                   ? 
_diffrn_radiation.probe                            ? 
_diffrn_radiation.type                             ? 
_diffrn_radiation.xray_symbol                      ? 
_diffrn_radiation.wavelength_id                    1 
_diffrn_radiation.pdbx_monochromatic_or_laue_m_l   M 
_diffrn_radiation.pdbx_wavelength_list             ? 
_diffrn_radiation.pdbx_wavelength                  ? 
_diffrn_radiation.pdbx_diffrn_protocol             'SINGLE WAVELENGTH' 
_diffrn_radiation.pdbx_analyzer                    ? 
_diffrn_radiation.pdbx_scattering_type             x-ray 
# 
_diffrn_radiation_wavelength.id           1 
_diffrn_radiation_wavelength.wavelength   0.9794 
_diffrn_radiation_wavelength.wt           1.0 
# 
_diffrn_source.current                     ? 
_diffrn_source.details                     ? 
_diffrn_source.diffrn_id                   1 
_diffrn_source.power                       ? 
_diffrn_source.size                        ? 
_diffrn_source.source                      SYNCHROTRON 
_diffrn_source.target                      ? 
_diffrn_source.type                        'SOLEIL BEAMLINE PROXIMA 1' 
_diffrn_source.voltage                     ? 
_diffrn_source.take-off_angle              ? 
_diffrn_source.pdbx_wavelength_list        0.9794 
_diffrn_source.pdbx_wavelength             ? 
_diffrn_source.pdbx_synchrotron_beamline   'PROXIMA 1' 
_diffrn_source.pdbx_synchrotron_site       SOLEIL 
# 
_reflns.B_iso_Wilson_estimate            ? 
_reflns.entry_id                         5CCS 
_reflns.data_reduction_details           ? 
_reflns.data_reduction_method            ? 
_reflns.d_resolution_high                1.6 
_reflns.d_resolution_low                 46.7 
_reflns.details                          ? 
_reflns.limit_h_max                      ? 
_reflns.limit_h_min                      ? 
_reflns.limit_k_max                      ? 
_reflns.limit_k_min                      ? 
_reflns.limit_l_max                      ? 
_reflns.limit_l_min                      ? 
_reflns.number_all                       ? 
_reflns.number_obs                       8627 
_reflns.observed_criterion               ? 
_reflns.observed_criterion_F_max         ? 
_reflns.observed_criterion_F_min         ? 
_reflns.observed_criterion_I_max         ? 
_reflns.observed_criterion_I_min         ? 
_reflns.observed_criterion_sigma_F       ? 
_reflns.observed_criterion_sigma_I       ? 
_reflns.percent_possible_obs             63.3 
_reflns.R_free_details                   ? 
_reflns.Rmerge_F_all                     ? 
_reflns.Rmerge_F_obs                     ? 
_reflns.Friedel_coverage                 ? 
_reflns.number_gt                        ? 
_reflns.threshold_expression             ? 
_reflns.pdbx_redundancy                  4.1 
_reflns.pdbx_Rmerge_I_obs                0.052 
_reflns.pdbx_Rmerge_I_all                ? 
_reflns.pdbx_Rsym_value                  ? 
_reflns.pdbx_netI_over_av_sigmaI         ? 
_reflns.pdbx_netI_over_sigmaI            16.2 
_reflns.pdbx_res_netI_over_av_sigmaI_2   ? 
_reflns.pdbx_res_netI_over_sigmaI_2      ? 
_reflns.pdbx_chi_squared                 ? 
_reflns.pdbx_scaling_rejects             ? 
_reflns.pdbx_d_res_high_opt              ? 
_reflns.pdbx_d_res_low_opt               ? 
_reflns.pdbx_d_res_opt_method            ? 
_reflns.phase_calculation_details        ? 
_reflns.pdbx_Rrim_I_all                  ? 
_reflns.pdbx_Rpim_I_all                  ? 
_reflns.pdbx_d_opt                       ? 
_reflns.pdbx_number_measured_all         ? 
_reflns.pdbx_diffrn_id                   1 
_reflns.pdbx_ordinal                     1 
_reflns.pdbx_CC_half                     ? 
_reflns.pdbx_R_split                     ? 
# 
_reflns_shell.Rmerge_F_all                ? 
_reflns_shell.Rmerge_F_gt                 ? 
_reflns_shell.Rmerge_F_obs                ? 
_reflns_shell.Rmerge_I_all                ? 
_reflns_shell.Rmerge_I_gt                 ? 
_reflns_shell.Rmerge_I_obs                0.088 
_reflns_shell.d_res_high                  2.1 
_reflns_shell.d_res_low                   2.2 
_reflns_shell.meanI_over_sigI_all         ? 
_reflns_shell.meanI_over_sigI_gt          ? 
_reflns_shell.meanI_over_sigI_obs         7.0 
_reflns_shell.meanI_over_uI_all           ? 
_reflns_shell.meanI_over_uI_gt            ? 
_reflns_shell.number_measured_all         ? 
_reflns_shell.number_measured_gt          ? 
_reflns_shell.number_measured_obs         ? 
_reflns_shell.number_possible             ? 
_reflns_shell.number_unique_all           ? 
_reflns_shell.number_unique_gt            ? 
_reflns_shell.number_unique_obs           ? 
_reflns_shell.pdbx_CC_half                ? 
_reflns_shell.pdbx_R_split                ? 
_reflns_shell.pdbx_Rpim_I_all             ? 
_reflns_shell.pdbx_Rrim_I_all             ? 
_reflns_shell.pdbx_Rsym_value             ? 
_reflns_shell.pdbx_chi_squared            ? 
_reflns_shell.pdbx_diffrn_id              1 
_reflns_shell.pdbx_netI_over_sigmaI_all   ? 
_reflns_shell.pdbx_netI_over_sigmaI_obs   ? 
_reflns_shell.pdbx_ordinal                1 
_reflns_shell.pdbx_redundancy             2.2 
_reflns_shell.pdbx_rejects                ? 
_reflns_shell.percent_possible_all        67 
_reflns_shell.percent_possible_gt         ? 
_reflns_shell.percent_possible_obs        ? 
# 
_refine.aniso_B[1][1]                            -0.05 
_refine.aniso_B[1][2]                            0.00 
_refine.aniso_B[1][3]                            0.00 
_refine.aniso_B[2][2]                            0.01 
_refine.aniso_B[2][3]                            0.00 
_refine.aniso_B[3][3]                            0.03 
_refine.B_iso_max                                ? 
_refine.B_iso_mean                               14.480 
_refine.B_iso_min                                ? 
_refine.correlation_coeff_Fo_to_Fc               0.944 
_refine.correlation_coeff_Fo_to_Fc_free          0.926 
_refine.details                                  'HYDROGENS HAVE BEEN ADDED IN THE RIDING POSITIONS' 
_refine.diff_density_max                         ? 
_refine.diff_density_max_esd                     ? 
_refine.diff_density_min                         ? 
_refine.diff_density_min_esd                     ? 
_refine.diff_density_rms                         ? 
_refine.diff_density_rms_esd                     ? 
_refine.entry_id                                 5CCS 
_refine.pdbx_refine_id                           'X-RAY DIFFRACTION' 
_refine.ls_abs_structure_details                 ? 
_refine.ls_abs_structure_Flack                   ? 
_refine.ls_abs_structure_Flack_esd               ? 
_refine.ls_abs_structure_Rogers                  ? 
_refine.ls_abs_structure_Rogers_esd              ? 
_refine.ls_d_res_high                            2.10 
_refine.ls_d_res_low                             46.69 
_refine.ls_extinction_coef                       ? 
_refine.ls_extinction_coef_esd                   ? 
_refine.ls_extinction_expression                 ? 
_refine.ls_extinction_method                     ? 
_refine.ls_goodness_of_fit_all                   ? 
_refine.ls_goodness_of_fit_all_esd               ? 
_refine.ls_goodness_of_fit_obs                   ? 
_refine.ls_goodness_of_fit_obs_esd               ? 
_refine.ls_hydrogen_treatment                    ? 
_refine.ls_matrix_type                           ? 
_refine.ls_number_constraints                    ? 
_refine.ls_number_parameters                     ? 
_refine.ls_number_reflns_all                     ? 
_refine.ls_number_reflns_obs                     7627 
_refine.ls_number_reflns_R_free                  415 
_refine.ls_number_reflns_R_work                  ? 
_refine.ls_number_restraints                     ? 
_refine.ls_percent_reflns_obs                    77.67 
_refine.ls_percent_reflns_R_free                 5.2 
_refine.ls_R_factor_all                          ? 
_refine.ls_R_factor_obs                          0.16214 
_refine.ls_R_factor_R_free                       0.19561 
_refine.ls_R_factor_R_free_error                 ? 
_refine.ls_R_factor_R_free_error_details         ? 
_refine.ls_R_factor_R_work                       0.16026 
_refine.ls_R_Fsqd_factor_obs                     ? 
_refine.ls_R_I_factor_obs                        ? 
_refine.ls_redundancy_reflns_all                 ? 
_refine.ls_redundancy_reflns_obs                 ? 
_refine.ls_restrained_S_all                      ? 
_refine.ls_restrained_S_obs                      ? 
_refine.ls_shift_over_esd_max                    ? 
_refine.ls_shift_over_esd_mean                   ? 
_refine.ls_structure_factor_coef                 ? 
_refine.ls_weighting_details                     ? 
_refine.ls_weighting_scheme                      ? 
_refine.ls_wR_factor_all                         ? 
_refine.ls_wR_factor_obs                         ? 
_refine.ls_wR_factor_R_free                      ? 
_refine.ls_wR_factor_R_work                      ? 
_refine.occupancy_max                            ? 
_refine.occupancy_min                            ? 
_refine.solvent_model_details                    MASK 
_refine.solvent_model_param_bsol                 ? 
_refine.solvent_model_param_ksol                 ? 
_refine.ls_R_factor_gt                           ? 
_refine.ls_goodness_of_fit_gt                    ? 
_refine.ls_goodness_of_fit_ref                   ? 
_refine.ls_shift_over_su_max                     ? 
_refine.ls_shift_over_su_max_lt                  ? 
_refine.ls_shift_over_su_mean                    ? 
_refine.ls_shift_over_su_mean_lt                 ? 
_refine.pdbx_ls_sigma_I                          ? 
_refine.pdbx_ls_sigma_F                          ? 
_refine.pdbx_ls_sigma_Fsqd                       ? 
_refine.pdbx_data_cutoff_high_absF               ? 
_refine.pdbx_data_cutoff_high_rms_absF           ? 
_refine.pdbx_data_cutoff_low_absF                ? 
_refine.pdbx_isotropic_thermal_model             ? 
_refine.pdbx_ls_cross_valid_method               THROUGHOUT 
_refine.pdbx_method_to_determine_struct          'MOLECULAR REPLACEMENT' 
_refine.pdbx_starting_model                      2BIT 
_refine.pdbx_stereochemistry_target_values       'MAXIMUM LIKELIHOOD' 
_refine.pdbx_R_Free_selection_details            RANDOM 
_refine.pdbx_stereochem_target_val_spec_case     ? 
_refine.pdbx_overall_ESU_R                       0.300 
_refine.pdbx_overall_ESU_R_Free                  0.193 
_refine.pdbx_solvent_vdw_probe_radii             1.20 
_refine.pdbx_solvent_ion_probe_radii             0.80 
_refine.pdbx_solvent_shrinkage_radii             0.80 
_refine.pdbx_real_space_R                        ? 
_refine.pdbx_density_correlation                 ? 
_refine.pdbx_pd_number_of_powder_patterns        ? 
_refine.pdbx_pd_number_of_points                 ? 
_refine.pdbx_pd_meas_number_of_points            ? 
_refine.pdbx_pd_proc_ls_prof_R_factor            ? 
_refine.pdbx_pd_proc_ls_prof_wR_factor           ? 
_refine.pdbx_pd_Marquardt_correlation_coeff      ? 
_refine.pdbx_pd_Fsqrd_R_factor                   ? 
_refine.pdbx_pd_ls_matrix_band_width             ? 
_refine.pdbx_overall_phase_error                 ? 
_refine.pdbx_overall_SU_R_free_Cruickshank_DPI   ? 
_refine.pdbx_overall_SU_R_free_Blow_DPI          ? 
_refine.pdbx_overall_SU_R_Blow_DPI               ? 
_refine.pdbx_TLS_residual_ADP_flag               ? 
_refine.pdbx_diffrn_id                           1 
_refine.overall_SU_B                             4.297 
_refine.overall_SU_ML                            0.115 
_refine.overall_SU_R_Cruickshank_DPI             ? 
_refine.overall_SU_R_free                        ? 
_refine.overall_FOM_free_R_set                   ? 
_refine.overall_FOM_work_R_set                   ? 
_refine.pdbx_average_fsc_overall                 ? 
_refine.pdbx_average_fsc_work                    ? 
_refine.pdbx_average_fsc_free                    ? 
# 
_refine_hist.pdbx_refine_id                   'X-RAY DIFFRACTION' 
_refine_hist.cycle_id                         1 
_refine_hist.pdbx_number_atoms_protein        1240 
_refine_hist.pdbx_number_atoms_nucleic_acid   0 
_refine_hist.pdbx_number_atoms_ligand         26 
_refine_hist.number_atoms_solvent             109 
_refine_hist.number_atoms_total               1375 
_refine_hist.d_res_high                       2.10 
_refine_hist.d_res_low                        46.69 
# 
loop_
_refine_ls_restr.pdbx_refine_id 
_refine_ls_restr.criterion 
_refine_ls_restr.dev_ideal 
_refine_ls_restr.dev_ideal_target 
_refine_ls_restr.number 
_refine_ls_restr.rejects 
_refine_ls_restr.type 
_refine_ls_restr.weight 
_refine_ls_restr.pdbx_restraint_function 
'X-RAY DIFFRACTION' ? 0.017  0.019  1295 ? r_bond_refined_d             ? ? 
'X-RAY DIFFRACTION' ? 0.002  0.020  1228 ? r_bond_other_d               ? ? 
'X-RAY DIFFRACTION' ? 1.805  1.970  1746 ? r_angle_refined_deg          ? ? 
'X-RAY DIFFRACTION' ? 1.045  3.000  2832 ? r_angle_other_deg            ? ? 
'X-RAY DIFFRACTION' ? 7.047  5.000  163  ? r_dihedral_angle_1_deg       ? ? 
'X-RAY DIFFRACTION' ? 33.158 24.340 53   ? r_dihedral_angle_2_deg       ? ? 
'X-RAY DIFFRACTION' ? 14.948 15.000 211  ? r_dihedral_angle_3_deg       ? ? 
'X-RAY DIFFRACTION' ? 16.069 15.000 5    ? r_dihedral_angle_4_deg       ? ? 
'X-RAY DIFFRACTION' ? 0.105  0.200  187  ? r_chiral_restr               ? ? 
'X-RAY DIFFRACTION' ? 0.008  0.021  1489 ? r_gen_planes_refined         ? ? 
'X-RAY DIFFRACTION' ? 0.002  0.020  308  ? r_gen_planes_other           ? ? 
'X-RAY DIFFRACTION' ? ?      ?      ?    ? r_nbd_refined                ? ? 
'X-RAY DIFFRACTION' ? ?      ?      ?    ? r_nbd_other                  ? ? 
'X-RAY DIFFRACTION' ? ?      ?      ?    ? r_nbtor_refined              ? ? 
'X-RAY DIFFRACTION' ? ?      ?      ?    ? r_nbtor_other                ? ? 
'X-RAY DIFFRACTION' ? ?      ?      ?    ? r_xyhbond_nbd_refined        ? ? 
'X-RAY DIFFRACTION' ? ?      ?      ?    ? r_xyhbond_nbd_other          ? ? 
'X-RAY DIFFRACTION' ? ?      ?      ?    ? r_metal_ion_refined          ? ? 
'X-RAY DIFFRACTION' ? ?      ?      ?    ? r_metal_ion_other            ? ? 
'X-RAY DIFFRACTION' ? ?      ?      ?    ? r_symmetry_vdw_refined       ? ? 
'X-RAY DIFFRACTION' ? ?      ?      ?    ? r_symmetry_vdw_other         ? ? 
'X-RAY DIFFRACTION' ? ?      ?      ?    ? r_symmetry_hbond_refined     ? ? 
'X-RAY DIFFRACTION' ? ?      ?      ?    ? r_symmetry_hbond_other       ? ? 
'X-RAY DIFFRACTION' ? ?      ?      ?    ? r_symmetry_metal_ion_refined ? ? 
'X-RAY DIFFRACTION' ? ?      ?      ?    ? r_symmetry_metal_ion_other   ? ? 
'X-RAY DIFFRACTION' ? 1.005  1.288  655  ? r_mcbond_it                  ? ? 
'X-RAY DIFFRACTION' ? 1.005  1.287  654  ? r_mcbond_other               ? ? 
'X-RAY DIFFRACTION' ? 1.601  1.926  817  ? r_mcangle_it                 ? ? 
'X-RAY DIFFRACTION' ? 1.600  1.926  818  ? r_mcangle_other              ? ? 
'X-RAY DIFFRACTION' ? 1.617  1.500  640  ? r_scbond_it                  ? ? 
'X-RAY DIFFRACTION' ? 1.615  1.502  641  ? r_scbond_other               ? ? 
'X-RAY DIFFRACTION' ? ?      ?      ?    ? r_scangle_it                 ? ? 
'X-RAY DIFFRACTION' ? 2.536  2.164  930  ? r_scangle_other              ? ? 
'X-RAY DIFFRACTION' ? 4.239  10.881 1420 ? r_long_range_B_refined       ? ? 
'X-RAY DIFFRACTION' ? 3.994  10.692 1388 ? r_long_range_B_other         ? ? 
'X-RAY DIFFRACTION' ? ?      ?      ?    ? r_rigid_bond_restr           ? ? 
'X-RAY DIFFRACTION' ? ?      ?      ?    ? r_sphericity_free            ? ? 
'X-RAY DIFFRACTION' ? ?      ?      ?    ? r_sphericity_bonded          ? ? 
# 
_refine_ls_shell.pdbx_refine_id                   'X-RAY DIFFRACTION' 
_refine_ls_shell.d_res_high                       2.100 
_refine_ls_shell.d_res_low                        2.155 
_refine_ls_shell.number_reflns_all                ? 
_refine_ls_shell.number_reflns_obs                ? 
_refine_ls_shell.number_reflns_R_free             23 
_refine_ls_shell.number_reflns_R_work             450 
_refine_ls_shell.percent_reflns_obs               64.09 
_refine_ls_shell.percent_reflns_R_free            ? 
_refine_ls_shell.R_factor_all                     ? 
_refine_ls_shell.R_factor_obs                     ? 
_refine_ls_shell.R_factor_R_free                  0.278 
_refine_ls_shell.R_factor_R_free_error            ? 
_refine_ls_shell.R_factor_R_work                  0.165 
_refine_ls_shell.redundancy_reflns_all            ? 
_refine_ls_shell.redundancy_reflns_obs            ? 
_refine_ls_shell.wR_factor_all                    ? 
_refine_ls_shell.wR_factor_obs                    ? 
_refine_ls_shell.wR_factor_R_free                 ? 
_refine_ls_shell.wR_factor_R_work                 ? 
_refine_ls_shell.pdbx_total_number_of_bins_used   20 
_refine_ls_shell.pdbx_phase_error                 ? 
_refine_ls_shell.pdbx_fsc_work                    ? 
_refine_ls_shell.pdbx_fsc_free                    ? 
# 
_struct.entry_id                     5CCS 
_struct.title                        'Human Cyclophilin D Complexed with Inhibitor' 
_struct.pdbx_model_details           ? 
_struct.pdbx_formula_weight          ? 
_struct.pdbx_formula_weight_method   ? 
_struct.pdbx_model_type_details      ? 
_struct.pdbx_CASP_flag               ? 
# 
_struct_keywords.entry_id        5CCS 
_struct_keywords.text            'Cyclophilin, isomerase, complex, inhibitor' 
_struct_keywords.pdbx_keywords   ISOMERASE 
# 
loop_
_struct_asym.id 
_struct_asym.pdbx_blank_PDB_chainid_flag 
_struct_asym.pdbx_modified 
_struct_asym.entity_id 
_struct_asym.details 
A N N 1 ? 
B N N 2 ? 
C N N 3 ? 
# 
_struct_ref.id                         1 
_struct_ref.db_name                    UNP 
_struct_ref.db_code                    PPIF_HUMAN 
_struct_ref.pdbx_db_accession          P30405 
_struct_ref.pdbx_db_isoform            ? 
_struct_ref.entity_id                  1 
_struct_ref.pdbx_seq_one_letter_code   
;GNPLVYLDVDANGKPLGRVVLELKADVVPKTAENFRALCTGEKGFGYKGSTFHRVIPSFMCQAGDFTNHNGTGGKSIYGS
RFPDENFTLKHVGPGVLSMANAGPNTNGSQFFICTIKTDWLDGKHVVFGHVKEGMDVVKKIESFGSKSGRTSKKIVITDC
GQLS
;
_struct_ref.pdbx_align_begin           44 
# 
_struct_ref_seq.align_id                      1 
_struct_ref_seq.ref_id                        1 
_struct_ref_seq.pdbx_PDB_id_code              5CCS 
_struct_ref_seq.pdbx_strand_id                X 
_struct_ref_seq.seq_align_beg                 2 
_struct_ref_seq.pdbx_seq_align_beg_ins_code   ? 
_struct_ref_seq.seq_align_end                 165 
_struct_ref_seq.pdbx_seq_align_end_ins_code   ? 
_struct_ref_seq.pdbx_db_accession             P30405 
_struct_ref_seq.db_align_beg                  44 
_struct_ref_seq.pdbx_db_align_beg_ins_code    ? 
_struct_ref_seq.db_align_end                  207 
_struct_ref_seq.pdbx_db_align_end_ins_code    ? 
_struct_ref_seq.pdbx_auth_seq_align_beg       2 
_struct_ref_seq.pdbx_auth_seq_align_end       165 
# 
loop_
_struct_ref_seq_dif.align_id 
_struct_ref_seq_dif.pdbx_pdb_id_code 
_struct_ref_seq_dif.mon_id 
_struct_ref_seq_dif.pdbx_pdb_strand_id 
_struct_ref_seq_dif.seq_num 
_struct_ref_seq_dif.pdbx_pdb_ins_code 
_struct_ref_seq_dif.pdbx_seq_db_name 
_struct_ref_seq_dif.pdbx_seq_db_accession_code 
_struct_ref_seq_dif.db_mon_id 
_struct_ref_seq_dif.pdbx_seq_db_seq_num 
_struct_ref_seq_dif.details 
_struct_ref_seq_dif.pdbx_auth_seq_num 
_struct_ref_seq_dif.pdbx_ordinal 
1 5CCS MET X 1   ? UNP P30405 ?   ?   'initiating methionine' 1   1 
1 5CCS GLN X 125 ? UNP P30405 LYS 167 'engineered mutation'   125 2 
1 5CCS ILE X 133 ? UNP P30405 LYS 175 'engineered mutation'   133 3 
# 
_pdbx_struct_assembly.id                   1 
_pdbx_struct_assembly.details              author_and_software_defined_assembly 
_pdbx_struct_assembly.method_details       PISA 
_pdbx_struct_assembly.oligomeric_details   monomeric 
_pdbx_struct_assembly.oligomeric_count     1 
# 
loop_
_pdbx_struct_assembly_prop.biol_id 
_pdbx_struct_assembly_prop.type 
_pdbx_struct_assembly_prop.value 
_pdbx_struct_assembly_prop.details 
1 'ABSA (A^2)' 0    ? 
1 MORE         0    ? 
1 'SSA (A^2)'  7060 ? 
# 
_pdbx_struct_assembly_gen.assembly_id       1 
_pdbx_struct_assembly_gen.oper_expression   1 
_pdbx_struct_assembly_gen.asym_id_list      A,B,C 
# 
_pdbx_struct_oper_list.id                   1 
_pdbx_struct_oper_list.type                 'identity operation' 
_pdbx_struct_oper_list.name                 1_555 
_pdbx_struct_oper_list.symmetry_operation   x,y,z 
_pdbx_struct_oper_list.matrix[1][1]         1.0000000000 
_pdbx_struct_oper_list.matrix[1][2]         0.0000000000 
_pdbx_struct_oper_list.matrix[1][3]         0.0000000000 
_pdbx_struct_oper_list.vector[1]            0.0000000000 
_pdbx_struct_oper_list.matrix[2][1]         0.0000000000 
_pdbx_struct_oper_list.matrix[2][2]         1.0000000000 
_pdbx_struct_oper_list.matrix[2][3]         0.0000000000 
_pdbx_struct_oper_list.vector[2]            0.0000000000 
_pdbx_struct_oper_list.matrix[3][1]         0.0000000000 
_pdbx_struct_oper_list.matrix[3][2]         0.0000000000 
_pdbx_struct_oper_list.matrix[3][3]         1.0000000000 
_pdbx_struct_oper_list.vector[3]            0.0000000000 
# 
loop_
_struct_conf.conf_type_id 
_struct_conf.id 
_struct_conf.pdbx_PDB_helix_id 
_struct_conf.beg_label_comp_id 
_struct_conf.beg_label_asym_id 
_struct_conf.beg_label_seq_id 
_struct_conf.pdbx_beg_PDB_ins_code 
_struct_conf.end_label_comp_id 
_struct_conf.end_label_asym_id 
_struct_conf.end_label_seq_id 
_struct_conf.pdbx_end_PDB_ins_code 
_struct_conf.beg_auth_comp_id 
_struct_conf.beg_auth_asym_id 
_struct_conf.beg_auth_seq_id 
_struct_conf.end_auth_comp_id 
_struct_conf.end_auth_asym_id 
_struct_conf.end_auth_seq_id 
_struct_conf.pdbx_PDB_helix_class 
_struct_conf.details 
_struct_conf.pdbx_PDB_helix_length 
HELX_P HELX_P1 AA1 VAL A 29  ? GLY A 42  ? VAL X 29  GLY X 42  1 ? 14 
HELX_P HELX_P2 AA2 THR A 119 ? ASP A 123 ? THR X 119 ASP X 123 5 ? 5  
HELX_P HELX_P3 AA3 GLY A 135 ? PHE A 145 ? GLY X 135 PHE X 145 1 ? 11 
# 
_struct_conf_type.id          HELX_P 
_struct_conf_type.criteria    ? 
_struct_conf_type.reference   ? 
# 
_struct_sheet.id               AA1 
_struct_sheet.type             ? 
_struct_sheet.number_strands   8 
_struct_sheet.details          ? 
# 
loop_
_struct_sheet_order.sheet_id 
_struct_sheet_order.range_id_1 
_struct_sheet_order.range_id_2 
_struct_sheet_order.offset 
_struct_sheet_order.sense 
AA1 1 2 ? anti-parallel 
AA1 2 3 ? anti-parallel 
AA1 3 4 ? anti-parallel 
AA1 4 5 ? anti-parallel 
AA1 5 6 ? anti-parallel 
AA1 6 7 ? anti-parallel 
AA1 7 8 ? anti-parallel 
# 
loop_
_struct_sheet_range.sheet_id 
_struct_sheet_range.id 
_struct_sheet_range.beg_label_comp_id 
_struct_sheet_range.beg_label_asym_id 
_struct_sheet_range.beg_label_seq_id 
_struct_sheet_range.pdbx_beg_PDB_ins_code 
_struct_sheet_range.end_label_comp_id 
_struct_sheet_range.end_label_asym_id 
_struct_sheet_range.end_label_seq_id 
_struct_sheet_range.pdbx_end_PDB_ins_code 
_struct_sheet_range.beg_auth_comp_id 
_struct_sheet_range.beg_auth_asym_id 
_struct_sheet_range.beg_auth_seq_id 
_struct_sheet_range.end_auth_comp_id 
_struct_sheet_range.end_auth_asym_id 
_struct_sheet_range.end_auth_seq_id 
AA1 1 PHE A 53  ? ILE A 57  ? PHE X 53  ILE X 57  
AA1 2 MET A 61  ? ALA A 64  ? MET X 61  ALA X 64  
AA1 3 PHE A 112 ? CYS A 115 ? PHE X 112 CYS X 115 
AA1 4 VAL A 97  ? MET A 100 ? VAL X 97  MET X 100 
AA1 5 VAL A 128 ? GLU A 134 ? VAL X 128 GLU X 134 
AA1 6 LYS A 15  ? LEU A 24  ? LYS X 15  LEU X 24  
AA1 7 LEU A 5   ? ALA A 12  ? LEU X 5   ALA X 12  
AA1 8 ILE A 156 ? GLN A 163 ? ILE X 156 GLN X 163 
# 
loop_
_pdbx_struct_sheet_hbond.sheet_id 
_pdbx_struct_sheet_hbond.range_id_1 
_pdbx_struct_sheet_hbond.range_id_2 
_pdbx_struct_sheet_hbond.range_1_label_atom_id 
_pdbx_struct_sheet_hbond.range_1_label_comp_id 
_pdbx_struct_sheet_hbond.range_1_label_asym_id 
_pdbx_struct_sheet_hbond.range_1_label_seq_id 
_pdbx_struct_sheet_hbond.range_1_PDB_ins_code 
_pdbx_struct_sheet_hbond.range_1_auth_atom_id 
_pdbx_struct_sheet_hbond.range_1_auth_comp_id 
_pdbx_struct_sheet_hbond.range_1_auth_asym_id 
_pdbx_struct_sheet_hbond.range_1_auth_seq_id 
_pdbx_struct_sheet_hbond.range_2_label_atom_id 
_pdbx_struct_sheet_hbond.range_2_label_comp_id 
_pdbx_struct_sheet_hbond.range_2_label_asym_id 
_pdbx_struct_sheet_hbond.range_2_label_seq_id 
_pdbx_struct_sheet_hbond.range_2_PDB_ins_code 
_pdbx_struct_sheet_hbond.range_2_auth_atom_id 
_pdbx_struct_sheet_hbond.range_2_auth_comp_id 
_pdbx_struct_sheet_hbond.range_2_auth_asym_id 
_pdbx_struct_sheet_hbond.range_2_auth_seq_id 
AA1 1 2 N ARG A 55  ? N ARG X 55  O GLN A 63  ? O GLN X 63  
AA1 2 3 N ALA A 64  ? N ALA X 64  O PHE A 112 ? O PHE X 112 
AA1 3 4 O PHE A 113 ? O PHE X 113 N SER A 99  ? N SER X 99  
AA1 4 5 N LEU A 98  ? N LEU X 98  O PHE A 129 ? O PHE X 129 
AA1 5 6 O ILE A 133 ? O ILE X 133 N VAL A 21  ? N VAL X 21  
AA1 6 7 O LEU A 17  ? O LEU X 17  N VAL A 10  ? N VAL X 10  
AA1 7 8 N ASP A 9   ? N ASP X 9   O ASP A 160 ? O ASP X 160 
# 
_struct_site.id                   AC1 
_struct_site.pdbx_evidence_code   Software 
_struct_site.pdbx_auth_asym_id    X 
_struct_site.pdbx_auth_comp_id    C4Y 
_struct_site.pdbx_auth_seq_id     201 
_struct_site.pdbx_auth_ins_code   ? 
_struct_site.pdbx_num_residues    14 
_struct_site.details              'binding site for residue C4Y X 201' 
# 
loop_
_struct_site_gen.id 
_struct_site_gen.site_id 
_struct_site_gen.pdbx_num_res 
_struct_site_gen.label_comp_id 
_struct_site_gen.label_asym_id 
_struct_site_gen.label_seq_id 
_struct_site_gen.pdbx_auth_ins_code 
_struct_site_gen.auth_comp_id 
_struct_site_gen.auth_asym_id 
_struct_site_gen.auth_seq_id 
_struct_site_gen.label_atom_id 
_struct_site_gen.label_alt_id 
_struct_site_gen.symmetry 
_struct_site_gen.details 
1  AC1 14 ARG A 55  ? ARG X 55  . ? 1_555 ? 
2  AC1 14 MET A 61  ? MET X 61  . ? 1_555 ? 
3  AC1 14 GLN A 63  ? GLN X 63  . ? 1_555 ? 
4  AC1 14 ASN A 71  ? ASN X 71  . ? 4_555 ? 
5  AC1 14 GLY A 72  ? GLY X 72  . ? 1_555 ? 
6  AC1 14 ALA A 101 ? ALA X 101 . ? 1_555 ? 
7  AC1 14 ASN A 102 ? ASN X 102 . ? 1_555 ? 
8  AC1 14 THR A 107 ? THR X 107 . ? 1_555 ? 
9  AC1 14 GLY A 109 ? GLY X 109 . ? 1_555 ? 
10 AC1 14 GLN A 111 ? GLN X 111 . ? 1_555 ? 
11 AC1 14 PHE A 113 ? PHE X 113 . ? 1_555 ? 
12 AC1 14 HIS A 126 ? HIS X 126 . ? 1_555 ? 
13 AC1 14 HOH C .   ? HOH X 343 . ? 1_555 ? 
14 AC1 14 HOH C .   ? HOH X 366 . ? 1_555 ? 
# 
loop_
_pdbx_validate_rmsd_angle.id 
_pdbx_validate_rmsd_angle.PDB_model_num 
_pdbx_validate_rmsd_angle.auth_atom_id_1 
_pdbx_validate_rmsd_angle.auth_asym_id_1 
_pdbx_validate_rmsd_angle.auth_comp_id_1 
_pdbx_validate_rmsd_angle.auth_seq_id_1 
_pdbx_validate_rmsd_angle.PDB_ins_code_1 
_pdbx_validate_rmsd_angle.label_alt_id_1 
_pdbx_validate_rmsd_angle.auth_atom_id_2 
_pdbx_validate_rmsd_angle.auth_asym_id_2 
_pdbx_validate_rmsd_angle.auth_comp_id_2 
_pdbx_validate_rmsd_angle.auth_seq_id_2 
_pdbx_validate_rmsd_angle.PDB_ins_code_2 
_pdbx_validate_rmsd_angle.label_alt_id_2 
_pdbx_validate_rmsd_angle.auth_atom_id_3 
_pdbx_validate_rmsd_angle.auth_asym_id_3 
_pdbx_validate_rmsd_angle.auth_comp_id_3 
_pdbx_validate_rmsd_angle.auth_seq_id_3 
_pdbx_validate_rmsd_angle.PDB_ins_code_3 
_pdbx_validate_rmsd_angle.label_alt_id_3 
_pdbx_validate_rmsd_angle.angle_value 
_pdbx_validate_rmsd_angle.angle_target_value 
_pdbx_validate_rmsd_angle.angle_deviation 
_pdbx_validate_rmsd_angle.angle_standard_deviation 
_pdbx_validate_rmsd_angle.linker_flag 
1 1 CB X ASP 27 ? ? CG X ASP 27 ? ? OD1 X ASP 27 ? ? 123.90 118.30 5.60 0.90 N 
2 1 NE X ARG 37 ? ? CZ X ARG 37 ? ? NH1 X ARG 37 ? ? 123.62 120.30 3.32 0.50 N 
# 
loop_
_pdbx_validate_torsion.id 
_pdbx_validate_torsion.PDB_model_num 
_pdbx_validate_torsion.auth_comp_id 
_pdbx_validate_torsion.auth_asym_id 
_pdbx_validate_torsion.auth_seq_id 
_pdbx_validate_torsion.PDB_ins_code 
_pdbx_validate_torsion.label_alt_id 
_pdbx_validate_torsion.phi 
_pdbx_validate_torsion.psi 
1 1 ASN X 13  ? ? 28.70   55.97  
2 1 PHE X 60  ? ? -143.89 -75.93 
3 1 THR X 119 ? ? -113.10 56.45  
# 
_pdbx_unobs_or_zero_occ_residues.id               1 
_pdbx_unobs_or_zero_occ_residues.PDB_model_num    1 
_pdbx_unobs_or_zero_occ_residues.polymer_flag     Y 
_pdbx_unobs_or_zero_occ_residues.occupancy_flag   1 
_pdbx_unobs_or_zero_occ_residues.auth_asym_id     X 
_pdbx_unobs_or_zero_occ_residues.auth_comp_id     MET 
_pdbx_unobs_or_zero_occ_residues.auth_seq_id      1 
_pdbx_unobs_or_zero_occ_residues.PDB_ins_code     ? 
_pdbx_unobs_or_zero_occ_residues.label_asym_id    A 
_pdbx_unobs_or_zero_occ_residues.label_comp_id    MET 
_pdbx_unobs_or_zero_occ_residues.label_seq_id     1 
# 
loop_
_chem_comp_atom.comp_id 
_chem_comp_atom.atom_id 
_chem_comp_atom.type_symbol 
_chem_comp_atom.pdbx_aromatic_flag 
_chem_comp_atom.pdbx_stereo_config 
_chem_comp_atom.pdbx_ordinal 
ALA N    N N N 1   
ALA CA   C N S 2   
ALA C    C N N 3   
ALA O    O N N 4   
ALA CB   C N N 5   
ALA OXT  O N N 6   
ALA H    H N N 7   
ALA H2   H N N 8   
ALA HA   H N N 9   
ALA HB1  H N N 10  
ALA HB2  H N N 11  
ALA HB3  H N N 12  
ALA HXT  H N N 13  
ARG N    N N N 14  
ARG CA   C N S 15  
ARG C    C N N 16  
ARG O    O N N 17  
ARG CB   C N N 18  
ARG CG   C N N 19  
ARG CD   C N N 20  
ARG NE   N N N 21  
ARG CZ   C N N 22  
ARG NH1  N N N 23  
ARG NH2  N N N 24  
ARG OXT  O N N 25  
ARG H    H N N 26  
ARG H2   H N N 27  
ARG HA   H N N 28  
ARG HB2  H N N 29  
ARG HB3  H N N 30  
ARG HG2  H N N 31  
ARG HG3  H N N 32  
ARG HD2  H N N 33  
ARG HD3  H N N 34  
ARG HE   H N N 35  
ARG HH11 H N N 36  
ARG HH12 H N N 37  
ARG HH21 H N N 38  
ARG HH22 H N N 39  
ARG HXT  H N N 40  
ASN N    N N N 41  
ASN CA   C N S 42  
ASN C    C N N 43  
ASN O    O N N 44  
ASN CB   C N N 45  
ASN CG   C N N 46  
ASN OD1  O N N 47  
ASN ND2  N N N 48  
ASN OXT  O N N 49  
ASN H    H N N 50  
ASN H2   H N N 51  
ASN HA   H N N 52  
ASN HB2  H N N 53  
ASN HB3  H N N 54  
ASN HD21 H N N 55  
ASN HD22 H N N 56  
ASN HXT  H N N 57  
ASP N    N N N 58  
ASP CA   C N S 59  
ASP C    C N N 60  
ASP O    O N N 61  
ASP CB   C N N 62  
ASP CG   C N N 63  
ASP OD1  O N N 64  
ASP OD2  O N N 65  
ASP OXT  O N N 66  
ASP H    H N N 67  
ASP H2   H N N 68  
ASP HA   H N N 69  
ASP HB2  H N N 70  
ASP HB3  H N N 71  
ASP HD2  H N N 72  
ASP HXT  H N N 73  
C4Y N1   N N N 74  
C4Y C2   C N N 75  
C4Y C3   C N N 76  
C4Y C4   C Y N 77  
C4Y C5   C Y N 78  
C4Y C6   C Y N 79  
C4Y C7   C Y N 80  
C4Y C8   C Y N 81  
C4Y C9   C Y N 82  
C4Y N16  N N N 83  
C4Y O17  O N N 84  
C4Y N18  N N N 85  
C4Y C19  C N N 86  
C4Y C20  C N N 87  
C4Y O23  O N N 88  
C4Y N25  N N N 89  
C4Y C26  C N R 90  
C4Y C27  C N N 91  
C4Y C28  C N N 92  
C4Y C29  C N N 93  
C4Y C42  C Y N 94  
C4Y C43  C Y N 95  
C4Y C44  C Y N 96  
C4Y C45  C Y N 97  
C4Y C46  C Y N 98  
C4Y C47  C Y N 99  
C4Y H1   H N N 100 
C4Y H2   H N N 101 
C4Y H3   H N N 102 
C4Y H4   H N N 103 
C4Y H5   H N N 104 
C4Y H6   H N N 105 
C4Y H7   H N N 106 
C4Y H8   H N N 107 
C4Y H9   H N N 108 
C4Y H10  H N N 109 
C4Y H11  H N N 110 
C4Y H12  H N N 111 
C4Y H13  H N N 112 
C4Y H14  H N N 113 
C4Y H15  H N N 114 
C4Y H16  H N N 115 
C4Y H17  H N N 116 
C4Y H18  H N N 117 
C4Y H19  H N N 118 
C4Y H20  H N N 119 
C4Y H21  H N N 120 
C4Y H22  H N N 121 
C4Y H23  H N N 122 
C4Y H24  H N N 123 
CYS N    N N N 124 
CYS CA   C N R 125 
CYS C    C N N 126 
CYS O    O N N 127 
CYS CB   C N N 128 
CYS SG   S N N 129 
CYS OXT  O N N 130 
CYS H    H N N 131 
CYS H2   H N N 132 
CYS HA   H N N 133 
CYS HB2  H N N 134 
CYS HB3  H N N 135 
CYS HG   H N N 136 
CYS HXT  H N N 137 
GLN N    N N N 138 
GLN CA   C N S 139 
GLN C    C N N 140 
GLN O    O N N 141 
GLN CB   C N N 142 
GLN CG   C N N 143 
GLN CD   C N N 144 
GLN OE1  O N N 145 
GLN NE2  N N N 146 
GLN OXT  O N N 147 
GLN H    H N N 148 
GLN H2   H N N 149 
GLN HA   H N N 150 
GLN HB2  H N N 151 
GLN HB3  H N N 152 
GLN HG2  H N N 153 
GLN HG3  H N N 154 
GLN HE21 H N N 155 
GLN HE22 H N N 156 
GLN HXT  H N N 157 
GLU N    N N N 158 
GLU CA   C N S 159 
GLU C    C N N 160 
GLU O    O N N 161 
GLU CB   C N N 162 
GLU CG   C N N 163 
GLU CD   C N N 164 
GLU OE1  O N N 165 
GLU OE2  O N N 166 
GLU OXT  O N N 167 
GLU H    H N N 168 
GLU H2   H N N 169 
GLU HA   H N N 170 
GLU HB2  H N N 171 
GLU HB3  H N N 172 
GLU HG2  H N N 173 
GLU HG3  H N N 174 
GLU HE2  H N N 175 
GLU HXT  H N N 176 
GLY N    N N N 177 
GLY CA   C N N 178 
GLY C    C N N 179 
GLY O    O N N 180 
GLY OXT  O N N 181 
GLY H    H N N 182 
GLY H2   H N N 183 
GLY HA2  H N N 184 
GLY HA3  H N N 185 
GLY HXT  H N N 186 
HIS N    N N N 187 
HIS CA   C N S 188 
HIS C    C N N 189 
HIS O    O N N 190 
HIS CB   C N N 191 
HIS CG   C Y N 192 
HIS ND1  N Y N 193 
HIS CD2  C Y N 194 
HIS CE1  C Y N 195 
HIS NE2  N Y N 196 
HIS OXT  O N N 197 
HIS H    H N N 198 
HIS H2   H N N 199 
HIS HA   H N N 200 
HIS HB2  H N N 201 
HIS HB3  H N N 202 
HIS HD1  H N N 203 
HIS HD2  H N N 204 
HIS HE1  H N N 205 
HIS HE2  H N N 206 
HIS HXT  H N N 207 
HOH O    O N N 208 
HOH H1   H N N 209 
HOH H2   H N N 210 
ILE N    N N N 211 
ILE CA   C N S 212 
ILE C    C N N 213 
ILE O    O N N 214 
ILE CB   C N S 215 
ILE CG1  C N N 216 
ILE CG2  C N N 217 
ILE CD1  C N N 218 
ILE OXT  O N N 219 
ILE H    H N N 220 
ILE H2   H N N 221 
ILE HA   H N N 222 
ILE HB   H N N 223 
ILE HG12 H N N 224 
ILE HG13 H N N 225 
ILE HG21 H N N 226 
ILE HG22 H N N 227 
ILE HG23 H N N 228 
ILE HD11 H N N 229 
ILE HD12 H N N 230 
ILE HD13 H N N 231 
ILE HXT  H N N 232 
LEU N    N N N 233 
LEU CA   C N S 234 
LEU C    C N N 235 
LEU O    O N N 236 
LEU CB   C N N 237 
LEU CG   C N N 238 
LEU CD1  C N N 239 
LEU CD2  C N N 240 
LEU OXT  O N N 241 
LEU H    H N N 242 
LEU H2   H N N 243 
LEU HA   H N N 244 
LEU HB2  H N N 245 
LEU HB3  H N N 246 
LEU HG   H N N 247 
LEU HD11 H N N 248 
LEU HD12 H N N 249 
LEU HD13 H N N 250 
LEU HD21 H N N 251 
LEU HD22 H N N 252 
LEU HD23 H N N 253 
LEU HXT  H N N 254 
LYS N    N N N 255 
LYS CA   C N S 256 
LYS C    C N N 257 
LYS O    O N N 258 
LYS CB   C N N 259 
LYS CG   C N N 260 
LYS CD   C N N 261 
LYS CE   C N N 262 
LYS NZ   N N N 263 
LYS OXT  O N N 264 
LYS H    H N N 265 
LYS H2   H N N 266 
LYS HA   H N N 267 
LYS HB2  H N N 268 
LYS HB3  H N N 269 
LYS HG2  H N N 270 
LYS HG3  H N N 271 
LYS HD2  H N N 272 
LYS HD3  H N N 273 
LYS HE2  H N N 274 
LYS HE3  H N N 275 
LYS HZ1  H N N 276 
LYS HZ2  H N N 277 
LYS HZ3  H N N 278 
LYS HXT  H N N 279 
MET N    N N N 280 
MET CA   C N S 281 
MET C    C N N 282 
MET O    O N N 283 
MET CB   C N N 284 
MET CG   C N N 285 
MET SD   S N N 286 
MET CE   C N N 287 
MET OXT  O N N 288 
MET H    H N N 289 
MET H2   H N N 290 
MET HA   H N N 291 
MET HB2  H N N 292 
MET HB3  H N N 293 
MET HG2  H N N 294 
MET HG3  H N N 295 
MET HE1  H N N 296 
MET HE2  H N N 297 
MET HE3  H N N 298 
MET HXT  H N N 299 
PHE N    N N N 300 
PHE CA   C N S 301 
PHE C    C N N 302 
PHE O    O N N 303 
PHE CB   C N N 304 
PHE CG   C Y N 305 
PHE CD1  C Y N 306 
PHE CD2  C Y N 307 
PHE CE1  C Y N 308 
PHE CE2  C Y N 309 
PHE CZ   C Y N 310 
PHE OXT  O N N 311 
PHE H    H N N 312 
PHE H2   H N N 313 
PHE HA   H N N 314 
PHE HB2  H N N 315 
PHE HB3  H N N 316 
PHE HD1  H N N 317 
PHE HD2  H N N 318 
PHE HE1  H N N 319 
PHE HE2  H N N 320 
PHE HZ   H N N 321 
PHE HXT  H N N 322 
PRO N    N N N 323 
PRO CA   C N S 324 
PRO C    C N N 325 
PRO O    O N N 326 
PRO CB   C N N 327 
PRO CG   C N N 328 
PRO CD   C N N 329 
PRO OXT  O N N 330 
PRO H    H N N 331 
PRO HA   H N N 332 
PRO HB2  H N N 333 
PRO HB3  H N N 334 
PRO HG2  H N N 335 
PRO HG3  H N N 336 
PRO HD2  H N N 337 
PRO HD3  H N N 338 
PRO HXT  H N N 339 
SER N    N N N 340 
SER CA   C N S 341 
SER C    C N N 342 
SER O    O N N 343 
SER CB   C N N 344 
SER OG   O N N 345 
SER OXT  O N N 346 
SER H    H N N 347 
SER H2   H N N 348 
SER HA   H N N 349 
SER HB2  H N N 350 
SER HB3  H N N 351 
SER HG   H N N 352 
SER HXT  H N N 353 
THR N    N N N 354 
THR CA   C N S 355 
THR C    C N N 356 
THR O    O N N 357 
THR CB   C N R 358 
THR OG1  O N N 359 
THR CG2  C N N 360 
THR OXT  O N N 361 
THR H    H N N 362 
THR H2   H N N 363 
THR HA   H N N 364 
THR HB   H N N 365 
THR HG1  H N N 366 
THR HG21 H N N 367 
THR HG22 H N N 368 
THR HG23 H N N 369 
THR HXT  H N N 370 
TRP N    N N N 371 
TRP CA   C N S 372 
TRP C    C N N 373 
TRP O    O N N 374 
TRP CB   C N N 375 
TRP CG   C Y N 376 
TRP CD1  C Y N 377 
TRP CD2  C Y N 378 
TRP NE1  N Y N 379 
TRP CE2  C Y N 380 
TRP CE3  C Y N 381 
TRP CZ2  C Y N 382 
TRP CZ3  C Y N 383 
TRP CH2  C Y N 384 
TRP OXT  O N N 385 
TRP H    H N N 386 
TRP H2   H N N 387 
TRP HA   H N N 388 
TRP HB2  H N N 389 
TRP HB3  H N N 390 
TRP HD1  H N N 391 
TRP HE1  H N N 392 
TRP HE3  H N N 393 
TRP HZ2  H N N 394 
TRP HZ3  H N N 395 
TRP HH2  H N N 396 
TRP HXT  H N N 397 
TYR N    N N N 398 
TYR CA   C N S 399 
TYR C    C N N 400 
TYR O    O N N 401 
TYR CB   C N N 402 
TYR CG   C Y N 403 
TYR CD1  C Y N 404 
TYR CD2  C Y N 405 
TYR CE1  C Y N 406 
TYR CE2  C Y N 407 
TYR CZ   C Y N 408 
TYR OH   O N N 409 
TYR OXT  O N N 410 
TYR H    H N N 411 
TYR H2   H N N 412 
TYR HA   H N N 413 
TYR HB2  H N N 414 
TYR HB3  H N N 415 
TYR HD1  H N N 416 
TYR HD2  H N N 417 
TYR HE1  H N N 418 
TYR HE2  H N N 419 
TYR HH   H N N 420 
TYR HXT  H N N 421 
VAL N    N N N 422 
VAL CA   C N S 423 
VAL C    C N N 424 
VAL O    O N N 425 
VAL CB   C N N 426 
VAL CG1  C N N 427 
VAL CG2  C N N 428 
VAL OXT  O N N 429 
VAL H    H N N 430 
VAL H2   H N N 431 
VAL HA   H N N 432 
VAL HB   H N N 433 
VAL HG11 H N N 434 
VAL HG12 H N N 435 
VAL HG13 H N N 436 
VAL HG21 H N N 437 
VAL HG22 H N N 438 
VAL HG23 H N N 439 
VAL HXT  H N N 440 
# 
loop_
_chem_comp_bond.comp_id 
_chem_comp_bond.atom_id_1 
_chem_comp_bond.atom_id_2 
_chem_comp_bond.value_order 
_chem_comp_bond.pdbx_aromatic_flag 
_chem_comp_bond.pdbx_stereo_config 
_chem_comp_bond.pdbx_ordinal 
ALA N   CA   sing N N 1   
ALA N   H    sing N N 2   
ALA N   H2   sing N N 3   
ALA CA  C    sing N N 4   
ALA CA  CB   sing N N 5   
ALA CA  HA   sing N N 6   
ALA C   O    doub N N 7   
ALA C   OXT  sing N N 8   
ALA CB  HB1  sing N N 9   
ALA CB  HB2  sing N N 10  
ALA CB  HB3  sing N N 11  
ALA OXT HXT  sing N N 12  
ARG N   CA   sing N N 13  
ARG N   H    sing N N 14  
ARG N   H2   sing N N 15  
ARG CA  C    sing N N 16  
ARG CA  CB   sing N N 17  
ARG CA  HA   sing N N 18  
ARG C   O    doub N N 19  
ARG C   OXT  sing N N 20  
ARG CB  CG   sing N N 21  
ARG CB  HB2  sing N N 22  
ARG CB  HB3  sing N N 23  
ARG CG  CD   sing N N 24  
ARG CG  HG2  sing N N 25  
ARG CG  HG3  sing N N 26  
ARG CD  NE   sing N N 27  
ARG CD  HD2  sing N N 28  
ARG CD  HD3  sing N N 29  
ARG NE  CZ   sing N N 30  
ARG NE  HE   sing N N 31  
ARG CZ  NH1  sing N N 32  
ARG CZ  NH2  doub N N 33  
ARG NH1 HH11 sing N N 34  
ARG NH1 HH12 sing N N 35  
ARG NH2 HH21 sing N N 36  
ARG NH2 HH22 sing N N 37  
ARG OXT HXT  sing N N 38  
ASN N   CA   sing N N 39  
ASN N   H    sing N N 40  
ASN N   H2   sing N N 41  
ASN CA  C    sing N N 42  
ASN CA  CB   sing N N 43  
ASN CA  HA   sing N N 44  
ASN C   O    doub N N 45  
ASN C   OXT  sing N N 46  
ASN CB  CG   sing N N 47  
ASN CB  HB2  sing N N 48  
ASN CB  HB3  sing N N 49  
ASN CG  OD1  doub N N 50  
ASN CG  ND2  sing N N 51  
ASN ND2 HD21 sing N N 52  
ASN ND2 HD22 sing N N 53  
ASN OXT HXT  sing N N 54  
ASP N   CA   sing N N 55  
ASP N   H    sing N N 56  
ASP N   H2   sing N N 57  
ASP CA  C    sing N N 58  
ASP CA  CB   sing N N 59  
ASP CA  HA   sing N N 60  
ASP C   O    doub N N 61  
ASP C   OXT  sing N N 62  
ASP CB  CG   sing N N 63  
ASP CB  HB2  sing N N 64  
ASP CB  HB3  sing N N 65  
ASP CG  OD1  doub N N 66  
ASP CG  OD2  sing N N 67  
ASP OD2 HD2  sing N N 68  
ASP OXT HXT  sing N N 69  
C4Y C44 C45  doub Y N 70  
C4Y C44 C43  sing Y N 71  
C4Y C45 C46  sing Y N 72  
C4Y C43 C42  doub Y N 73  
C4Y C46 C47  doub Y N 74  
C4Y C42 C47  sing Y N 75  
C4Y C42 C26  sing N N 76  
C4Y C26 C27  sing N N 77  
C4Y C26 N25  sing N N 78  
C4Y C27 C28  sing N N 79  
C4Y C19 N18  sing N N 80  
C4Y C19 C20  sing N N 81  
C4Y C28 C29  sing N N 82  
C4Y N25 C20  sing N N 83  
C4Y N25 C29  sing N N 84  
C4Y O17 C2   doub N N 85  
C4Y N18 C2   sing N N 86  
C4Y C2  N1   sing N N 87  
C4Y C20 O23  doub N N 88  
C4Y N1  C3   sing N N 89  
C4Y C3  C4   sing N N 90  
C4Y C4  C9   doub Y N 91  
C4Y C4  C5   sing Y N 92  
C4Y C9  C8   sing Y N 93  
C4Y C5  C6   doub Y N 94  
C4Y C8  C7   doub Y N 95  
C4Y C6  C7   sing Y N 96  
C4Y C7  N16  sing N N 97  
C4Y N1  H1   sing N N 98  
C4Y C3  H2   sing N N 99  
C4Y C3  H3   sing N N 100 
C4Y C5  H4   sing N N 101 
C4Y C6  H5   sing N N 102 
C4Y C8  H6   sing N N 103 
C4Y C9  H7   sing N N 104 
C4Y N16 H8   sing N N 105 
C4Y N16 H9   sing N N 106 
C4Y N18 H10  sing N N 107 
C4Y C19 H11  sing N N 108 
C4Y C19 H12  sing N N 109 
C4Y C26 H13  sing N N 110 
C4Y C27 H14  sing N N 111 
C4Y C27 H15  sing N N 112 
C4Y C28 H16  sing N N 113 
C4Y C28 H17  sing N N 114 
C4Y C29 H18  sing N N 115 
C4Y C29 H19  sing N N 116 
C4Y C43 H20  sing N N 117 
C4Y C44 H21  sing N N 118 
C4Y C45 H22  sing N N 119 
C4Y C46 H23  sing N N 120 
C4Y C47 H24  sing N N 121 
CYS N   CA   sing N N 122 
CYS N   H    sing N N 123 
CYS N   H2   sing N N 124 
CYS CA  C    sing N N 125 
CYS CA  CB   sing N N 126 
CYS CA  HA   sing N N 127 
CYS C   O    doub N N 128 
CYS C   OXT  sing N N 129 
CYS CB  SG   sing N N 130 
CYS CB  HB2  sing N N 131 
CYS CB  HB3  sing N N 132 
CYS SG  HG   sing N N 133 
CYS OXT HXT  sing N N 134 
GLN N   CA   sing N N 135 
GLN N   H    sing N N 136 
GLN N   H2   sing N N 137 
GLN CA  C    sing N N 138 
GLN CA  CB   sing N N 139 
GLN CA  HA   sing N N 140 
GLN C   O    doub N N 141 
GLN C   OXT  sing N N 142 
GLN CB  CG   sing N N 143 
GLN CB  HB2  sing N N 144 
GLN CB  HB3  sing N N 145 
GLN CG  CD   sing N N 146 
GLN CG  HG2  sing N N 147 
GLN CG  HG3  sing N N 148 
GLN CD  OE1  doub N N 149 
GLN CD  NE2  sing N N 150 
GLN NE2 HE21 sing N N 151 
GLN NE2 HE22 sing N N 152 
GLN OXT HXT  sing N N 153 
GLU N   CA   sing N N 154 
GLU N   H    sing N N 155 
GLU N   H2   sing N N 156 
GLU CA  C    sing N N 157 
GLU CA  CB   sing N N 158 
GLU CA  HA   sing N N 159 
GLU C   O    doub N N 160 
GLU C   OXT  sing N N 161 
GLU CB  CG   sing N N 162 
GLU CB  HB2  sing N N 163 
GLU CB  HB3  sing N N 164 
GLU CG  CD   sing N N 165 
GLU CG  HG2  sing N N 166 
GLU CG  HG3  sing N N 167 
GLU CD  OE1  doub N N 168 
GLU CD  OE2  sing N N 169 
GLU OE2 HE2  sing N N 170 
GLU OXT HXT  sing N N 171 
GLY N   CA   sing N N 172 
GLY N   H    sing N N 173 
GLY N   H2   sing N N 174 
GLY CA  C    sing N N 175 
GLY CA  HA2  sing N N 176 
GLY CA  HA3  sing N N 177 
GLY C   O    doub N N 178 
GLY C   OXT  sing N N 179 
GLY OXT HXT  sing N N 180 
HIS N   CA   sing N N 181 
HIS N   H    sing N N 182 
HIS N   H2   sing N N 183 
HIS CA  C    sing N N 184 
HIS CA  CB   sing N N 185 
HIS CA  HA   sing N N 186 
HIS C   O    doub N N 187 
HIS C   OXT  sing N N 188 
HIS CB  CG   sing N N 189 
HIS CB  HB2  sing N N 190 
HIS CB  HB3  sing N N 191 
HIS CG  ND1  sing Y N 192 
HIS CG  CD2  doub Y N 193 
HIS ND1 CE1  doub Y N 194 
HIS ND1 HD1  sing N N 195 
HIS CD2 NE2  sing Y N 196 
HIS CD2 HD2  sing N N 197 
HIS CE1 NE2  sing Y N 198 
HIS CE1 HE1  sing N N 199 
HIS NE2 HE2  sing N N 200 
HIS OXT HXT  sing N N 201 
HOH O   H1   sing N N 202 
HOH O   H2   sing N N 203 
ILE N   CA   sing N N 204 
ILE N   H    sing N N 205 
ILE N   H2   sing N N 206 
ILE CA  C    sing N N 207 
ILE CA  CB   sing N N 208 
ILE CA  HA   sing N N 209 
ILE C   O    doub N N 210 
ILE C   OXT  sing N N 211 
ILE CB  CG1  sing N N 212 
ILE CB  CG2  sing N N 213 
ILE CB  HB   sing N N 214 
ILE CG1 CD1  sing N N 215 
ILE CG1 HG12 sing N N 216 
ILE CG1 HG13 sing N N 217 
ILE CG2 HG21 sing N N 218 
ILE CG2 HG22 sing N N 219 
ILE CG2 HG23 sing N N 220 
ILE CD1 HD11 sing N N 221 
ILE CD1 HD12 sing N N 222 
ILE CD1 HD13 sing N N 223 
ILE OXT HXT  sing N N 224 
LEU N   CA   sing N N 225 
LEU N   H    sing N N 226 
LEU N   H2   sing N N 227 
LEU CA  C    sing N N 228 
LEU CA  CB   sing N N 229 
LEU CA  HA   sing N N 230 
LEU C   O    doub N N 231 
LEU C   OXT  sing N N 232 
LEU CB  CG   sing N N 233 
LEU CB  HB2  sing N N 234 
LEU CB  HB3  sing N N 235 
LEU CG  CD1  sing N N 236 
LEU CG  CD2  sing N N 237 
LEU CG  HG   sing N N 238 
LEU CD1 HD11 sing N N 239 
LEU CD1 HD12 sing N N 240 
LEU CD1 HD13 sing N N 241 
LEU CD2 HD21 sing N N 242 
LEU CD2 HD22 sing N N 243 
LEU CD2 HD23 sing N N 244 
LEU OXT HXT  sing N N 245 
LYS N   CA   sing N N 246 
LYS N   H    sing N N 247 
LYS N   H2   sing N N 248 
LYS CA  C    sing N N 249 
LYS CA  CB   sing N N 250 
LYS CA  HA   sing N N 251 
LYS C   O    doub N N 252 
LYS C   OXT  sing N N 253 
LYS CB  CG   sing N N 254 
LYS CB  HB2  sing N N 255 
LYS CB  HB3  sing N N 256 
LYS CG  CD   sing N N 257 
LYS CG  HG2  sing N N 258 
LYS CG  HG3  sing N N 259 
LYS CD  CE   sing N N 260 
LYS CD  HD2  sing N N 261 
LYS CD  HD3  sing N N 262 
LYS CE  NZ   sing N N 263 
LYS CE  HE2  sing N N 264 
LYS CE  HE3  sing N N 265 
LYS NZ  HZ1  sing N N 266 
LYS NZ  HZ2  sing N N 267 
LYS NZ  HZ3  sing N N 268 
LYS OXT HXT  sing N N 269 
MET N   CA   sing N N 270 
MET N   H    sing N N 271 
MET N   H2   sing N N 272 
MET CA  C    sing N N 273 
MET CA  CB   sing N N 274 
MET CA  HA   sing N N 275 
MET C   O    doub N N 276 
MET C   OXT  sing N N 277 
MET CB  CG   sing N N 278 
MET CB  HB2  sing N N 279 
MET CB  HB3  sing N N 280 
MET CG  SD   sing N N 281 
MET CG  HG2  sing N N 282 
MET CG  HG3  sing N N 283 
MET SD  CE   sing N N 284 
MET CE  HE1  sing N N 285 
MET CE  HE2  sing N N 286 
MET CE  HE3  sing N N 287 
MET OXT HXT  sing N N 288 
PHE N   CA   sing N N 289 
PHE N   H    sing N N 290 
PHE N   H2   sing N N 291 
PHE CA  C    sing N N 292 
PHE CA  CB   sing N N 293 
PHE CA  HA   sing N N 294 
PHE C   O    doub N N 295 
PHE C   OXT  sing N N 296 
PHE CB  CG   sing N N 297 
PHE CB  HB2  sing N N 298 
PHE CB  HB3  sing N N 299 
PHE CG  CD1  doub Y N 300 
PHE CG  CD2  sing Y N 301 
PHE CD1 CE1  sing Y N 302 
PHE CD1 HD1  sing N N 303 
PHE CD2 CE2  doub Y N 304 
PHE CD2 HD2  sing N N 305 
PHE CE1 CZ   doub Y N 306 
PHE CE1 HE1  sing N N 307 
PHE CE2 CZ   sing Y N 308 
PHE CE2 HE2  sing N N 309 
PHE CZ  HZ   sing N N 310 
PHE OXT HXT  sing N N 311 
PRO N   CA   sing N N 312 
PRO N   CD   sing N N 313 
PRO N   H    sing N N 314 
PRO CA  C    sing N N 315 
PRO CA  CB   sing N N 316 
PRO CA  HA   sing N N 317 
PRO C   O    doub N N 318 
PRO C   OXT  sing N N 319 
PRO CB  CG   sing N N 320 
PRO CB  HB2  sing N N 321 
PRO CB  HB3  sing N N 322 
PRO CG  CD   sing N N 323 
PRO CG  HG2  sing N N 324 
PRO CG  HG3  sing N N 325 
PRO CD  HD2  sing N N 326 
PRO CD  HD3  sing N N 327 
PRO OXT HXT  sing N N 328 
SER N   CA   sing N N 329 
SER N   H    sing N N 330 
SER N   H2   sing N N 331 
SER CA  C    sing N N 332 
SER CA  CB   sing N N 333 
SER CA  HA   sing N N 334 
SER C   O    doub N N 335 
SER C   OXT  sing N N 336 
SER CB  OG   sing N N 337 
SER CB  HB2  sing N N 338 
SER CB  HB3  sing N N 339 
SER OG  HG   sing N N 340 
SER OXT HXT  sing N N 341 
THR N   CA   sing N N 342 
THR N   H    sing N N 343 
THR N   H2   sing N N 344 
THR CA  C    sing N N 345 
THR CA  CB   sing N N 346 
THR CA  HA   sing N N 347 
THR C   O    doub N N 348 
THR C   OXT  sing N N 349 
THR CB  OG1  sing N N 350 
THR CB  CG2  sing N N 351 
THR CB  HB   sing N N 352 
THR OG1 HG1  sing N N 353 
THR CG2 HG21 sing N N 354 
THR CG2 HG22 sing N N 355 
THR CG2 HG23 sing N N 356 
THR OXT HXT  sing N N 357 
TRP N   CA   sing N N 358 
TRP N   H    sing N N 359 
TRP N   H2   sing N N 360 
TRP CA  C    sing N N 361 
TRP CA  CB   sing N N 362 
TRP CA  HA   sing N N 363 
TRP C   O    doub N N 364 
TRP C   OXT  sing N N 365 
TRP CB  CG   sing N N 366 
TRP CB  HB2  sing N N 367 
TRP CB  HB3  sing N N 368 
TRP CG  CD1  doub Y N 369 
TRP CG  CD2  sing Y N 370 
TRP CD1 NE1  sing Y N 371 
TRP CD1 HD1  sing N N 372 
TRP CD2 CE2  doub Y N 373 
TRP CD2 CE3  sing Y N 374 
TRP NE1 CE2  sing Y N 375 
TRP NE1 HE1  sing N N 376 
TRP CE2 CZ2  sing Y N 377 
TRP CE3 CZ3  doub Y N 378 
TRP CE3 HE3  sing N N 379 
TRP CZ2 CH2  doub Y N 380 
TRP CZ2 HZ2  sing N N 381 
TRP CZ3 CH2  sing Y N 382 
TRP CZ3 HZ3  sing N N 383 
TRP CH2 HH2  sing N N 384 
TRP OXT HXT  sing N N 385 
TYR N   CA   sing N N 386 
TYR N   H    sing N N 387 
TYR N   H2   sing N N 388 
TYR CA  C    sing N N 389 
TYR CA  CB   sing N N 390 
TYR CA  HA   sing N N 391 
TYR C   O    doub N N 392 
TYR C   OXT  sing N N 393 
TYR CB  CG   sing N N 394 
TYR CB  HB2  sing N N 395 
TYR CB  HB3  sing N N 396 
TYR CG  CD1  doub Y N 397 
TYR CG  CD2  sing Y N 398 
TYR CD1 CE1  sing Y N 399 
TYR CD1 HD1  sing N N 400 
TYR CD2 CE2  doub Y N 401 
TYR CD2 HD2  sing N N 402 
TYR CE1 CZ   doub Y N 403 
TYR CE1 HE1  sing N N 404 
TYR CE2 CZ   sing Y N 405 
TYR CE2 HE2  sing N N 406 
TYR CZ  OH   sing N N 407 
TYR OH  HH   sing N N 408 
TYR OXT HXT  sing N N 409 
VAL N   CA   sing N N 410 
VAL N   H    sing N N 411 
VAL N   H2   sing N N 412 
VAL CA  C    sing N N 413 
VAL CA  CB   sing N N 414 
VAL CA  HA   sing N N 415 
VAL C   O    doub N N 416 
VAL C   OXT  sing N N 417 
VAL CB  CG1  sing N N 418 
VAL CB  CG2  sing N N 419 
VAL CB  HB   sing N N 420 
VAL CG1 HG11 sing N N 421 
VAL CG1 HG12 sing N N 422 
VAL CG1 HG13 sing N N 423 
VAL CG2 HG21 sing N N 424 
VAL CG2 HG22 sing N N 425 
VAL CG2 HG23 sing N N 426 
VAL OXT HXT  sing N N 427 
# 
_pdbx_initial_refinement_model.id               1 
_pdbx_initial_refinement_model.entity_id_list   ? 
_pdbx_initial_refinement_model.type             'experimental model' 
_pdbx_initial_refinement_model.source_name      PDB 
_pdbx_initial_refinement_model.accession_code   2BIT 
_pdbx_initial_refinement_model.details          ? 
# 
_atom_sites.entry_id                    5CCS 
_atom_sites.fract_transf_matrix[1][1]   0.01394947 
_atom_sites.fract_transf_matrix[1][2]   -0.00927734 
_atom_sites.fract_transf_matrix[1][3]   -0.02095820 
_atom_sites.fract_transf_matrix[2][1]   -0.00723373 
_atom_sites.fract_transf_matrix[2][2]   -0.01529922 
_atom_sites.fract_transf_matrix[2][3]   0.00195768 
_atom_sites.fract_transf_matrix[3][1]   -0.00962251 
_atom_sites.fract_transf_matrix[3][2]   0.00353020 
_atom_sites.fract_transf_matrix[3][3]   -0.00796727 
_atom_sites.fract_transf_vector[1]      -0.593884 
_atom_sites.fract_transf_vector[2]      0.112307 
_atom_sites.fract_transf_vector[3]      0.140481 
# 
loop_
_atom_type.symbol 
C 
N 
O 
S 
# 
loop_
_atom_site.group_PDB 
_atom_site.id 
_atom_site.type_symbol 
_atom_site.label_atom_id 
_atom_site.label_alt_id 
_atom_site.label_comp_id 
_atom_site.label_asym_id 
_atom_site.label_entity_id 
_atom_site.label_seq_id 
_atom_site.pdbx_PDB_ins_code 
_atom_site.Cartn_x 
_atom_site.Cartn_y 
_atom_site.Cartn_z 
_atom_site.occupancy 
_atom_site.B_iso_or_equiv 
_atom_site.pdbx_formal_charge 
_atom_site.auth_seq_id 
_atom_site.auth_comp_id 
_atom_site.auth_asym_id 
_atom_site.auth_atom_id 
_atom_site.pdbx_PDB_model_num 
ATOM   1    N N   . GLY A 1 2   ? -6.282  10.515  -16.991 1.00 19.80 ? 2   GLY X N   1 
ATOM   2    C CA  . GLY A 1 2   ? -5.022  9.739   -16.883 1.00 17.68 ? 2   GLY X CA  1 
ATOM   3    C C   . GLY A 1 2   ? -5.232  8.839   -15.719 1.00 15.52 ? 2   GLY X C   1 
ATOM   4    O O   . GLY A 1 2   ? -6.364  8.651   -15.239 1.00 13.26 ? 2   GLY X O   1 
ATOM   5    N N   . ASN A 1 3   ? -4.108  8.355   -15.227 1.00 14.01 ? 3   ASN X N   1 
ATOM   6    C CA  . ASN A 1 3   ? -4.066  7.477   -14.084 1.00 12.80 ? 3   ASN X CA  1 
ATOM   7    C C   . ASN A 1 3   ? -4.490  8.213   -12.831 1.00 12.86 ? 3   ASN X C   1 
ATOM   8    O O   . ASN A 1 3   ? -4.064  9.371   -12.599 1.00 13.37 ? 3   ASN X O   1 
ATOM   9    C CB  . ASN A 1 3   ? -2.668  6.929   -13.944 1.00 11.93 ? 3   ASN X CB  1 
ATOM   10   C CG  . ASN A 1 3   ? -2.355  5.885   -14.989 1.00 12.16 ? 3   ASN X CG  1 
ATOM   11   O OD1 . ASN A 1 3   ? -3.252  5.253   -15.585 1.00 12.23 ? 3   ASN X OD1 1 
ATOM   12   N ND2 . ASN A 1 3   ? -1.065  5.693   -15.231 1.00 11.77 ? 3   ASN X ND2 1 
ATOM   13   N N   . PRO A 1 4   ? -5.330  7.561   -11.995 1.00 12.95 ? 4   PRO X N   1 
ATOM   14   C CA  . PRO A 1 4   ? -5.762  8.275   -10.764 1.00 12.53 ? 4   PRO X CA  1 
ATOM   15   C C   . PRO A 1 4   ? -4.621  8.676   -9.848  1.00 11.90 ? 4   PRO X C   1 
ATOM   16   O O   . PRO A 1 4   ? -3.573  8.033   -9.879  1.00 11.19 ? 4   PRO X O   1 
ATOM   17   C CB  . PRO A 1 4   ? -6.630  7.228   -10.053 1.00 13.16 ? 4   PRO X CB  1 
ATOM   18   C CG  . PRO A 1 4   ? -7.086  6.304   -11.122 1.00 12.58 ? 4   PRO X CG  1 
ATOM   19   C CD  . PRO A 1 4   ? -6.010  6.253   -12.137 1.00 12.32 ? 4   PRO X CD  1 
ATOM   20   N N   . LEU A 1 5   ? -4.809  9.778   -9.105  1.00 10.81 ? 5   LEU X N   1 
ATOM   21   C CA  . LEU A 1 5   ? -3.957  10.123  -7.971  1.00 9.98  ? 5   LEU X CA  1 
ATOM   22   C C   . LEU A 1 5   ? -4.744  9.994   -6.657  1.00 9.32  ? 5   LEU X C   1 
ATOM   23   O O   . LEU A 1 5   ? -5.812  10.582  -6.541  1.00 8.49  ? 5   LEU X O   1 
ATOM   24   C CB  . LEU A 1 5   ? -3.462  11.596  -8.050  1.00 10.12 ? 5   LEU X CB  1 
ATOM   25   C CG  . LEU A 1 5   ? -2.422  11.999  -9.088  1.00 9.97  ? 5   LEU X CG  1 
ATOM   26   C CD1 . LEU A 1 5   ? -1.910  13.403  -8.815  1.00 9.68  ? 5   LEU X CD1 1 
ATOM   27   C CD2 . LEU A 1 5   ? -1.286  10.986  -9.103  1.00 9.84  ? 5   LEU X CD2 1 
ATOM   28   N N   . VAL A 1 6   ? -4.169  9.286   -5.682  1.00 8.74  ? 6   VAL X N   1 
ATOM   29   C CA  . VAL A 1 6   ? -4.784  9.114   -4.363  1.00 8.63  ? 6   VAL X CA  1 
ATOM   30   C C   . VAL A 1 6   ? -3.784  9.552   -3.301  1.00 8.52  ? 6   VAL X C   1 
ATOM   31   O O   . VAL A 1 6   ? -2.600  9.762   -3.601  1.00 7.47  ? 6   VAL X O   1 
ATOM   32   C CB  . VAL A 1 6   ? -5.286  7.644   -4.141  1.00 8.94  ? 6   VAL X CB  1 
ATOM   33   C CG1 . VAL A 1 6   ? -6.330  7.288   -5.188  1.00 8.91  ? 6   VAL X CG1 1 
ATOM   34   C CG2 . VAL A 1 6   ? -4.151  6.599   -4.179  1.00 8.92  ? 6   VAL X CG2 1 
ATOM   35   N N   . TYR A 1 7   ? -4.288  9.792   -2.090  1.00 8.54  ? 7   TYR X N   1 
ATOM   36   C CA  . TYR A 1 7   ? -3.454  10.214  -0.986  1.00 9.08  ? 7   TYR X CA  1 
ATOM   37   C C   . TYR A 1 7   ? -3.689  9.359   0.286   1.00 9.74  ? 7   TYR X C   1 
ATOM   38   O O   . TYR A 1 7   ? -4.779  8.814   0.490   1.00 9.56  ? 7   TYR X O   1 
ATOM   39   C CB  . TYR A 1 7   ? -3.680  11.716  -0.701  1.00 8.81  ? 7   TYR X CB  1 
ATOM   40   C CG  . TYR A 1 7   ? -4.968  12.052  -0.033  1.00 8.79  ? 7   TYR X CG  1 
ATOM   41   C CD1 . TYR A 1 7   ? -5.067  12.117  1.353   1.00 9.23  ? 7   TYR X CD1 1 
ATOM   42   C CD2 . TYR A 1 7   ? -6.099  12.342  -0.778  1.00 8.92  ? 7   TYR X CD2 1 
ATOM   43   C CE1 . TYR A 1 7   ? -6.270  12.472  1.975   1.00 9.28  ? 7   TYR X CE1 1 
ATOM   44   C CE2 . TYR A 1 7   ? -7.301  12.704  -0.175  1.00 8.84  ? 7   TYR X CE2 1 
ATOM   45   C CZ  . TYR A 1 7   ? -7.372  12.775  1.180   1.00 9.23  ? 7   TYR X CZ  1 
ATOM   46   O OH  . TYR A 1 7   ? -8.556  13.068  1.690   1.00 9.71  ? 7   TYR X OH  1 
ATOM   47   N N   . LEU A 1 8   ? -2.646  9.208   1.096   1.00 10.12 ? 8   LEU X N   1 
ATOM   48   C CA  . LEU A 1 8   ? -2.771  8.712   2.486   1.00 9.87  ? 8   LEU X CA  1 
ATOM   49   C C   . LEU A 1 8   ? -2.113  9.724   3.394   1.00 9.60  ? 8   LEU X C   1 
ATOM   50   O O   . LEU A 1 8   ? -0.976  10.116  3.154   1.00 8.82  ? 8   LEU X O   1 
ATOM   51   C CB  . LEU A 1 8   ? -2.053  7.369   2.671   1.00 10.04 ? 8   LEU X CB  1 
ATOM   52   C CG  . LEU A 1 8   ? -2.034  6.324   1.587   1.00 9.93  ? 8   LEU X CG  1 
ATOM   53   C CD1 . LEU A 1 8   ? -0.863  5.363   1.769   1.00 10.41 ? 8   LEU X CD1 1 
ATOM   54   C CD2 . LEU A 1 8   ? -3.311  5.540   1.574   1.00 10.51 ? 8   LEU X CD2 1 
ATOM   55   N N   . ASP A 1 9   ? -2.835  10.155  4.415   1.00 10.63 ? 9   ASP X N   1 
ATOM   56   C CA  . ASP A 1 9   ? -2.257  10.952  5.508   1.00 11.65 ? 9   ASP X CA  1 
ATOM   57   C C   . ASP A 1 9   ? -2.033  10.010  6.681   1.00 11.57 ? 9   ASP X C   1 
ATOM   58   O O   . ASP A 1 9   ? -2.930  9.261   7.093   1.00 11.41 ? 9   ASP X O   1 
ATOM   59   C CB  . ASP A 1 9   ? -3.166  12.133  5.951   1.00 13.21 ? 9   ASP X CB  1 
ATOM   60   C CG  . ASP A 1 9   ? -3.424  13.146  4.832   1.00 14.06 ? 9   ASP X CG  1 
ATOM   61   O OD1 . ASP A 1 9   ? -2.504  13.454  4.037   1.00 15.28 ? 9   ASP X OD1 1 
ATOM   62   O OD2 . ASP A 1 9   ? -4.587  13.586  4.690   1.00 15.38 ? 9   ASP X OD2 1 
ATOM   63   N N   . VAL A 1 10  ? -0.840  10.099  7.228   1.00 11.19 ? 10  VAL X N   1 
ATOM   64   C CA  . VAL A 1 10  ? -0.293  9.107   8.100   1.00 11.39 ? 10  VAL X CA  1 
ATOM   65   C C   . VAL A 1 10  ? 0.243   9.812   9.356   1.00 12.33 ? 10  VAL X C   1 
ATOM   66   O O   . VAL A 1 10  ? 0.944   10.828  9.247   1.00 11.21 ? 10  VAL X O   1 
ATOM   67   C CB  . VAL A 1 10  ? 0.844   8.304   7.390   1.00 10.92 ? 10  VAL X CB  1 
ATOM   68   C CG1 . VAL A 1 10  ? 1.295   7.130   8.253   1.00 10.68 ? 10  VAL X CG1 1 
ATOM   69   C CG2 . VAL A 1 10  ? 0.392   7.782   6.032   1.00 10.57 ? 10  VAL X CG2 1 
ATOM   70   N N   . ASP A 1 11  ? -0.105  9.227   10.509  1.00 13.72 ? 11  ASP X N   1 
ATOM   71   C CA  . ASP A 1 11  ? 0.383   9.571   11.839  1.00 15.26 ? 11  ASP X CA  1 
ATOM   72   C C   . ASP A 1 11  ? 1.340   8.512   12.401  1.00 15.95 ? 11  ASP X C   1 
ATOM   73   O O   . ASP A 1 11  ? 1.181   7.356   12.133  1.00 17.13 ? 11  ASP X O   1 
ATOM   74   C CB  . ASP A 1 11  ? -0.799  9.551   12.835  1.00 16.77 ? 11  ASP X CB  1 
ATOM   75   C CG  . ASP A 1 11  ? -1.514  10.843  12.929  1.00 18.50 ? 11  ASP X CG  1 
ATOM   76   O OD1 . ASP A 1 11  ? -1.203  11.760  12.162  1.00 20.31 ? 11  ASP X OD1 1 
ATOM   77   O OD2 . ASP A 1 11  ? -2.424  10.967  13.795  1.00 24.52 ? 11  ASP X OD2 1 
ATOM   78   N N   . ALA A 1 12  ? 2.264   8.898   13.272  1.00 17.74 ? 12  ALA X N   1 
ATOM   79   C CA  . ALA A 1 12  ? 3.012   7.939   14.093  1.00 19.47 ? 12  ALA X CA  1 
ATOM   80   C C   . ALA A 1 12  ? 2.822   8.305   15.586  1.00 19.29 ? 12  ALA X C   1 
ATOM   81   O O   . ALA A 1 12  ? 3.045   9.427   15.949  1.00 18.69 ? 12  ALA X O   1 
ATOM   82   C CB  . ALA A 1 12  ? 4.472   7.928   13.721  1.00 20.70 ? 12  ALA X CB  1 
ATOM   83   N N   . ASN A 1 13  ? 2.397   7.359   16.419  1.00 21.18 ? 13  ASN X N   1 
ATOM   84   C CA  . ASN A 1 13  ? 1.775   7.706   17.761  1.00 27.47 ? 13  ASN X CA  1 
ATOM   85   C C   . ASN A 1 13  ? 1.035   9.081   17.853  1.00 25.79 ? 13  ASN X C   1 
ATOM   86   O O   . ASN A 1 13  ? 1.380   9.921   18.678  1.00 27.86 ? 13  ASN X O   1 
ATOM   87   C CB  . ASN A 1 13  ? 2.811   7.591   18.914  1.00 28.79 ? 13  ASN X CB  1 
ATOM   88   C CG  . ASN A 1 13  ? 3.260   6.150   19.167  1.00 31.15 ? 13  ASN X CG  1 
ATOM   89   O OD1 . ASN A 1 13  ? 2.630   5.185   18.731  1.00 28.62 ? 13  ASN X OD1 1 
ATOM   90   N ND2 . ASN A 1 13  ? 4.376   6.008   19.868  1.00 33.67 ? 13  ASN X ND2 1 
ATOM   91   N N   . GLY A 1 14  ? 0.058   9.297   16.974  1.00 24.84 ? 14  GLY X N   1 
ATOM   92   C CA  . GLY A 1 14  ? -0.819  10.447  17.016  1.00 24.57 ? 14  GLY X CA  1 
ATOM   93   C C   . GLY A 1 14  ? -0.162  11.757  16.584  1.00 27.48 ? 14  GLY X C   1 
ATOM   94   O O   . GLY A 1 14  ? -0.727  12.820  16.788  1.00 27.37 ? 14  GLY X O   1 
ATOM   95   N N   . LYS A 1 15  ? 1.030   11.696  15.982  1.00 26.58 ? 15  LYS X N   1 
ATOM   96   C CA  . LYS A 1 15  ? 1.724   12.874  15.516  1.00 25.67 ? 15  LYS X CA  1 
ATOM   97   C C   . LYS A 1 15  ? 1.775   12.811  13.953  1.00 22.78 ? 15  LYS X C   1 
ATOM   98   O O   . LYS A 1 15  ? 2.173   11.795  13.386  1.00 20.42 ? 15  LYS X O   1 
ATOM   99   C CB  . LYS A 1 15  ? 3.106   12.860  16.155  1.00 31.12 ? 15  LYS X CB  1 
ATOM   100  C CG  . LYS A 1 15  ? 4.061   13.972  15.728  1.00 37.36 ? 15  LYS X CG  1 
ATOM   101  C CD  . LYS A 1 15  ? 3.442   15.395  15.753  1.00 41.54 ? 15  LYS X CD  1 
ATOM   102  C CE  . LYS A 1 15  ? 4.403   16.468  16.273  1.00 44.03 ? 15  LYS X CE  1 
ATOM   103  N NZ  . LYS A 1 15  ? 5.719   16.411  15.559  1.00 42.33 ? 15  LYS X NZ  1 
ATOM   104  N N   . PRO A 1 16  ? 1.345   13.874  13.260  1.00 19.82 ? 16  PRO X N   1 
ATOM   105  C CA  . PRO A 1 16  ? 1.313   13.782  11.801  1.00 18.56 ? 16  PRO X CA  1 
ATOM   106  C C   . PRO A 1 16  ? 2.686   13.685  11.132  1.00 16.76 ? 16  PRO X C   1 
ATOM   107  O O   . PRO A 1 16  ? 3.577   14.480  11.411  1.00 15.68 ? 16  PRO X O   1 
ATOM   108  C CB  . PRO A 1 16  ? 0.589   15.072  11.375  1.00 19.35 ? 16  PRO X CB  1 
ATOM   109  C CG  . PRO A 1 16  ? 0.720   16.017  12.553  1.00 20.06 ? 16  PRO X CG  1 
ATOM   110  C CD  . PRO A 1 16  ? 0.666   15.104  13.740  1.00 20.86 ? 16  PRO X CD  1 
ATOM   111  N N   . LEU A 1 17  ? 2.828   12.714  10.234  1.00 14.30 ? 17  LEU X N   1 
ATOM   112  C CA  . LEU A 1 17  ? 4.042   12.626  9.417   1.00 13.56 ? 17  LEU X CA  1 
ATOM   113  C C   . LEU A 1 17  ? 3.947   13.371  8.115   1.00 12.84 ? 17  LEU X C   1 
ATOM   114  O O   . LEU A 1 17  ? 4.978   13.649  7.519   1.00 11.50 ? 17  LEU X O   1 
ATOM   115  C CB  . LEU A 1 17  ? 4.368   11.171  9.107   1.00 12.92 ? 17  LEU X CB  1 
ATOM   116  C CG  . LEU A 1 17  ? 4.439   10.250  10.344  1.00 13.46 ? 17  LEU X CG  1 
ATOM   117  C CD1 . LEU A 1 17  ? 4.823   8.855   9.868   1.00 13.67 ? 17  LEU X CD1 1 
ATOM   118  C CD2 . LEU A 1 17  ? 5.478   10.788  11.331  1.00 13.56 ? 17  LEU X CD2 1 
ATOM   119  N N   . GLY A 1 18  ? 2.711   13.627  7.675   1.00 12.60 ? 18  GLY X N   1 
ATOM   120  C CA  . GLY A 1 18  ? 2.415   14.141  6.360   1.00 12.84 ? 18  GLY X CA  1 
ATOM   121  C C   . GLY A 1 18  ? 1.610   13.202  5.441   1.00 13.40 ? 18  GLY X C   1 
ATOM   122  O O   . GLY A 1 18  ? 0.950   12.254  5.880   1.00 13.27 ? 18  GLY X O   1 
ATOM   123  N N   . ARG A 1 19  ? 1.717   13.496  4.148   1.00 12.91 ? 19  ARG X N   1 
ATOM   124  C CA  . ARG A 1 19  ? 0.944   12.910  3.094   1.00 13.11 ? 19  ARG X CA  1 
ATOM   125  C C   . ARG A 1 19  ? 1.816   12.181  2.041   1.00 11.89 ? 19  ARG X C   1 
ATOM   126  O O   . ARG A 1 19  ? 2.821   12.704  1.582   1.00 10.98 ? 19  ARG X O   1 
ATOM   127  C CB  . ARG A 1 19  ? 0.172   14.041  2.402   1.00 14.13 ? 19  ARG X CB  1 
ATOM   128  C CG  . ARG A 1 19  ? -0.585  13.640  1.154   1.00 14.41 ? 19  ARG X CG  1 
ATOM   129  C CD  . ARG A 1 19  ? -1.624  14.687  0.753   1.00 15.55 ? 19  ARG X CD  1 
ATOM   130  N NE  . ARG A 1 19  ? -2.722  14.818  1.741   1.00 15.34 ? 19  ARG X NE  1 
ATOM   131  C CZ  . ARG A 1 19  ? -3.890  15.459  1.529   1.00 14.26 ? 19  ARG X CZ  1 
ATOM   132  N NH1 . ARG A 1 19  ? -4.156  16.038  0.359   1.00 14.01 ? 19  ARG X NH1 1 
ATOM   133  N NH2 . ARG A 1 19  ? -4.796  15.506  2.497   1.00 13.26 ? 19  ARG X NH2 1 
ATOM   134  N N   . VAL A 1 20  ? 1.396   10.965  1.696   1.00 11.74 ? 20  VAL X N   1 
ATOM   135  C CA  . VAL A 1 20  ? 1.871   10.236  0.542   1.00 10.98 ? 20  VAL X CA  1 
ATOM   136  C C   . VAL A 1 20  ? 0.836   10.275  -0.585  1.00 10.67 ? 20  VAL X C   1 
ATOM   137  O O   . VAL A 1 20  ? -0.300  9.872   -0.413  1.00 9.18  ? 20  VAL X O   1 
ATOM   138  C CB  . VAL A 1 20  ? 2.155   8.763   0.863   1.00 12.05 ? 20  VAL X CB  1 
ATOM   139  C CG1 . VAL A 1 20  ? 2.933   8.094   -0.307  1.00 12.58 ? 20  VAL X CG1 1 
ATOM   140  C CG2 . VAL A 1 20  ? 2.937   8.646   2.132   1.00 12.10 ? 20  VAL X CG2 1 
ATOM   141  N N   . VAL A 1 21  ? 1.279   10.752  -1.746  1.00 9.79  ? 21  VAL X N   1 
ATOM   142  C CA  . VAL A 1 21  ? 0.439   10.812  -2.967  1.00 9.63  ? 21  VAL X CA  1 
ATOM   143  C C   . VAL A 1 21  ? 0.911   9.730   -3.921  1.00 8.35  ? 21  VAL X C   1 
ATOM   144  O O   . VAL A 1 21  ? 2.085   9.711   -4.255  1.00 7.41  ? 21  VAL X O   1 
ATOM   145  C CB  . VAL A 1 21  ? 0.537   12.214  -3.620  1.00 9.71  ? 21  VAL X CB  1 
ATOM   146  C CG1 . VAL A 1 21  ? -0.336  12.286  -4.866  1.00 10.45 ? 21  VAL X CG1 1 
ATOM   147  C CG2 . VAL A 1 21  ? 0.128   13.265  -2.589  1.00 10.32 ? 21  VAL X CG2 1 
ATOM   148  N N   . LEU A 1 22  ? -0.017  8.903   -4.383  1.00 8.00  ? 22  LEU X N   1 
ATOM   149  C CA  . LEU A 1 22  ? 0.312   7.738   -5.250  1.00 8.47  ? 22  LEU X CA  1 
ATOM   150  C C   . LEU A 1 22  ? -0.420  7.846   -6.583  1.00 8.61  ? 22  LEU X C   1 
ATOM   151  O O   . LEU A 1 22  ? -1.551  8.275   -6.621  1.00 8.19  ? 22  LEU X O   1 
ATOM   152  C CB  . LEU A 1 22  ? -0.064  6.427   -4.560  1.00 8.44  ? 22  LEU X CB  1 
ATOM   153  C CG  . LEU A 1 22  ? 0.489   6.267   -3.121  1.00 8.48  ? 22  LEU X CG  1 
ATOM   154  C CD1 . LEU A 1 22  ? -0.394  5.338   -2.275  1.00 8.65  ? 22  LEU X CD1 1 
ATOM   155  C CD2 . LEU A 1 22  ? 1.903   5.750   -3.157  1.00 8.56  ? 22  LEU X CD2 1 
ATOM   156  N N   . GLU A 1 23  ? 0.273   7.492   -7.661  1.00 9.10  ? 23  GLU X N   1 
ATOM   157  C CA  . GLU A 1 23  ? -0.327  7.358   -8.975  1.00 9.33  ? 23  GLU X CA  1 
ATOM   158  C C   . GLU A 1 23  ? -0.647  5.887   -9.047  1.00 9.26  ? 23  GLU X C   1 
ATOM   159  O O   . GLU A 1 23  ? 0.238   5.054   -8.763  1.00 9.74  ? 23  GLU X O   1 
ATOM   160  C CB  . GLU A 1 23  ? 0.679   7.706   -10.112 1.00 10.03 ? 23  GLU X CB  1 
ATOM   161  C CG  . GLU A 1 23  ? 0.090   7.473   -11.517 1.00 10.74 ? 23  GLU X CG  1 
ATOM   162  C CD  . GLU A 1 23  ? 1.062   7.784   -12.681 1.00 12.06 ? 23  GLU X CD  1 
ATOM   163  O OE1 . GLU A 1 23  ? 1.912   8.697   -12.557 1.00 12.09 ? 23  GLU X OE1 1 
ATOM   164  O OE2 . GLU A 1 23  ? 0.945   7.102   -13.768 1.00 13.51 ? 23  GLU X OE2 1 
ATOM   165  N N   . LEU A 1 24  ? -1.879  5.565   -9.420  1.00 8.41  ? 24  LEU X N   1 
ATOM   166  C CA  . LEU A 1 24  ? -2.279  4.209   -9.674  1.00 8.33  ? 24  LEU X CA  1 
ATOM   167  C C   . LEU A 1 24  ? -2.260  3.980   -11.174 1.00 8.28  ? 24  LEU X C   1 
ATOM   168  O O   . LEU A 1 24  ? -2.929  4.683   -11.927 1.00 7.44  ? 24  LEU X O   1 
ATOM   169  C CB  . LEU A 1 24  ? -3.681  3.965   -9.091  1.00 8.29  ? 24  LEU X CB  1 
ATOM   170  C CG  . LEU A 1 24  ? -3.880  4.521   -7.645  1.00 8.07  ? 24  LEU X CG  1 
ATOM   171  C CD1 . LEU A 1 24  ? -5.334  4.387   -7.182  1.00 7.67  ? 24  LEU X CD1 1 
ATOM   172  C CD2 . LEU A 1 24  ? -2.907  3.915   -6.610  1.00 7.93  ? 24  LEU X CD2 1 
ATOM   173  N N   . LYS A 1 25  ? -1.568  2.941   -11.622 1.00 9.55  ? 25  LYS X N   1 
ATOM   174  C CA  . LYS A 1 25  ? -1.356  2.751   -13.063 1.00 10.56 ? 25  LYS X CA  1 
ATOM   175  C C   . LYS A 1 25  ? -2.467  1.953   -13.718 1.00 10.39 ? 25  LYS X C   1 
ATOM   176  O O   . LYS A 1 25  ? -2.256  0.845   -14.189 1.00 9.63  ? 25  LYS X O   1 
ATOM   177  C CB  . LYS A 1 25  ? 0.032   2.211   -13.368 1.00 12.23 ? 25  LYS X CB  1 
ATOM   178  C CG  . LYS A 1 25  ? 1.142   3.067   -12.749 1.00 14.68 ? 25  LYS X CG  1 
ATOM   179  C CD  . LYS A 1 25  ? 2.348   3.279   -13.640 1.00 18.06 ? 25  LYS X CD  1 
ATOM   180  C CE  . LYS A 1 25  ? 3.410   4.279   -13.103 1.00 20.48 ? 25  LYS X CE  1 
ATOM   181  N NZ  . LYS A 1 25  ? 4.738   3.739   -12.638 1.00 19.45 ? 25  LYS X NZ  1 
ATOM   182  N N   . ALA A 1 26  ? -3.652  2.581   -13.754 1.00 10.46 ? 26  ALA X N   1 
ATOM   183  C CA  . ALA A 1 26  ? -4.859  2.045   -14.350 1.00 10.94 ? 26  ALA X CA  1 
ATOM   184  C C   . ALA A 1 26  ? -4.688  1.584   -15.781 1.00 11.34 ? 26  ALA X C   1 
ATOM   185  O O   . ALA A 1 26  ? -5.391  0.708   -16.181 1.00 12.10 ? 26  ALA X O   1 
ATOM   186  C CB  . ALA A 1 26  ? -5.998  3.049   -14.287 1.00 10.69 ? 26  ALA X CB  1 
ATOM   187  N N   . ASP A 1 27  ? -3.772  2.208   -16.516 1.00 12.49 ? 27  ASP X N   1 
ATOM   188  C CA  . ASP A 1 27  ? -3.477  1.917   -17.916 1.00 12.67 ? 27  ASP X CA  1 
ATOM   189  C C   . ASP A 1 27  ? -2.754  0.601   -18.155 1.00 13.39 ? 27  ASP X C   1 
ATOM   190  O O   . ASP A 1 27  ? -2.782  0.082   -19.317 1.00 13.01 ? 27  ASP X O   1 
ATOM   191  C CB  . ASP A 1 27  ? -2.718  3.065   -18.608 1.00 12.89 ? 27  ASP X CB  1 
ATOM   192  C CG  . ASP A 1 27  ? -1.384  3.470   -17.911 1.00 14.79 ? 27  ASP X CG  1 
ATOM   193  O OD1 . ASP A 1 27  ? -1.030  3.052   -16.786 1.00 15.81 ? 27  ASP X OD1 1 
ATOM   194  O OD2 . ASP A 1 27  ? -0.664  4.269   -18.514 1.00 16.36 ? 27  ASP X OD2 1 
ATOM   195  N N   . VAL A 1 28  ? -2.075  0.102   -17.118 1.00 11.89 ? 28  VAL X N   1 
ATOM   196  C CA  . VAL A 1 28  ? -1.453  -1.240  -17.152 1.00 11.92 ? 28  VAL X CA  1 
ATOM   197  C C   . VAL A 1 28  ? -2.241  -2.292  -16.354 1.00 10.89 ? 28  VAL X C   1 
ATOM   198  O O   . VAL A 1 28  ? -2.319  -3.448  -16.766 1.00 9.50  ? 28  VAL X O   1 
ATOM   199  C CB  . VAL A 1 28  ? -0.036  -1.241  -16.531 1.00 11.70 ? 28  VAL X CB  1 
ATOM   200  C CG1 . VAL A 1 28  ? 0.653   -2.596  -16.773 1.00 11.25 ? 28  VAL X CG1 1 
ATOM   201  C CG2 . VAL A 1 28  ? 0.811   -0.105  -17.111 1.00 12.58 ? 28  VAL X CG2 1 
ATOM   202  N N   . VAL A 1 29  ? -2.742  -1.914  -15.179 1.00 9.81  ? 29  VAL X N   1 
ATOM   203  C CA  . VAL A 1 29  ? -3.409  -2.877  -14.326 1.00 10.21 ? 29  VAL X CA  1 
ATOM   204  C C   . VAL A 1 29  ? -4.729  -2.313  -13.812 1.00 9.92  ? 29  VAL X C   1 
ATOM   205  O O   . VAL A 1 29  ? -4.867  -2.025  -12.633 1.00 10.30 ? 29  VAL X O   1 
ATOM   206  C CB  . VAL A 1 29  ? -2.506  -3.389  -13.177 1.00 10.88 ? 29  VAL X CB  1 
ATOM   207  C CG1 . VAL A 1 29  ? -1.614  -4.570  -13.636 1.00 11.10 ? 29  VAL X CG1 1 
ATOM   208  C CG2 . VAL A 1 29  ? -1.749  -2.218  -12.542 1.00 11.30 ? 29  VAL X CG2 1 
ATOM   209  N N   . PRO A 1 30  ? -5.716  -2.176  -14.707 1.00 9.89  ? 30  PRO X N   1 
ATOM   210  C CA  . PRO A 1 30  ? -6.916  -1.387  -14.341 1.00 9.82  ? 30  PRO X CA  1 
ATOM   211  C C   . PRO A 1 30  ? -7.716  -1.902  -13.133 1.00 9.66  ? 30  PRO X C   1 
ATOM   212  O O   . PRO A 1 30  ? -8.280  -1.112  -12.385 1.00 9.27  ? 30  PRO X O   1 
ATOM   213  C CB  . PRO A 1 30  ? -7.797  -1.429  -15.658 1.00 9.55  ? 30  PRO X CB  1 
ATOM   214  C CG  . PRO A 1 30  ? -7.196  -2.516  -16.531 1.00 9.49  ? 30  PRO X CG  1 
ATOM   215  C CD  . PRO A 1 30  ? -5.739  -2.576  -16.134 1.00 9.91  ? 30  PRO X CD  1 
ATOM   216  N N   . LYS A 1 31  ? -7.800  -3.226  -13.010 1.00 10.06 ? 31  LYS X N   1 
ATOM   217  C CA  . LYS A 1 31  ? -8.576  -3.884  -11.957 1.00 10.54 ? 31  LYS X CA  1 
ATOM   218  C C   . LYS A 1 31  ? -7.961  -3.659  -10.583 1.00 9.12  ? 31  LYS X C   1 
ATOM   219  O O   . LYS A 1 31  ? -8.646  -3.325  -9.625  1.00 8.34  ? 31  LYS X O   1 
ATOM   220  C CB  . LYS A 1 31  ? -8.668  -5.374  -12.219 1.00 11.80 ? 31  LYS X CB  1 
ATOM   221  C CG  . LYS A 1 31  ? -9.552  -5.761  -13.378 1.00 13.98 ? 31  LYS X CG  1 
ATOM   222  C CD  . LYS A 1 31  ? -9.373  -7.272  -13.606 1.00 16.76 ? 31  LYS X CD  1 
ATOM   223  C CE  . LYS A 1 31  ? -10.340 -7.796  -14.648 1.00 19.78 ? 31  LYS X CE  1 
ATOM   224  N NZ  . LYS A 1 31  ? -10.204 -6.974  -15.903 1.00 22.97 ? 31  LYS X NZ  1 
ATOM   225  N N   . THR A 1 32  ? -6.648  -3.836  -10.548 1.00 8.25  ? 32  THR X N   1 
ATOM   226  C CA  . THR A 1 32  ? -5.854  -3.679  -9.341  1.00 7.79  ? 32  THR X CA  1 
ATOM   227  C C   . THR A 1 32  ? -5.813  -2.210  -8.944  1.00 8.00  ? 32  THR X C   1 
ATOM   228  O O   . THR A 1 32  ? -5.974  -1.860  -7.765  1.00 8.24  ? 32  THR X O   1 
ATOM   229  C CB  . THR A 1 32  ? -4.425  -4.246  -9.563  1.00 7.33  ? 32  THR X CB  1 
ATOM   230  O OG1 . THR A 1 32  ? -4.518  -5.543  -10.142 1.00 6.81  ? 32  THR X OG1 1 
ATOM   231  C CG2 . THR A 1 32  ? -3.641  -4.281  -8.234  1.00 7.54  ? 32  THR X CG2 1 
ATOM   232  N N   . ALA A 1 33  ? -5.682  -1.340  -9.937  1.00 8.43  ? 33  ALA X N   1 
ATOM   233  C CA  . ALA A 1 33  ? -5.727  0.087   -9.681  1.00 8.66  ? 33  ALA X CA  1 
ATOM   234  C C   . ALA A 1 33  ? -7.106  0.555   -9.099  1.00 9.09  ? 33  ALA X C   1 
ATOM   235  O O   . ALA A 1 33  ? -7.140  1.332   -8.123  1.00 8.90  ? 33  ALA X O   1 
ATOM   236  C CB  . ALA A 1 33  ? -5.319  0.877   -10.941 1.00 8.61  ? 33  ALA X CB  1 
ATOM   237  N N   . GLU A 1 34  ? -8.198  0.064   -9.693  1.00 9.02  ? 34  GLU X N   1 
ATOM   238  C CA  . GLU A 1 34  ? -9.548  0.434   -9.304  1.00 10.03 ? 34  GLU X CA  1 
ATOM   239  C C   . GLU A 1 34  ? -9.878  -0.010  -7.852  1.00 9.46  ? 34  GLU X C   1 
ATOM   240  O O   . GLU A 1 34  ? -10.456 0.758   -7.065  1.00 8.75  ? 34  GLU X O   1 
ATOM   241  C CB  . GLU A 1 34  ? -10.586 -0.109  -10.312 1.00 10.60 ? 34  GLU X CB  1 
ATOM   242  C CG  . GLU A 1 34  ? -12.041 0.061   -9.923  1.00 11.77 ? 34  GLU X CG  1 
ATOM   243  C CD  . GLU A 1 34  ? -12.456 1.518   -9.654  1.00 12.99 ? 34  GLU X CD  1 
ATOM   244  O OE1 . GLU A 1 34  ? -11.800 2.510   -10.116 1.00 13.03 ? 34  GLU X OE1 1 
ATOM   245  O OE2 . GLU A 1 34  ? -13.507 1.664   -8.993  1.00 14.05 ? 34  GLU X OE2 1 
ATOM   246  N N   . ASN A 1 35  ? -9.447  -1.218  -7.505  1.00 9.17  ? 35  ASN X N   1 
ATOM   247  C CA  . ASN A 1 35  ? -9.505  -1.655  -6.118  1.00 8.79  ? 35  ASN X CA  1 
ATOM   248  C C   . ASN A 1 35  ? -8.885  -0.676  -5.096  1.00 8.79  ? 35  ASN X C   1 
ATOM   249  O O   . ASN A 1 35  ? -9.506  -0.239  -4.135  1.00 8.63  ? 35  ASN X O   1 
ATOM   250  C CB  . ASN A 1 35  ? -8.883  -3.035  -5.996  1.00 8.46  ? 35  ASN X CB  1 
ATOM   251  C CG  . ASN A 1 35  ? -9.003  -3.602  -4.605  1.00 8.20  ? 35  ASN X CG  1 
ATOM   252  O OD1 . ASN A 1 35  ? -10.106 -3.667  -4.033  1.00 7.89  ? 35  ASN X OD1 1 
ATOM   253  N ND2 . ASN A 1 35  ? -7.864  -3.956  -4.011  1.00 8.09  ? 35  ASN X ND2 1 
ATOM   254  N N   . PHE A 1 36  ? -7.631  -0.309  -5.326  1.00 8.97  ? 36  PHE X N   1 
ATOM   255  C CA  . PHE A 1 36  ? -6.958  0.622   -4.419  1.00 8.54  ? 36  PHE X CA  1 
ATOM   256  C C   . PHE A 1 36  ? -7.675  1.987   -4.322  1.00 8.83  ? 36  PHE X C   1 
ATOM   257  O O   . PHE A 1 36  ? -7.927  2.508   -3.223  1.00 8.18  ? 36  PHE X O   1 
ATOM   258  C CB  . PHE A 1 36  ? -5.497  0.788   -4.852  1.00 8.32  ? 36  PHE X CB  1 
ATOM   259  C CG  . PHE A 1 36  ? -4.611  1.358   -3.772  1.00 7.54  ? 36  PHE X CG  1 
ATOM   260  C CD1 . PHE A 1 36  ? -4.429  2.722   -3.657  1.00 7.04  ? 36  PHE X CD1 1 
ATOM   261  C CD2 . PHE A 1 36  ? -3.981  0.502   -2.871  1.00 7.23  ? 36  PHE X CD2 1 
ATOM   262  C CE1 . PHE A 1 36  ? -3.633  3.239   -2.673  1.00 7.01  ? 36  PHE X CE1 1 
ATOM   263  C CE2 . PHE A 1 36  ? -3.184  1.001   -1.881  1.00 7.24  ? 36  PHE X CE2 1 
ATOM   264  C CZ  . PHE A 1 36  ? -3.001  2.386   -1.779  1.00 7.02  ? 36  PHE X CZ  1 
ATOM   265  N N   . ARG A 1 37  ? -7.988  2.562   -5.477  1.00 8.86  ? 37  ARG X N   1 
ATOM   266  C CA  . ARG A 1 37  ? -8.766  3.800   -5.548  1.00 8.49  ? 37  ARG X CA  1 
ATOM   267  C C   . ARG A 1 37  ? -10.015 3.811   -4.642  1.00 9.23  ? 37  ARG X C   1 
ATOM   268  O O   . ARG A 1 37  ? -10.160 4.746   -3.808  1.00 8.73  ? 37  ARG X O   1 
ATOM   269  C CB  . ARG A 1 37  ? -9.212  4.057   -6.953  1.00 8.91  ? 37  ARG X CB  1 
ATOM   270  C CG  . ARG A 1 37  ? -9.742  5.480   -7.216  1.00 9.06  ? 37  ARG X CG  1 
ATOM   271  C CD  . ARG A 1 37  ? -10.496 5.535   -8.541  1.00 9.61  ? 37  ARG X CD  1 
ATOM   272  N NE  . ARG A 1 37  ? -11.729 4.746   -8.523  1.00 9.82  ? 37  ARG X NE  1 
ATOM   273  C CZ  . ARG A 1 37  ? -12.826 5.030   -7.779  1.00 10.62 ? 37  ARG X CZ  1 
ATOM   274  N NH1 . ARG A 1 37  ? -12.943 6.134   -7.012  1.00 9.62  ? 37  ARG X NH1 1 
ATOM   275  N NH2 . ARG A 1 37  ? -13.826 4.147   -7.770  1.00 10.72 ? 37  ARG X NH2 1 
ATOM   276  N N   . ALA A 1 38  ? -10.880 2.791   -4.817  1.00 8.36  ? 38  ALA X N   1 
ATOM   277  C CA  . ALA A 1 38  ? -12.126 2.702   -4.127  1.00 8.55  ? 38  ALA X CA  1 
ATOM   278  C C   . ALA A 1 38  ? -11.893 2.488   -2.626  1.00 8.67  ? 38  ALA X C   1 
ATOM   279  O O   . ALA A 1 38  ? -12.638 3.061   -1.815  1.00 8.77  ? 38  ALA X O   1 
ATOM   280  C CB  . ALA A 1 38  ? -13.045 1.616   -4.748  1.00 8.41  ? 38  ALA X CB  1 
ATOM   281  N N   . LEU A 1 39  ? -10.859 1.726   -2.285  1.00 8.45  ? 39  LEU X N   1 
ATOM   282  C CA  . LEU A 1 39  ? -10.486 1.568   -0.896  1.00 8.88  ? 39  LEU X CA  1 
ATOM   283  C C   . LEU A 1 39  ? -9.959  2.836   -0.256  1.00 9.44  ? 39  LEU X C   1 
ATOM   284  O O   . LEU A 1 39  ? -10.126 3.000   0.951   1.00 9.24  ? 39  LEU X O   1 
ATOM   285  C CB  . LEU A 1 39  ? -9.505  0.423   -0.702  1.00 8.61  ? 39  LEU X CB  1 
ATOM   286  C CG  . LEU A 1 39  ? -10.007 -0.978  -1.020  1.00 8.84  ? 39  LEU X CG  1 
ATOM   287  C CD1 . LEU A 1 39  ? -8.843  -1.944  -0.938  1.00 9.36  ? 39  LEU X CD1 1 
ATOM   288  C CD2 . LEU A 1 39  ? -11.122 -1.447  -0.124  1.00 9.11  ? 39  LEU X CD2 1 
ATOM   289  N N   . CYS A 1 40  ? -9.322  3.733   -1.040  1.00 9.81  ? 40  CYS X N   1 
ATOM   290  C CA  . CYS A 1 40  ? -8.910  5.080   -0.527  1.00 10.16 ? 40  CYS X CA  1 
ATOM   291  C C   . CYS A 1 40  ? -10.110 5.972   -0.289  1.00 10.56 ? 40  CYS X C   1 
ATOM   292  O O   . CYS A 1 40  ? -10.150 6.629   0.746   1.00 11.22 ? 40  CYS X O   1 
ATOM   293  C CB  . CYS A 1 40  ? -7.903  5.786   -1.464  1.00 10.02 ? 40  CYS X CB  1 
ATOM   294  S SG  . CYS A 1 40  ? -6.262  5.007   -1.466  1.00 9.75  ? 40  CYS X SG  1 
ATOM   295  N N   . THR A 1 41  ? -11.079 5.966   -1.206  1.00 11.19 ? 41  THR X N   1 
ATOM   296  C CA  . THR A 1 41  ? -12.291 6.803   -1.062  1.00 12.15 ? 41  THR X CA  1 
ATOM   297  C C   . THR A 1 41  ? -13.244 6.302   0.006   1.00 12.92 ? 41  THR X C   1 
ATOM   298  O O   . THR A 1 41  ? -14.012 7.100   0.554   1.00 12.25 ? 41  THR X O   1 
ATOM   299  C CB  . THR A 1 41  ? -13.114 6.941   -2.374  1.00 12.27 ? 41  THR X CB  1 
ATOM   300  O OG1 . THR A 1 41  ? -13.715 5.678   -2.768  1.00 11.69 ? 41  THR X OG1 1 
ATOM   301  C CG2 . THR A 1 41  ? -12.211 7.516   -3.538  1.00 12.06 ? 41  THR X CG2 1 
ATOM   302  N N   . GLY A 1 42  ? -13.203 4.995   0.281   1.00 12.99 ? 42  GLY X N   1 
ATOM   303  C CA  . GLY A 1 42  ? -14.172 4.418   1.207   1.00 13.51 ? 42  GLY X CA  1 
ATOM   304  C C   . GLY A 1 42  ? -15.543 4.259   0.584   1.00 13.62 ? 42  GLY X C   1 
ATOM   305  O O   . GLY A 1 42  ? -16.469 3.995   1.288   1.00 14.85 ? 42  GLY X O   1 
ATOM   306  N N   . GLU A 1 43  ? -15.674 4.339   -0.729  1.00 12.84 ? 43  GLU X N   1 
ATOM   307  C CA  . GLU A 1 43  ? -16.995 4.400   -1.373  1.00 14.39 ? 43  GLU X CA  1 
ATOM   308  C C   . GLU A 1 43  ? -17.821 3.128   -1.361  1.00 14.41 ? 43  GLU X C   1 
ATOM   309  O O   . GLU A 1 43  ? -19.046 3.176   -1.566  1.00 15.26 ? 43  GLU X O   1 
ATOM   310  C CB  . GLU A 1 43  ? -16.896 4.921   -2.806  1.00 14.40 ? 43  GLU X CB  1 
ATOM   311  C CG  . GLU A 1 43  ? -16.244 3.925   -3.784  1.00 15.39 ? 43  GLU X CG  1 
ATOM   312  C CD  . GLU A 1 43  ? -15.804 4.641   -5.031  1.00 15.49 ? 43  GLU X CD  1 
ATOM   313  O OE1 . GLU A 1 43  ? -15.007 5.635   -4.921  1.00 16.35 ? 43  GLU X OE1 1 
ATOM   314  O OE2 . GLU A 1 43  ? -16.247 4.240   -6.110  1.00 15.66 ? 43  GLU X OE2 1 
ATOM   315  N N   . LYS A 1 44  ? -17.195 2.003   -1.061  1.00 13.53 ? 44  LYS X N   1 
ATOM   316  C CA  . LYS A 1 44  ? -17.941 0.781   -0.878  1.00 13.60 ? 44  LYS X CA  1 
ATOM   317  C C   . LYS A 1 44  ? -18.404 0.591   0.561   1.00 12.74 ? 44  LYS X C   1 
ATOM   318  O O   . LYS A 1 44  ? -19.002 -0.444  0.853   1.00 13.22 ? 44  LYS X O   1 
ATOM   319  C CB  . LYS A 1 44  ? -17.114 -0.442  -1.292  1.00 14.74 ? 44  LYS X CB  1 
ATOM   320  C CG  . LYS A 1 44  ? -16.587 -0.437  -2.726  1.00 14.92 ? 44  LYS X CG  1 
ATOM   321  C CD  . LYS A 1 44  ? -17.653 -0.221  -3.761  1.00 15.86 ? 44  LYS X CD  1 
ATOM   322  C CE  . LYS A 1 44  ? -17.031 -0.279  -5.144  1.00 17.06 ? 44  LYS X CE  1 
ATOM   323  N NZ  . LYS A 1 44  ? -18.156 -0.142  -6.093  1.00 17.95 ? 44  LYS X NZ  1 
ATOM   324  N N   . GLY A 1 45  ? -18.132 1.547   1.453   1.00 11.83 ? 45  GLY X N   1 
ATOM   325  C CA  . GLY A 1 45  ? -18.465 1.414   2.894   1.00 11.84 ? 45  GLY X CA  1 
ATOM   326  C C   . GLY A 1 45  ? -17.386 0.755   3.776   1.00 11.91 ? 45  GLY X C   1 
ATOM   327  O O   . GLY A 1 45  ? -17.578 0.536   4.980   1.00 10.87 ? 45  GLY X O   1 
ATOM   328  N N   . PHE A 1 46  ? -16.257 0.408   3.154   1.00 11.58 ? 46  PHE X N   1 
ATOM   329  C CA  . PHE A 1 46  ? -15.038 0.006   3.810   1.00 11.53 ? 46  PHE X CA  1 
ATOM   330  C C   . PHE A 1 46  ? -13.788 0.560   3.091   1.00 10.67 ? 46  PHE X C   1 
ATOM   331  O O   . PHE A 1 46  ? -13.849 1.036   1.943   1.00 9.72  ? 46  PHE X O   1 
ATOM   332  C CB  . PHE A 1 46  ? -14.983 -1.505  3.932   1.00 12.51 ? 46  PHE X CB  1 
ATOM   333  C CG  . PHE A 1 46  ? -15.248 -2.257  2.641   1.00 14.86 ? 46  PHE X CG  1 
ATOM   334  C CD1 . PHE A 1 46  ? -16.531 -2.674  2.311   1.00 15.22 ? 46  PHE X CD1 1 
ATOM   335  C CD2 . PHE A 1 46  ? -14.176 -2.632  1.787   1.00 15.83 ? 46  PHE X CD2 1 
ATOM   336  C CE1 . PHE A 1 46  ? -16.741 -3.393  1.133   1.00 16.71 ? 46  PHE X CE1 1 
ATOM   337  C CE2 . PHE A 1 46  ? -14.390 -3.347  0.621   1.00 15.75 ? 46  PHE X CE2 1 
ATOM   338  C CZ  . PHE A 1 46  ? -15.683 -3.706  0.274   1.00 15.79 ? 46  PHE X CZ  1 
ATOM   339  N N   . GLY A 1 47  ? -12.653 0.482   3.765   1.00 10.26 ? 47  GLY X N   1 
ATOM   340  C CA  . GLY A 1 47  ? -11.372 0.916   3.150   1.00 10.27 ? 47  GLY X CA  1 
ATOM   341  C C   . GLY A 1 47  ? -10.283 1.226   4.123   1.00 10.20 ? 47  GLY X C   1 
ATOM   342  O O   . GLY A 1 47  ? -10.396 0.859   5.295   1.00 10.07 ? 47  GLY X O   1 
ATOM   343  N N   . TYR A 1 48  ? -9.226  1.898   3.642   1.00 9.96  ? 48  TYR X N   1 
ATOM   344  C CA  . TYR A 1 48  ? -7.984  2.080   4.420   1.00 10.09 ? 48  TYR X CA  1 
ATOM   345  C C   . TYR A 1 48  ? -8.048  3.073   5.613   1.00 10.62 ? 48  TYR X C   1 
ATOM   346  O O   . TYR A 1 48  ? -7.170  3.051   6.460   1.00 11.33 ? 48  TYR X O   1 
ATOM   347  C CB  . TYR A 1 48  ? -6.840  2.502   3.516   1.00 9.50  ? 48  TYR X CB  1 
ATOM   348  C CG  . TYR A 1 48  ? -6.481  1.510   2.410   1.00 8.96  ? 48  TYR X CG  1 
ATOM   349  C CD1 . TYR A 1 48  ? -6.234  0.187   2.711   1.00 8.82  ? 48  TYR X CD1 1 
ATOM   350  C CD2 . TYR A 1 48  ? -6.416  1.907   1.069   1.00 9.10  ? 48  TYR X CD2 1 
ATOM   351  C CE1 . TYR A 1 48  ? -5.904  -0.703  1.737   1.00 8.79  ? 48  TYR X CE1 1 
ATOM   352  C CE2 . TYR A 1 48  ? -6.074  1.006   0.058   1.00 8.72  ? 48  TYR X CE2 1 
ATOM   353  C CZ  . TYR A 1 48  ? -5.811  -0.294  0.415   1.00 8.44  ? 48  TYR X CZ  1 
ATOM   354  O OH  . TYR A 1 48  ? -5.502  -1.240  -0.521  1.00 8.52  ? 48  TYR X OH  1 
ATOM   355  N N   . LYS A 1 49  ? -9.043  3.933   5.669   1.00 11.70 ? 49  LYS X N   1 
ATOM   356  C CA  . LYS A 1 49  ? -9.096  4.975   6.689   1.00 13.15 ? 49  LYS X CA  1 
ATOM   357  C C   . LYS A 1 49  ? -9.136  4.326   8.072   1.00 13.88 ? 49  LYS X C   1 
ATOM   358  O O   . LYS A 1 49  ? -9.919  3.439   8.292   1.00 13.92 ? 49  LYS X O   1 
ATOM   359  C CB  . LYS A 1 49  ? -10.309 5.864   6.497   1.00 14.62 ? 49  LYS X CB  1 
ATOM   360  C CG  . LYS A 1 49  ? -10.283 7.082   7.401   1.00 17.18 ? 49  LYS X CG  1 
ATOM   361  C CD  . LYS A 1 49  ? -11.306 8.113   7.000   1.00 19.33 ? 49  LYS X CD  1 
ATOM   362  C CE  . LYS A 1 49  ? -11.375 9.210   8.064   1.00 20.29 ? 49  LYS X CE  1 
ATOM   363  N NZ  . LYS A 1 49  ? -11.713 10.466  7.371   1.00 22.06 ? 49  LYS X NZ  1 
ATOM   364  N N   . GLY A 1 50  ? -8.257  4.736   8.984   1.00 14.72 ? 50  GLY X N   1 
ATOM   365  C CA  . GLY A 1 50  ? -8.176  4.156   10.324  1.00 14.74 ? 50  GLY X CA  1 
ATOM   366  C C   . GLY A 1 50  ? -7.236  2.983   10.439  1.00 15.01 ? 50  GLY X C   1 
ATOM   367  O O   . GLY A 1 50  ? -6.890  2.599   11.515  1.00 15.55 ? 50  GLY X O   1 
ATOM   368  N N   . SER A 1 51  ? -6.748  2.421   9.334   1.00 16.03 ? 51  SER X N   1 
ATOM   369  C CA  . SER A 1 51  ? -5.930  1.239   9.432   1.00 15.91 ? 51  SER X CA  1 
ATOM   370  C C   . SER A 1 51  ? -4.450  1.652   9.503   1.00 14.76 ? 51  SER X C   1 
ATOM   371  O O   . SER A 1 51  ? -4.125  2.843   9.439   1.00 14.21 ? 51  SER X O   1 
ATOM   372  C CB  . SER A 1 51  ? -6.223  0.283   8.263   1.00 17.64 ? 51  SER X CB  1 
ATOM   373  O OG  . SER A 1 51  ? -5.827  0.853   7.036   1.00 18.18 ? 51  SER X OG  1 
ATOM   374  N N   . THR A 1 52  ? -3.583  0.653   9.659   1.00 13.44 ? 52  THR X N   1 
ATOM   375  C CA  . THR A 1 52  ? -2.212  0.845   10.064  1.00 13.67 ? 52  THR X CA  1 
ATOM   376  C C   . THR A 1 52  ? -1.199  0.250   9.113   1.00 12.90 ? 52  THR X C   1 
ATOM   377  O O   . THR A 1 52  ? -1.502  -0.677  8.366   1.00 12.02 ? 52  THR X O   1 
ATOM   378  C CB  . THR A 1 52  ? -1.907  0.119   11.403  1.00 14.28 ? 52  THR X CB  1 
ATOM   379  O OG1 . THR A 1 52  ? -1.905  -1.277  11.122  1.00 15.58 ? 52  THR X OG1 1 
ATOM   380  C CG2 . THR A 1 52  ? -2.925  0.460   12.570  1.00 14.60 ? 52  THR X CG2 1 
ATOM   381  N N   . PHE A 1 53  ? 0.022   0.768   9.198   1.00 12.81 ? 53  PHE X N   1 
ATOM   382  C CA  . PHE A 1 53  ? 1.195   0.089   8.632   1.00 13.50 ? 53  PHE X CA  1 
ATOM   383  C C   . PHE A 1 53  ? 1.646   -0.884  9.698   1.00 13.97 ? 53  PHE X C   1 
ATOM   384  O O   . PHE A 1 53  ? 2.289   -0.495  10.667  1.00 14.56 ? 53  PHE X O   1 
ATOM   385  C CB  . PHE A 1 53  ? 2.339   1.075   8.238   1.00 12.74 ? 53  PHE X CB  1 
ATOM   386  C CG  . PHE A 1 53  ? 2.073   1.827   6.955   1.00 12.38 ? 53  PHE X CG  1 
ATOM   387  C CD1 . PHE A 1 53  ? 1.223   2.923   6.934   1.00 12.56 ? 53  PHE X CD1 1 
ATOM   388  C CD2 . PHE A 1 53  ? 2.680   1.438   5.769   1.00 12.46 ? 53  PHE X CD2 1 
ATOM   389  C CE1 . PHE A 1 53  ? 0.957   3.601   5.751   1.00 11.94 ? 53  PHE X CE1 1 
ATOM   390  C CE2 . PHE A 1 53  ? 2.409   2.098   4.598   1.00 12.14 ? 53  PHE X CE2 1 
ATOM   391  C CZ  . PHE A 1 53  ? 1.559   3.197   4.598   1.00 12.25 ? 53  PHE X CZ  1 
ATOM   392  N N   . HIS A 1 54  ? 1.292   -2.148  9.504   1.00 14.30 ? 54  HIS X N   1 
ATOM   393  C CA  . HIS A 1 54  ? 1.494   -3.198  10.516  1.00 14.66 ? 54  HIS X CA  1 
ATOM   394  C C   . HIS A 1 54  ? 2.853   -3.893  10.335  1.00 15.98 ? 54  HIS X C   1 
ATOM   395  O O   . HIS A 1 54  ? 3.292   -4.553  11.277  1.00 16.54 ? 54  HIS X O   1 
ATOM   396  C CB  . HIS A 1 54  ? 0.373   -4.253  10.484  1.00 13.94 ? 54  HIS X CB  1 
ATOM   397  C CG  . HIS A 1 54  ? 0.325   -5.051  9.213   1.00 13.55 ? 54  HIS X CG  1 
ATOM   398  N ND1 . HIS A 1 54  ? -0.318  -4.610  8.076   1.00 13.74 ? 54  HIS X ND1 1 
ATOM   399  C CD2 . HIS A 1 54  ? 0.891   -6.228  8.883   1.00 13.53 ? 54  HIS X CD2 1 
ATOM   400  C CE1 . HIS A 1 54  ? -0.169  -5.491  7.110   1.00 13.52 ? 54  HIS X CE1 1 
ATOM   401  N NE2 . HIS A 1 54  ? 0.568   -6.484  7.577   1.00 13.68 ? 54  HIS X NE2 1 
ATOM   402  N N   . ARG A 1 55  ? 3.517   -3.718  9.182   1.00 16.01 ? 55  ARG X N   1 
ATOM   403  C CA  . ARG A 1 55  ? 4.787   -4.355  8.949   1.00 19.02 ? 55  ARG X CA  1 
ATOM   404  C C   . ARG A 1 55  ? 5.747   -3.498  8.135   1.00 17.27 ? 55  ARG X C   1 
ATOM   405  O O   . ARG A 1 55  ? 5.517   -3.277  6.946   1.00 17.16 ? 55  ARG X O   1 
ATOM   406  C CB  . ARG A 1 55  ? 4.510   -5.685  8.274   1.00 24.24 ? 55  ARG X CB  1 
ATOM   407  C CG  . ARG A 1 55  ? 5.424   -6.777  8.696   1.00 31.13 ? 55  ARG X CG  1 
ATOM   408  C CD  . ARG A 1 55  ? 6.487   -6.972  7.665   1.00 36.86 ? 55  ARG X CD  1 
ATOM   409  N NE  . ARG A 1 55  ? 6.142   -8.133  6.853   1.00 42.91 ? 55  ARG X NE  1 
ATOM   410  C CZ  . ARG A 1 55  ? 6.527   -9.383  7.109   1.00 45.56 ? 55  ARG X CZ  1 
ATOM   411  N NH1 . ARG A 1 55  ? 7.288   -9.688  8.193   1.00 45.28 ? 55  ARG X NH1 1 
ATOM   412  N NH2 . ARG A 1 55  ? 6.152   -10.335 6.251   1.00 50.55 ? 55  ARG X NH2 1 
ATOM   413  N N   . VAL A 1 56  ? 6.810   -3.007  8.790   1.00 14.80 ? 56  VAL X N   1 
ATOM   414  C CA  . VAL A 1 56  ? 7.757   -2.050  8.226   1.00 14.34 ? 56  VAL X CA  1 
ATOM   415  C C   . VAL A 1 56  ? 9.194   -2.501  8.472   1.00 13.68 ? 56  VAL X C   1 
ATOM   416  O O   . VAL A 1 56  ? 9.629   -2.642  9.602   1.00 12.27 ? 56  VAL X O   1 
ATOM   417  C CB  . VAL A 1 56  ? 7.573   -0.628  8.816   1.00 14.81 ? 56  VAL X CB  1 
ATOM   418  C CG1 . VAL A 1 56  ? 8.463   0.392   8.085   1.00 15.65 ? 56  VAL X CG1 1 
ATOM   419  C CG2 . VAL A 1 56  ? 6.153   -0.155  8.667   1.00 15.87 ? 56  VAL X CG2 1 
ATOM   420  N N   . ILE A 1 57  ? 9.928   -2.741  7.397   1.00 13.44 ? 57  ILE X N   1 
ATOM   421  C CA  . ILE A 1 57  ? 11.297  -3.216  7.506   1.00 13.81 ? 57  ILE X CA  1 
ATOM   422  C C   . ILE A 1 57  ? 12.225  -2.230  6.772   1.00 14.86 ? 57  ILE X C   1 
ATOM   423  O O   . ILE A 1 57  ? 12.166  -2.164  5.543   1.00 16.52 ? 57  ILE X O   1 
ATOM   424  C CB  . ILE A 1 57  ? 11.456  -4.623  6.882   1.00 12.71 ? 57  ILE X CB  1 
ATOM   425  C CG1 . ILE A 1 57  ? 10.427  -5.623  7.492   1.00 12.47 ? 57  ILE X CG1 1 
ATOM   426  C CG2 . ILE A 1 57  ? 12.923  -5.068  6.979   1.00 11.81 ? 57  ILE X CG2 1 
ATOM   427  C CD1 . ILE A 1 57  ? 10.387  -7.001  6.815   1.00 12.02 ? 57  ILE X CD1 1 
ATOM   428  N N   . PRO A 1 58  ? 13.134  -1.531  7.499   1.00 15.86 ? 58  PRO X N   1 
ATOM   429  C CA  . PRO A 1 58  ? 14.123  -0.627  6.856   1.00 15.65 ? 58  PRO X CA  1 
ATOM   430  C C   . PRO A 1 58  ? 14.921  -1.254  5.718   1.00 16.05 ? 58  PRO X C   1 
ATOM   431  O O   . PRO A 1 58  ? 15.204  -2.425  5.769   1.00 14.19 ? 58  PRO X O   1 
ATOM   432  C CB  . PRO A 1 58  ? 15.046  -0.269  8.012   1.00 15.49 ? 58  PRO X CB  1 
ATOM   433  C CG  . PRO A 1 58  ? 14.154  -0.293  9.213   1.00 15.59 ? 58  PRO X CG  1 
ATOM   434  C CD  . PRO A 1 58  ? 13.292  -1.510  8.977   1.00 15.38 ? 58  PRO X CD  1 
ATOM   435  N N   . SER A 1 59  ? 15.169  -0.477  4.649   1.00 18.19 ? 59  SER X N   1 
ATOM   436  C CA  . SER A 1 59  ? 15.761  -0.949  3.390   1.00 18.82 ? 59  SER X CA  1 
ATOM   437  C C   . SER A 1 59  ? 15.044  -2.090  2.755   1.00 18.82 ? 59  SER X C   1 
ATOM   438  O O   . SER A 1 59  ? 15.670  -2.929  2.114   1.00 19.44 ? 59  SER X O   1 
ATOM   439  C CB  . SER A 1 59  ? 17.230  -1.336  3.568   1.00 21.25 ? 59  SER X CB  1 
ATOM   440  O OG  . SER A 1 59  ? 17.816  -0.429  4.469   1.00 24.36 ? 59  SER X OG  1 
ATOM   441  N N   . PHE A 1 60  ? 13.721  -2.113  2.910   1.00 18.12 ? 60  PHE X N   1 
ATOM   442  C CA  . PHE A 1 60  ? 12.889  -3.057  2.189   1.00 16.93 ? 60  PHE X CA  1 
ATOM   443  C C   . PHE A 1 60  ? 11.556  -2.374  1.814   1.00 15.81 ? 60  PHE X C   1 
ATOM   444  O O   . PHE A 1 60  ? 11.370  -1.996  0.650   1.00 15.01 ? 60  PHE X O   1 
ATOM   445  C CB  . PHE A 1 60  ? 12.734  -4.322  3.032   1.00 16.37 ? 60  PHE X CB  1 
ATOM   446  C CG  . PHE A 1 60  ? 11.980  -5.449  2.390   1.00 17.23 ? 60  PHE X CG  1 
ATOM   447  C CD1 . PHE A 1 60  ? 11.687  -5.488  1.013   1.00 18.67 ? 60  PHE X CD1 1 
ATOM   448  C CD2 . PHE A 1 60  ? 11.578  -6.522  3.191   1.00 17.72 ? 60  PHE X CD2 1 
ATOM   449  C CE1 . PHE A 1 60  ? 11.005  -6.565  0.478   1.00 19.61 ? 60  PHE X CE1 1 
ATOM   450  C CE2 . PHE A 1 60  ? 10.885  -7.589  2.663   1.00 18.16 ? 60  PHE X CE2 1 
ATOM   451  C CZ  . PHE A 1 60  ? 10.593  -7.611  1.297   1.00 19.75 ? 60  PHE X CZ  1 
ATOM   452  N N   . MET A 1 61  ? 10.649  -2.207  2.775   1.00 14.79 ? 61  MET X N   1 
ATOM   453  C CA  . MET A 1 61  ? 9.325   -1.715  2.441   1.00 14.22 ? 61  MET X CA  1 
ATOM   454  C C   . MET A 1 61  ? 8.482   -1.438  3.636   1.00 13.58 ? 61  MET X C   1 
ATOM   455  O O   . MET A 1 61  ? 8.788   -1.883  4.743   1.00 13.99 ? 61  MET X O   1 
ATOM   456  C CB  . MET A 1 61  ? 8.585   -2.711  1.532   1.00 15.82 ? 61  MET X CB  1 
ATOM   457  C CG  . MET A 1 61  ? 8.426   -4.136  2.091   1.00 17.41 ? 61  MET X CG  1 
ATOM   458  S SD  . MET A 1 61  ? 6.962   -4.320  3.127   1.00 19.17 ? 61  MET X SD  1 
ATOM   459  C CE  . MET A 1 61  ? 7.691   -5.046  4.586   1.00 19.86 ? 61  MET X CE  1 
ATOM   460  N N   . CYS A 1 62  ? 7.414   -0.688  3.385   1.00 12.97 ? 62  CYS X N   1 
ATOM   461  C CA  . CYS A 1 62  ? 6.341   -0.378  4.356   1.00 12.32 ? 62  CYS X CA  1 
ATOM   462  C C   . CYS A 1 62  ? 5.008   -1.002  3.912   1.00 11.35 ? 62  CYS X C   1 
ATOM   463  O O   . CYS A 1 62  ? 4.462   -0.647  2.846   1.00 9.99  ? 62  CYS X O   1 
ATOM   464  C CB  . CYS A 1 62  ? 6.198   1.122   4.470   1.00 12.75 ? 62  CYS X CB  1 
ATOM   465  S SG  . CYS A 1 62  ? 7.771   1.973   4.761   1.00 14.74 ? 62  CYS X SG  1 
ATOM   466  N N   . GLN A 1 63  ? 4.513   -1.947  4.721   1.00 10.78 ? 63  GLN X N   1 
ATOM   467  C CA  . GLN A 1 63  ? 3.251   -2.700  4.461   1.00 10.34 ? 63  GLN X CA  1 
ATOM   468  C C   . GLN A 1 63  ? 2.049   -2.259  5.339   1.00 10.24 ? 63  GLN X C   1 
ATOM   469  O O   . GLN A 1 63  ? 2.147   -2.116  6.545   1.00 9.13  ? 63  GLN X O   1 
ATOM   470  C CB  . GLN A 1 63  ? 3.510   -4.164  4.627   1.00 10.56 ? 63  GLN X CB  1 
ATOM   471  C CG  . GLN A 1 63  ? 2.407   -5.090  4.144   1.00 11.77 ? 63  GLN X CG  1 
ATOM   472  C CD  . GLN A 1 63  ? 2.779   -6.583  4.258   1.00 12.33 ? 63  GLN X CD  1 
ATOM   473  O OE1 . GLN A 1 63  ? 3.952   -6.926  4.242   1.00 14.66 ? 63  GLN X OE1 1 
ATOM   474  N NE2 . GLN A 1 63  ? 1.778   -7.470  4.274   1.00 12.83 ? 63  GLN X NE2 1 
ATOM   475  N N   . ALA A 1 64  ? 0.900   -2.077  4.696   1.00 10.53 ? 64  ALA X N   1 
ATOM   476  C CA  . ALA A 1 64  ? -0.328  -1.663  5.362   1.00 10.49 ? 64  ALA X CA  1 
ATOM   477  C C   . ALA A 1 64  ? -1.520  -2.307  4.661   1.00 11.12 ? 64  ALA X C   1 
ATOM   478  O O   . ALA A 1 64  ? -1.352  -3.091  3.693   1.00 10.22 ? 64  ALA X O   1 
ATOM   479  C CB  . ALA A 1 64  ? -0.471  -0.141  5.282   1.00 10.33 ? 64  ALA X CB  1 
ATOM   480  N N   . GLY A 1 65  ? -2.714  -1.989  5.174   1.00 10.87 ? 65  GLY X N   1 
ATOM   481  C CA  . GLY A 1 65  ? -3.964  -2.294  4.493   1.00 11.65 ? 65  GLY X CA  1 
ATOM   482  C C   . GLY A 1 65  ? -4.882  -3.380  5.073   1.00 11.87 ? 65  GLY X C   1 
ATOM   483  O O   . GLY A 1 65  ? -5.915  -3.681  4.454   1.00 11.65 ? 65  GLY X O   1 
ATOM   484  N N   . ASP A 1 66  ? -4.515  -3.981  6.217   1.00 12.56 ? 66  ASP X N   1 
ATOM   485  C CA  . ASP A 1 66  ? -5.374  -4.959  6.870   1.00 13.47 ? 66  ASP X CA  1 
ATOM   486  C C   . ASP A 1 66  ? -6.401  -4.202  7.743   1.00 15.40 ? 66  ASP X C   1 
ATOM   487  O O   . ASP A 1 66  ? -6.179  -3.954  8.945   1.00 13.18 ? 66  ASP X O   1 
ATOM   488  C CB  . ASP A 1 66  ? -4.575  -5.968  7.699   1.00 14.82 ? 66  ASP X CB  1 
ATOM   489  C CG  . ASP A 1 66  ? -5.488  -7.000  8.379   1.00 15.96 ? 66  ASP X CG  1 
ATOM   490  O OD1 . ASP A 1 66  ? -6.736  -6.831  8.267   1.00 16.53 ? 66  ASP X OD1 1 
ATOM   491  O OD2 . ASP A 1 66  ? -4.985  -7.941  9.022   1.00 14.11 ? 66  ASP X OD2 1 
ATOM   492  N N   . PHE A 1 67  ? -7.517  -3.837  7.100   1.00 15.16 ? 67  PHE X N   1 
ATOM   493  C CA  . PHE A 1 67  ? -8.548  -3.026  7.730   1.00 16.70 ? 67  PHE X CA  1 
ATOM   494  C C   . PHE A 1 67  ? -9.649  -3.914  8.324   1.00 18.23 ? 67  PHE X C   1 
ATOM   495  O O   . PHE A 1 67  ? -10.653 -3.403  8.804   1.00 18.74 ? 67  PHE X O   1 
ATOM   496  C CB  . PHE A 1 67  ? -9.096  -1.934  6.771   1.00 15.38 ? 67  PHE X CB  1 
ATOM   497  C CG  . PHE A 1 67  ? -9.761  -2.474  5.525   1.00 16.25 ? 67  PHE X CG  1 
ATOM   498  C CD1 . PHE A 1 67  ? -11.055 -3.037  5.569   1.00 16.13 ? 67  PHE X CD1 1 
ATOM   499  C CD2 . PHE A 1 67  ? -9.106  -2.405  4.283   1.00 14.61 ? 67  PHE X CD2 1 
ATOM   500  C CE1 . PHE A 1 67  ? -11.634 -3.569  4.408   1.00 17.44 ? 67  PHE X CE1 1 
ATOM   501  C CE2 . PHE A 1 67  ? -9.710  -2.889  3.136   1.00 15.62 ? 67  PHE X CE2 1 
ATOM   502  C CZ  . PHE A 1 67  ? -10.952 -3.500  3.184   1.00 15.88 ? 67  PHE X CZ  1 
ATOM   503  N N   . THR A 1 68  ? -9.510  -5.238  8.251   1.00 19.38 ? 68  THR X N   1 
ATOM   504  C CA  . THR A 1 68  ? -10.511 -6.125  8.857   1.00 21.02 ? 68  THR X CA  1 
ATOM   505  C C   . THR A 1 68  ? -10.041 -6.689  10.177  1.00 22.91 ? 68  THR X C   1 
ATOM   506  O O   . THR A 1 68  ? -10.811 -6.740  11.103  1.00 24.21 ? 68  THR X O   1 
ATOM   507  C CB  . THR A 1 68  ? -10.931 -7.270  7.938   1.00 20.30 ? 68  THR X CB  1 
ATOM   508  O OG1 . THR A 1 68  ? -9.833  -8.167  7.741   1.00 19.53 ? 68  THR X OG1 1 
ATOM   509  C CG2 . THR A 1 68  ? -11.433 -6.698  6.589   1.00 21.52 ? 68  THR X CG2 1 
ATOM   510  N N   . ASN A 1 69  ? -8.771  -7.103  10.253  1.00 25.53 ? 69  ASN X N   1 
ATOM   511  C CA  . ASN A 1 69  ? -8.225  -7.724  11.446  1.00 26.14 ? 69  ASN X CA  1 
ATOM   512  C C   . ASN A 1 69  ? -7.104  -6.904  12.063  1.00 27.89 ? 69  ASN X C   1 
ATOM   513  O O   . ASN A 1 69  ? -6.675  -7.201  13.157  1.00 26.17 ? 69  ASN X O   1 
ATOM   514  C CB  . ASN A 1 69  ? -7.703  -9.125  11.094  1.00 27.56 ? 69  ASN X CB  1 
ATOM   515  C CG  . ASN A 1 69  ? -8.795  -10.053 10.621  1.00 28.92 ? 69  ASN X CG  1 
ATOM   516  O OD1 . ASN A 1 69  ? -9.899  -10.013 11.116  1.00 38.45 ? 69  ASN X OD1 1 
ATOM   517  N ND2 . ASN A 1 69  ? -8.492  -10.892 9.683   1.00 30.45 ? 69  ASN X ND2 1 
ATOM   518  N N   . HIS A 1 70  ? -6.584  -5.906  11.346  1.00 29.31 ? 70  HIS X N   1 
ATOM   519  C CA  . HIS A 1 70  ? -5.485  -5.074  11.841  1.00 29.81 ? 70  HIS X CA  1 
ATOM   520  C C   . HIS A 1 70  ? -4.138  -5.825  12.168  1.00 34.05 ? 70  HIS X C   1 
ATOM   521  O O   . HIS A 1 70  ? -3.133  -5.185  12.488  1.00 36.07 ? 70  HIS X O   1 
ATOM   522  C CB  . HIS A 1 70  ? -6.006  -4.171  12.984  1.00 29.30 ? 70  HIS X CB  1 
ATOM   523  C CG  . HIS A 1 70  ? -7.244  -3.414  12.615  1.00 26.82 ? 70  HIS X CG  1 
ATOM   524  N ND1 . HIS A 1 70  ? -7.224  -2.333  11.756  1.00 27.88 ? 70  HIS X ND1 1 
ATOM   525  C CD2 . HIS A 1 70  ? -8.546  -3.619  12.925  1.00 26.80 ? 70  HIS X CD2 1 
ATOM   526  C CE1 . HIS A 1 70  ? -8.457  -1.883  11.583  1.00 26.45 ? 70  HIS X CE1 1 
ATOM   527  N NE2 . HIS A 1 70  ? -9.281  -2.658  12.265  1.00 24.48 ? 70  HIS X NE2 1 
ATOM   528  N N   . ASN A 1 71  ? -4.079  -7.144  11.972  1.00 31.18 ? 71  ASN X N   1 
ATOM   529  C CA  . ASN A 1 71  ? -2.884  -7.913  12.334  1.00 29.15 ? 71  ASN X CA  1 
ATOM   530  C C   . ASN A 1 71  ? -2.055  -8.494  11.187  1.00 28.25 ? 71  ASN X C   1 
ATOM   531  O O   . ASN A 1 71  ? -1.148  -9.298  11.437  1.00 33.36 ? 71  ASN X O   1 
ATOM   532  C CB  . ASN A 1 71  ? -3.270  -9.001  13.374  1.00 30.27 ? 71  ASN X CB  1 
ATOM   533  C CG  . ASN A 1 71  ? -4.331  -9.988  12.882  1.00 28.58 ? 71  ASN X CG  1 
ATOM   534  O OD1 . ASN A 1 71  ? -5.072  -10.538 13.672  1.00 29.77 ? 71  ASN X OD1 1 
ATOM   535  N ND2 . ASN A 1 71  ? -4.348  -10.257 11.605  1.00 26.18 ? 71  ASN X ND2 1 
ATOM   536  N N   . GLY A 1 72  ? -2.350  -8.154  9.926   1.00 25.08 ? 72  GLY X N   1 
ATOM   537  C CA  . GLY A 1 72  ? -1.623  -8.735  8.807   1.00 19.84 ? 72  GLY X CA  1 
ATOM   538  C C   . GLY A 1 72  ? -2.159  -10.006 8.199   1.00 18.97 ? 72  GLY X C   1 
ATOM   539  O O   . GLY A 1 72  ? -1.597  -10.536 7.195   1.00 18.75 ? 72  GLY X O   1 
ATOM   540  N N   . THR A 1 73  ? -3.291  -10.469 8.718   1.00 15.86 ? 73  THR X N   1 
ATOM   541  C CA  . THR A 1 73  ? -3.968  -11.674 8.221   1.00 15.17 ? 73  THR X CA  1 
ATOM   542  C C   . THR A 1 73  ? -5.186  -11.321 7.328   1.00 14.11 ? 73  THR X C   1 
ATOM   543  O O   . THR A 1 73  ? -5.547  -12.106 6.563   1.00 13.65 ? 73  THR X O   1 
ATOM   544  C CB  . THR A 1 73  ? -4.530  -12.579 9.346   1.00 15.14 ? 73  THR X CB  1 
ATOM   545  O OG1 . THR A 1 73  ? -5.487  -11.824 10.105  1.00 14.30 ? 73  THR X OG1 1 
ATOM   546  C CG2 . THR A 1 73  ? -3.440  -13.110 10.239  1.00 15.59 ? 73  THR X CG2 1 
ATOM   547  N N   . GLY A 1 74  ? -5.807  -10.162 7.472   1.00 15.15 ? 74  GLY X N   1 
ATOM   548  C CA  . GLY A 1 74  ? -7.047  -9.817  6.763   1.00 15.20 ? 74  GLY X CA  1 
ATOM   549  C C   . GLY A 1 74  ? -6.952  -8.773  5.652   1.00 15.61 ? 74  GLY X C   1 
ATOM   550  O O   . GLY A 1 74  ? -5.931  -8.648  4.968   1.00 17.18 ? 74  GLY X O   1 
ATOM   551  N N   . GLY A 1 75  ? -7.992  -7.962  5.527   1.00 14.77 ? 75  GLY X N   1 
ATOM   552  C CA  . GLY A 1 75  ? -8.224  -7.221  4.307   1.00 14.54 ? 75  GLY X CA  1 
ATOM   553  C C   . GLY A 1 75  ? -9.136  -7.936  3.319   1.00 13.62 ? 75  GLY X C   1 
ATOM   554  O O   . GLY A 1 75  ? -9.384  -9.152  3.398   1.00 13.06 ? 75  GLY X O   1 
ATOM   555  N N   . LYS A 1 76  ? -9.687  -7.144  2.405   1.00 13.37 ? 76  LYS X N   1 
ATOM   556  C CA  . LYS A 1 76  ? -10.533 -7.645  1.340   1.00 12.61 ? 76  LYS X CA  1 
ATOM   557  C C   . LYS A 1 76  ? -10.602 -6.616  0.239   1.00 11.44 ? 76  LYS X C   1 
ATOM   558  O O   . LYS A 1 76  ? -10.356 -5.444  0.475   1.00 10.59 ? 76  LYS X O   1 
ATOM   559  C CB  . LYS A 1 76  ? -11.940 -7.976  1.863   1.00 14.15 ? 76  LYS X CB  1 
ATOM   560  C CG  . LYS A 1 76  ? -12.648 -6.818  2.506   1.00 15.29 ? 76  LYS X CG  1 
ATOM   561  C CD  . LYS A 1 76  ? -14.114 -7.086  2.724   1.00 16.89 ? 76  LYS X CD  1 
ATOM   562  C CE  . LYS A 1 76  ? -14.746 -5.864  3.427   1.00 17.94 ? 76  LYS X CE  1 
ATOM   563  N NZ  . LYS A 1 76  ? -16.094 -6.141  3.954   1.00 18.87 ? 76  LYS X NZ  1 
ATOM   564  N N   . SER A 1 77  ? -10.895 -7.084  -0.972  1.00 10.56 ? 77  SER X N   1 
ATOM   565  C CA  . SER A 1 77  ? -10.954 -6.249  -2.129  1.00 10.31 ? 77  SER X CA  1 
ATOM   566  C C   . SER A 1 77  ? -12.414 -5.884  -2.347  1.00 10.35 ? 77  SER X C   1 
ATOM   567  O O   . SER A 1 77  ? -13.310 -6.449  -1.735  1.00 10.24 ? 77  SER X O   1 
ATOM   568  C CB  . SER A 1 77  ? -10.398 -6.985  -3.345  1.00 10.37 ? 77  SER X CB  1 
ATOM   569  O OG  . SER A 1 77  ? -11.365 -7.819  -3.913  1.00 9.73  ? 77  SER X OG  1 
ATOM   570  N N   . ILE A 1 78  ? -12.622 -4.938  -3.247  1.00 10.14 ? 78  ILE X N   1 
ATOM   571  C CA  . ILE A 1 78  ? -13.966 -4.549  -3.707  1.00 9.91  ? 78  ILE X CA  1 
ATOM   572  C C   . ILE A 1 78  ? -14.632 -5.629  -4.573  1.00 10.19 ? 78  ILE X C   1 
ATOM   573  O O   . ILE A 1 78  ? -15.789 -5.519  -4.844  1.00 9.70  ? 78  ILE X O   1 
ATOM   574  C CB  . ILE A 1 78  ? -13.945 -3.188  -4.449  1.00 9.66  ? 78  ILE X CB  1 
ATOM   575  C CG1 . ILE A 1 78  ? -13.164 -3.267  -5.786  1.00 10.20 ? 78  ILE X CG1 1 
ATOM   576  C CG2 . ILE A 1 78  ? -13.375 -2.088  -3.550  1.00 9.60  ? 78  ILE X CG2 1 
ATOM   577  C CD1 . ILE A 1 78  ? -13.432 -2.097  -6.733  1.00 10.58 ? 78  ILE X CD1 1 
ATOM   578  N N   . TYR A 1 79  ? -13.891 -6.650  -5.026  1.00 10.71 ? 79  TYR X N   1 
ATOM   579  C CA  . TYR A 1 79  ? -14.456 -7.783  -5.821  1.00 10.75 ? 79  TYR X CA  1 
ATOM   580  C C   . TYR A 1 79  ? -14.868 -8.990  -4.972  1.00 11.24 ? 79  TYR X C   1 
ATOM   581  O O   . TYR A 1 79  ? -15.435 -9.949  -5.520  1.00 11.48 ? 79  TYR X O   1 
ATOM   582  C CB  . TYR A 1 79  ? -13.430 -8.247  -6.900  1.00 10.45 ? 79  TYR X CB  1 
ATOM   583  C CG  . TYR A 1 79  ? -12.837 -7.077  -7.663  1.00 10.85 ? 79  TYR X CG  1 
ATOM   584  C CD1 . TYR A 1 79  ? -13.621 -6.313  -8.544  1.00 10.72 ? 79  TYR X CD1 1 
ATOM   585  C CD2 . TYR A 1 79  ? -11.494 -6.680  -7.447  1.00 10.78 ? 79  TYR X CD2 1 
ATOM   586  C CE1 . TYR A 1 79  ? -13.083 -5.233  -9.216  1.00 10.79 ? 79  TYR X CE1 1 
ATOM   587  C CE2 . TYR A 1 79  ? -10.953 -5.599  -8.085  1.00 10.37 ? 79  TYR X CE2 1 
ATOM   588  C CZ  . TYR A 1 79  ? -11.730 -4.853  -8.952  1.00 10.62 ? 79  TYR X CZ  1 
ATOM   589  O OH  . TYR A 1 79  ? -11.156 -3.731  -9.554  1.00 9.86  ? 79  TYR X OH  1 
ATOM   590  N N   . GLY A 1 80  ? -14.530 -8.968  -3.670  1.00 11.57 ? 80  GLY X N   1 
ATOM   591  C CA  . GLY A 1 80  ? -14.636 -10.122 -2.773  1.00 12.34 ? 80  GLY X CA  1 
ATOM   592  C C   . GLY A 1 80  ? -13.356 -10.240 -1.963  1.00 13.35 ? 80  GLY X C   1 
ATOM   593  O O   . GLY A 1 80  ? -12.468 -9.415  -2.103  1.00 13.78 ? 80  GLY X O   1 
ATOM   594  N N   . SER A 1 81  ? -13.220 -11.251 -1.116  1.00 14.54 ? 81  SER X N   1 
ATOM   595  C CA  . SER A 1 81  ? -12.103 -11.235 -0.193  1.00 17.15 ? 81  SER X CA  1 
ATOM   596  C C   . SER A 1 81  ? -10.743 -11.363 -0.915  1.00 16.28 ? 81  SER X C   1 
ATOM   597  O O   . SER A 1 81  ? -9.771  -10.797 -0.439  1.00 17.66 ? 81  SER X O   1 
ATOM   598  C CB  . SER A 1 81  ? -12.256 -12.286 0.904   1.00 19.13 ? 81  SER X CB  1 
ATOM   599  O OG  . SER A 1 81  ? -12.087 -13.539 0.328   1.00 26.40 ? 81  SER X OG  1 
ATOM   600  N N   . ARG A 1 82  ? -10.679 -12.095 -2.038  1.00 14.98 ? 82  ARG X N   1 
ATOM   601  C CA  . ARG A 1 82  ? -9.442  -12.255 -2.780  1.00 14.21 ? 82  ARG X CA  1 
ATOM   602  C C   . ARG A 1 82  ? -9.677  -12.238 -4.261  1.00 12.23 ? 82  ARG X C   1 
ATOM   603  O O   . ARG A 1 82  ? -10.734 -12.642 -4.719  1.00 11.50 ? 82  ARG X O   1 
ATOM   604  C CB  . ARG A 1 82  ? -8.744  -13.567 -2.419  1.00 16.88 ? 82  ARG X CB  1 
ATOM   605  C CG  . ARG A 1 82  ? -8.219  -13.651 -0.980  1.00 19.18 ? 82  ARG X CG  1 
ATOM   606  C CD  . ARG A 1 82  ? -7.749  -15.078 -0.781  1.00 23.25 ? 82  ARG X CD  1 
ATOM   607  N NE  . ARG A 1 82  ? -7.000  -15.278 0.458   1.00 27.41 ? 82  ARG X NE  1 
ATOM   608  C CZ  . ARG A 1 82  ? -6.303  -16.379 0.760   1.00 30.29 ? 82  ARG X CZ  1 
ATOM   609  N NH1 . ARG A 1 82  ? -5.646  -16.442 1.930   1.00 30.65 ? 82  ARG X NH1 1 
ATOM   610  N NH2 . ARG A 1 82  ? -6.245  -17.414 -0.092  1.00 28.86 ? 82  ARG X NH2 1 
ATOM   611  N N   . PHE A 1 83  ? -8.676  -11.775 -5.017  1.00 10.48 ? 83  PHE X N   1 
ATOM   612  C CA  . PHE A 1 83  ? -8.785  -11.718 -6.470  1.00 9.82  ? 83  PHE X CA  1 
ATOM   613  C C   . PHE A 1 83  ? -7.460  -12.037 -7.125  1.00 9.24  ? 83  PHE X C   1 
ATOM   614  O O   . PHE A 1 83  ? -6.384  -11.954 -6.443  1.00 9.22  ? 83  PHE X O   1 
ATOM   615  C CB  . PHE A 1 83  ? -9.440  -10.398 -6.951  1.00 9.76  ? 83  PHE X CB  1 
ATOM   616  C CG  . PHE A 1 83  ? -8.572  -9.171  -6.841  1.00 10.34 ? 83  PHE X CG  1 
ATOM   617  C CD1 . PHE A 1 83  ? -8.462  -8.460  -5.621  1.00 10.52 ? 83  PHE X CD1 1 
ATOM   618  C CD2 . PHE A 1 83  ? -7.934  -8.639  -7.987  1.00 11.22 ? 83  PHE X CD2 1 
ATOM   619  C CE1 . PHE A 1 83  ? -7.640  -7.344  -5.523  1.00 10.36 ? 83  PHE X CE1 1 
ATOM   620  C CE2 . PHE A 1 83  ? -7.154  -7.466  -7.889  1.00 11.14 ? 83  PHE X CE2 1 
ATOM   621  C CZ  . PHE A 1 83  ? -7.012  -6.836  -6.640  1.00 10.64 ? 83  PHE X CZ  1 
ATOM   622  N N   . PRO A 1 84  ? -7.502  -12.426 -8.425  1.00 8.48  ? 84  PRO X N   1 
ATOM   623  C CA  . PRO A 1 84  ? -6.275  -12.908 -9.079  1.00 8.44  ? 84  PRO X CA  1 
ATOM   624  C C   . PRO A 1 84  ? -5.218  -11.900 -9.343  1.00 8.60  ? 84  PRO X C   1 
ATOM   625  O O   . PRO A 1 84  ? -5.485  -10.704 -9.358  1.00 7.77  ? 84  PRO X O   1 
ATOM   626  C CB  . PRO A 1 84  ? -6.755  -13.446 -10.438 1.00 8.25  ? 84  PRO X CB  1 
ATOM   627  C CG  . PRO A 1 84  ? -8.170  -13.743 -10.241 1.00 8.42  ? 84  PRO X CG  1 
ATOM   628  C CD  . PRO A 1 84  ? -8.675  -12.658 -9.300  1.00 8.42  ? 84  PRO X CD  1 
ATOM   629  N N   . ASP A 1 85  ? -4.007  -12.412 -9.602  1.00 9.26  ? 85  ASP X N   1 
ATOM   630  C CA  . ASP A 1 85  ? -2.874  -11.566 -10.086 1.00 9.76  ? 85  ASP X CA  1 
ATOM   631  C C   . ASP A 1 85  ? -3.241  -11.128 -11.518 1.00 10.23 ? 85  ASP X C   1 
ATOM   632  O O   . ASP A 1 85  ? -3.326  -11.990 -12.438 1.00 10.49 ? 85  ASP X O   1 
ATOM   633  C CB  . ASP A 1 85  ? -1.514  -12.321 -10.059 1.00 9.84  ? 85  ASP X CB  1 
ATOM   634  C CG  . ASP A 1 85  ? -1.150  -12.836 -8.681  1.00 9.81  ? 85  ASP X CG  1 
ATOM   635  O OD1 . ASP A 1 85  ? -1.367  -12.047 -7.705  1.00 9.97  ? 85  ASP X OD1 1 
ATOM   636  O OD2 . ASP A 1 85  ? -0.660  -14.010 -8.552  1.00 9.32  ? 85  ASP X OD2 1 
ATOM   637  N N   . GLU A 1 86  ? -3.462  -9.802  -11.687 1.00 10.56 ? 86  GLU X N   1 
ATOM   638  C CA  . GLU A 1 86  ? -3.802  -9.199  -13.005 1.00 10.16 ? 86  GLU X CA  1 
ATOM   639  C C   . GLU A 1 86  ? -2.688  -9.350  -14.062 1.00 10.56 ? 86  GLU X C   1 
ATOM   640  O O   . GLU A 1 86  ? -2.898  -9.922  -15.112 1.00 10.04 ? 86  GLU X O   1 
ATOM   641  C CB  . GLU A 1 86  ? -4.202  -7.760  -12.817 1.00 10.26 ? 86  GLU X CB  1 
ATOM   642  C CG  . GLU A 1 86  ? -4.746  -7.071  -14.055 1.00 10.69 ? 86  GLU X CG  1 
ATOM   643  C CD  . GLU A 1 86  ? -5.408  -5.729  -13.747 1.00 10.58 ? 86  GLU X CD  1 
ATOM   644  O OE1 . GLU A 1 86  ? -5.073  -5.127  -12.669 1.00 10.10 ? 86  GLU X OE1 1 
ATOM   645  O OE2 . GLU A 1 86  ? -6.236  -5.282  -14.609 1.00 10.30 ? 86  GLU X OE2 1 
ATOM   646  N N   . ASN A 1 87  ? -1.502  -8.850  -13.788 1.00 10.98 ? 87  ASN X N   1 
ATOM   647  C CA  . ASN A 1 87  ? -0.329  -9.156  -14.615 1.00 11.47 ? 87  ASN X CA  1 
ATOM   648  C C   . ASN A 1 87  ? 0.902   -8.822  -13.805 1.00 11.68 ? 87  ASN X C   1 
ATOM   649  O O   . ASN A 1 87  ? 0.807   -8.268  -12.649 1.00 11.36 ? 87  ASN X O   1 
ATOM   650  C CB  . ASN A 1 87  ? -0.344  -8.406  -15.997 1.00 12.31 ? 87  ASN X CB  1 
ATOM   651  C CG  . ASN A 1 87  ? -0.382  -6.886  -15.867 1.00 11.96 ? 87  ASN X CG  1 
ATOM   652  O OD1 . ASN A 1 87  ? 0.525   -6.267  -15.322 1.00 12.93 ? 87  ASN X OD1 1 
ATOM   653  N ND2 . ASN A 1 87  ? -1.421  -6.285  -16.386 1.00 12.03 ? 87  ASN X ND2 1 
ATOM   654  N N   . PHE A 1 88  ? 2.055   -9.170  -14.366 1.00 11.17 ? 88  PHE X N   1 
ATOM   655  C CA  . PHE A 1 88  ? 3.344   -8.773  -13.780 1.00 12.13 ? 88  PHE X CA  1 
ATOM   656  C C   . PHE A 1 88  ? 4.138   -7.886  -14.707 1.00 12.39 ? 88  PHE X C   1 
ATOM   657  O O   . PHE A 1 88  ? 5.365   -7.914  -14.694 1.00 13.28 ? 88  PHE X O   1 
ATOM   658  C CB  . PHE A 1 88  ? 4.190   -9.989  -13.300 1.00 12.12 ? 88  PHE X CB  1 
ATOM   659  C CG  . PHE A 1 88  ? 3.476   -10.833 -12.294 1.00 11.71 ? 88  PHE X CG  1 
ATOM   660  C CD1 . PHE A 1 88  ? 3.359   -10.412 -10.987 1.00 12.24 ? 88  PHE X CD1 1 
ATOM   661  C CD2 . PHE A 1 88  ? 2.853   -12.008 -12.686 1.00 11.90 ? 88  PHE X CD2 1 
ATOM   662  C CE1 . PHE A 1 88  ? 2.668   -11.175 -10.034 1.00 12.08 ? 88  PHE X CE1 1 
ATOM   663  C CE2 . PHE A 1 88  ? 2.160   -12.774 -11.778 1.00 11.78 ? 88  PHE X CE2 1 
ATOM   664  C CZ  . PHE A 1 88  ? 2.071   -12.369 -10.441 1.00 12.14 ? 88  PHE X CZ  1 
ATOM   665  N N   . THR A 1 89  ? 3.442   -7.080  -15.500 1.00 12.71 ? 89  THR X N   1 
ATOM   666  C CA  . THR A 1 89  ? 4.123   -6.200  -16.457 1.00 12.26 ? 89  THR X CA  1 
ATOM   667  C C   . THR A 1 89  ? 5.052   -5.149  -15.796 1.00 11.87 ? 89  THR X C   1 
ATOM   668  O O   . THR A 1 89  ? 6.165   -4.925  -16.223 1.00 10.09 ? 89  THR X O   1 
ATOM   669  C CB  . THR A 1 89  ? 3.080   -5.542  -17.331 1.00 12.49 ? 89  THR X CB  1 
ATOM   670  O OG1 . THR A 1 89  ? 2.358   -6.569  -18.025 1.00 13.27 ? 89  THR X OG1 1 
ATOM   671  C CG2 . THR A 1 89  ? 3.704   -4.594  -18.347 1.00 13.15 ? 89  THR X CG2 1 
ATOM   672  N N   . LEU A 1 90  ? 4.575   -4.509  -14.721 1.00 11.18 ? 90  LEU X N   1 
ATOM   673  C CA  . LEU A 1 90  ? 5.392   -3.538  -14.033 1.00 10.99 ? 90  LEU X CA  1 
ATOM   674  C C   . LEU A 1 90  ? 6.296   -4.260  -13.058 1.00 11.53 ? 90  LEU X C   1 
ATOM   675  O O   . LEU A 1 90  ? 5.908   -5.300  -12.444 1.00 11.77 ? 90  LEU X O   1 
ATOM   676  C CB  . LEU A 1 90  ? 4.510   -2.519  -13.278 1.00 11.20 ? 90  LEU X CB  1 
ATOM   677  C CG  . LEU A 1 90  ? 3.656   -1.648  -14.178 1.00 11.19 ? 90  LEU X CG  1 
ATOM   678  C CD1 . LEU A 1 90  ? 2.454   -1.000  -13.442 1.00 10.85 ? 90  LEU X CD1 1 
ATOM   679  C CD2 . LEU A 1 90  ? 4.601   -0.627  -14.823 1.00 11.09 ? 90  LEU X CD2 1 
ATOM   680  N N   . LYS A 1 91  ? 7.465   -3.663  -12.854 1.00 11.40 ? 91  LYS X N   1 
ATOM   681  C CA  . LYS A 1 91  ? 8.510   -4.230  -12.013 1.00 11.82 ? 91  LYS X CA  1 
ATOM   682  C C   . LYS A 1 91  ? 8.855   -3.372  -10.821 1.00 11.41 ? 91  LYS X C   1 
ATOM   683  O O   . LYS A 1 91  ? 8.556   -2.152  -10.757 1.00 11.96 ? 91  LYS X O   1 
ATOM   684  C CB  . LYS A 1 91  ? 9.790   -4.429  -12.878 1.00 12.32 ? 91  LYS X CB  1 
ATOM   685  C CG  . LYS A 1 91  ? 9.622   -5.244  -14.158 1.00 11.89 ? 91  LYS X CG  1 
ATOM   686  C CD  . LYS A 1 91  ? 8.991   -6.643  -13.972 1.00 11.93 ? 91  LYS X CD  1 
ATOM   687  C CE  . LYS A 1 91  ? 8.700   -7.242  -15.351 1.00 12.48 ? 91  LYS X CE  1 
ATOM   688  N NZ  . LYS A 1 91  ? 7.918   -8.506  -15.342 1.00 13.42 ? 91  LYS X NZ  1 
ATOM   689  N N   . HIS A 1 92  ? 9.492   -4.015  -9.854  1.00 11.84 ? 92  HIS X N   1 
ATOM   690  C CA  . HIS A 1 92  ? 9.894   -3.367  -8.605  1.00 11.47 ? 92  HIS X CA  1 
ATOM   691  C C   . HIS A 1 92  ? 11.275  -2.682  -8.813  1.00 12.34 ? 92  HIS X C   1 
ATOM   692  O O   . HIS A 1 92  ? 12.315  -3.202  -8.407  1.00 12.71 ? 92  HIS X O   1 
ATOM   693  C CB  . HIS A 1 92  ? 10.004  -4.403  -7.493  1.00 11.24 ? 92  HIS X CB  1 
ATOM   694  C CG  . HIS A 1 92  ? 8.721   -5.059  -7.137  1.00 10.52 ? 92  HIS X CG  1 
ATOM   695  N ND1 . HIS A 1 92  ? 8.221   -6.140  -7.837  1.00 9.89  ? 92  HIS X ND1 1 
ATOM   696  C CD2 . HIS A 1 92  ? 7.839   -4.801  -6.134  1.00 9.88  ? 92  HIS X CD2 1 
ATOM   697  C CE1 . HIS A 1 92  ? 7.082   -6.515  -7.271  1.00 9.69  ? 92  HIS X CE1 1 
ATOM   698  N NE2 . HIS A 1 92  ? 6.839   -5.726  -6.233  1.00 9.54  ? 92  HIS X NE2 1 
ATOM   699  N N   . VAL A 1 93  ? 11.224  -1.517  -9.447  1.00 12.74 ? 93  VAL X N   1 
ATOM   700  C CA  . VAL A 1 93  ? 12.360  -0.847  -10.100 1.00 12.65 ? 93  VAL X CA  1 
ATOM   701  C C   . VAL A 1 93  ? 13.177  0.009   -9.140  1.00 12.33 ? 93  VAL X C   1 
ATOM   702  O O   . VAL A 1 93  ? 14.353  0.252   -9.391  1.00 11.92 ? 93  VAL X O   1 
ATOM   703  C CB  . VAL A 1 93  ? 11.915  0.009   -11.309 1.00 12.46 ? 93  VAL X CB  1 
ATOM   704  C CG1 . VAL A 1 93  ? 11.252  -0.851  -12.412 1.00 12.53 ? 93  VAL X CG1 1 
ATOM   705  C CG2 . VAL A 1 93  ? 11.072  1.198   -10.889 1.00 12.25 ? 93  VAL X CG2 1 
ATOM   706  N N   . GLY A 1 94  ? 12.570  0.442   -8.024  1.00 12.33 ? 94  GLY X N   1 
ATOM   707  C CA  . GLY A 1 94  ? 13.315  1.132   -6.980  1.00 12.43 ? 94  GLY X CA  1 
ATOM   708  C C   . GLY A 1 94  ? 12.412  1.656   -5.873  1.00 12.66 ? 94  GLY X C   1 
ATOM   709  O O   . GLY A 1 94  ? 11.268  1.262   -5.773  1.00 12.35 ? 94  GLY X O   1 
ATOM   710  N N   . PRO A 1 95  ? 12.908  2.615   -5.082  1.00 13.29 ? 95  PRO X N   1 
ATOM   711  C CA  . PRO A 1 95  ? 12.053  3.229   -4.016  1.00 12.84 ? 95  PRO X CA  1 
ATOM   712  C C   . PRO A 1 95  ? 10.793  3.909   -4.576  1.00 12.18 ? 95  PRO X C   1 
ATOM   713  O O   . PRO A 1 95  ? 10.807  4.440   -5.711  1.00 12.18 ? 95  PRO X O   1 
ATOM   714  C CB  . PRO A 1 95  ? 12.981  4.226   -3.328  1.00 13.28 ? 95  PRO X CB  1 
ATOM   715  C CG  . PRO A 1 95  ? 14.252  4.250   -4.143  1.00 13.52 ? 95  PRO X CG  1 
ATOM   716  C CD  . PRO A 1 95  ? 14.267  3.194   -5.163  1.00 13.30 ? 95  PRO X CD  1 
ATOM   717  N N   . GLY A 1 96  ? 9.692   3.842   -3.823  1.00 10.98 ? 96  GLY X N   1 
ATOM   718  C CA  . GLY A 1 96  ? 8.423   4.502   -4.220  1.00 9.90  ? 96  GLY X CA  1 
ATOM   719  C C   . GLY A 1 96  ? 7.475   3.627   -5.019  1.00 9.27  ? 96  GLY X C   1 
ATOM   720  O O   . GLY A 1 96  ? 6.382   4.048   -5.344  1.00 8.19  ? 96  GLY X O   1 
ATOM   721  N N   . VAL A 1 97  ? 7.886   2.397   -5.327  1.00 8.73  ? 97  VAL X N   1 
ATOM   722  C CA  . VAL A 1 97  ? 6.995   1.426   -5.970  1.00 8.49  ? 97  VAL X CA  1 
ATOM   723  C C   . VAL A 1 97  ? 5.865   0.968   -5.018  1.00 8.37  ? 97  VAL X C   1 
ATOM   724  O O   . VAL A 1 97  ? 6.107   0.596   -3.869  1.00 8.11  ? 97  VAL X O   1 
ATOM   725  C CB  . VAL A 1 97  ? 7.781   0.198   -6.522  1.00 8.37  ? 97  VAL X CB  1 
ATOM   726  C CG1 . VAL A 1 97  ? 6.867   -0.983  -6.818  1.00 8.78  ? 97  VAL X CG1 1 
ATOM   727  C CG2 . VAL A 1 97  ? 8.571   0.575   -7.759  1.00 8.20  ? 97  VAL X CG2 1 
ATOM   728  N N   . LEU A 1 98  ? 4.650   0.932   -5.589  1.00 8.22  ? 98  LEU X N   1 
ATOM   729  C CA  . LEU A 1 98  ? 3.421   0.507   -4.961  1.00 8.29  ? 98  LEU X CA  1 
ATOM   730  C C   . LEU A 1 98  ? 2.965   -0.860  -5.503  1.00 8.45  ? 98  LEU X C   1 
ATOM   731  O O   . LEU A 1 98  ? 2.717   -1.041  -6.734  1.00 8.42  ? 98  LEU X O   1 
ATOM   732  C CB  . LEU A 1 98  ? 2.333   1.569   -5.114  1.00 8.24  ? 98  LEU X CB  1 
ATOM   733  C CG  . LEU A 1 98  ? 1.005   1.253   -4.391  1.00 7.90  ? 98  LEU X CG  1 
ATOM   734  C CD1 . LEU A 1 98  ? 1.057   1.270   -2.863  1.00 7.84  ? 98  LEU X CD1 1 
ATOM   735  C CD2 . LEU A 1 98  ? -0.068  2.198   -4.928  1.00 8.02  ? 98  LEU X CD2 1 
ATOM   736  N N   . SER A 1 99  ? 2.911   -1.828  -4.575  1.00 8.29  ? 99  SER X N   1 
ATOM   737  C CA  . SER A 1 99  ? 2.748   -3.217  -4.920  1.00 8.09  ? 99  SER X CA  1 
ATOM   738  C C   . SER A 1 99  ? 1.805   -3.954  -3.940  1.00 7.99  ? 99  SER X C   1 
ATOM   739  O O   . SER A 1 99  ? 1.534   -3.546  -2.807  1.00 7.28  ? 99  SER X O   1 
ATOM   740  C CB  . SER A 1 99  ? 4.156   -3.859  -5.116  1.00 7.89  ? 99  SER X CB  1 
ATOM   741  O OG  . SER A 1 99  ? 4.066   -5.184  -5.538  1.00 7.61  ? 99  SER X OG  1 
ATOM   742  N N   . MET A 1 100 ? 1.204   -5.012  -4.465  1.00 8.48  ? 100 MET X N   1 
ATOM   743  C CA  . MET A 1 100 ? 0.236   -5.791  -3.716  1.00 8.54  ? 100 MET X CA  1 
ATOM   744  C C   . MET A 1 100 ? 0.880   -6.890  -2.880  1.00 8.12  ? 100 MET X C   1 
ATOM   745  O O   . MET A 1 100 ? 1.631   -7.717  -3.387  1.00 7.30  ? 100 MET X O   1 
ATOM   746  C CB  . MET A 1 100 ? -0.813  -6.398  -4.692  1.00 9.39  ? 100 MET X CB  1 
ATOM   747  C CG  . MET A 1 100 ? -1.847  -5.464  -5.263  1.00 9.66  ? 100 MET X CG  1 
ATOM   748  S SD  . MET A 1 100 ? -2.840  -4.502  -4.088  1.00 11.58 ? 100 MET X SD  1 
ATOM   749  C CE  . MET A 1 100 ? -3.864  -5.669  -3.171  1.00 11.12 ? 100 MET X CE  1 
ATOM   750  N N   . ALA A 1 101 ? 0.590   -6.864  -1.579  1.00 8.16  ? 101 ALA X N   1 
ATOM   751  C CA  . ALA A 1 101 ? 0.936   -7.934  -0.672  1.00 8.51  ? 101 ALA X CA  1 
ATOM   752  C C   . ALA A 1 101 ? 0.033   -9.153  -0.999  1.00 8.63  ? 101 ALA X C   1 
ATOM   753  O O   . ALA A 1 101 ? -1.052  -8.997  -1.627  1.00 8.68  ? 101 ALA X O   1 
ATOM   754  C CB  . ALA A 1 101 ? 0.755   -7.475  0.754   1.00 8.82  ? 101 ALA X CB  1 
ATOM   755  N N   . ASN A 1 102 ? 0.502   -10.361 -0.667  1.00 8.72  ? 102 ASN X N   1 
ATOM   756  C CA  . ASN A 1 102 ? -0.280  -11.565 -0.921  1.00 8.66  ? 102 ASN X CA  1 
ATOM   757  C C   . ASN A 1 102 ? 0.148   -12.718 -0.087  1.00 9.12  ? 102 ASN X C   1 
ATOM   758  O O   . ASN A 1 102 ? 1.214   -12.706 0.507   1.00 9.70  ? 102 ASN X O   1 
ATOM   759  C CB  . ASN A 1 102 ? -0.309  -11.919 -2.415  1.00 8.62  ? 102 ASN X CB  1 
ATOM   760  C CG  . ASN A 1 102 ? 1.014   -12.407 -2.943  1.00 8.58  ? 102 ASN X CG  1 
ATOM   761  O OD1 . ASN A 1 102 ? 1.707   -13.198 -2.299  1.00 8.89  ? 102 ASN X OD1 1 
ATOM   762  N ND2 . ASN A 1 102 ? 1.381   -11.944 -4.109  1.00 8.70  ? 102 ASN X ND2 1 
ATOM   763  N N   . ALA A 1 103 ? -0.654  -13.775 -0.114  1.00 9.63  ? 103 ALA X N   1 
ATOM   764  C CA  . ALA A 1 103 ? -0.395  -14.970 0.697   1.00 10.09 ? 103 ALA X CA  1 
ATOM   765  C C   . ALA A 1 103 ? -0.162  -16.109 -0.250  1.00 10.31 ? 103 ALA X C   1 
ATOM   766  O O   . ALA A 1 103 ? -0.476  -17.176 0.076   1.00 11.01 ? 103 ALA X O   1 
ATOM   767  C CB  . ALA A 1 103 ? -1.588  -15.233 1.631   1.00 10.19 ? 103 ALA X CB  1 
ATOM   768  N N   . GLY A 1 104 ? 0.410   -15.852 -1.439  1.00 10.55 ? 104 GLY X N   1 
ATOM   769  C CA  . GLY A 1 104 ? 0.606   -16.838 -2.488  1.00 10.19 ? 104 GLY X CA  1 
ATOM   770  C C   . GLY A 1 104 ? 0.015   -16.356 -3.807  1.00 10.07 ? 104 GLY X C   1 
ATOM   771  O O   . GLY A 1 104 ? -0.642  -15.321 -3.854  1.00 10.38 ? 104 GLY X O   1 
ATOM   772  N N   . PRO A 1 105 ? 0.238   -17.102 -4.914  1.00 9.63  ? 105 PRO X N   1 
ATOM   773  C CA  . PRO A 1 105 ? -0.332  -16.659 -6.156  1.00 9.22  ? 105 PRO X CA  1 
ATOM   774  C C   . PRO A 1 105 ? -1.875  -16.385 -6.068  1.00 8.67  ? 105 PRO X C   1 
ATOM   775  O O   . PRO A 1 105 ? -2.607  -17.094 -5.372  1.00 8.11  ? 105 PRO X O   1 
ATOM   776  C CB  . PRO A 1 105 ? -0.013  -17.792 -7.123  1.00 9.49  ? 105 PRO X CB  1 
ATOM   777  C CG  . PRO A 1 105 ? 1.103   -18.551 -6.487  1.00 9.62  ? 105 PRO X CG  1 
ATOM   778  C CD  . PRO A 1 105 ? 0.955   -18.382 -5.036  1.00 9.67  ? 105 PRO X CD  1 
ATOM   779  N N   . ASN A 1 106 ? -2.342  -15.341 -6.748  1.00 8.39  ? 106 ASN X N   1 
ATOM   780  C CA  . ASN A 1 106 ? -3.787  -15.062 -6.843  1.00 8.21  ? 106 ASN X CA  1 
ATOM   781  C C   . ASN A 1 106 ? -4.548  -14.938 -5.496  1.00 8.32  ? 106 ASN X C   1 
ATOM   782  O O   . ASN A 1 106 ? -5.623  -15.548 -5.288  1.00 8.49  ? 106 ASN X O   1 
ATOM   783  C CB  . ASN A 1 106 ? -4.446  -16.104 -7.746  1.00 7.95  ? 106 ASN X CB  1 
ATOM   784  C CG  . ASN A 1 106 ? -3.754  -16.185 -9.106  1.00 7.83  ? 106 ASN X CG  1 
ATOM   785  O OD1 . ASN A 1 106 ? -3.688  -15.190 -9.849  1.00 8.49  ? 106 ASN X OD1 1 
ATOM   786  N ND2 . ASN A 1 106 ? -3.162  -17.295 -9.381  1.00 7.20  ? 106 ASN X ND2 1 
ATOM   787  N N   . THR A 1 107 ? -3.993  -14.135 -4.598  1.00 8.46  ? 107 THR X N   1 
ATOM   788  C CA  . THR A 1 107 ? -4.622  -13.879 -3.283  1.00 8.76  ? 107 THR X CA  1 
ATOM   789  C C   . THR A 1 107 ? -4.548  -12.411 -2.899  1.00 8.77  ? 107 THR X C   1 
ATOM   790  O O   . THR A 1 107 ? -4.335  -12.095 -1.755  1.00 9.40  ? 107 THR X O   1 
ATOM   791  C CB  . THR A 1 107 ? -3.936  -14.738 -2.168  1.00 8.75  ? 107 THR X CB  1 
ATOM   792  O OG1 . THR A 1 107 ? -2.564  -14.385 -2.067  1.00 8.44  ? 107 THR X OG1 1 
ATOM   793  C CG2 . THR A 1 107 ? -4.052  -16.259 -2.456  1.00 8.42  ? 107 THR X CG2 1 
ATOM   794  N N   . ASN A 1 108 ? -4.672  -11.522 -3.868  1.00 8.81  ? 108 ASN X N   1 
ATOM   795  C CA  . ASN A 1 108 ? -4.747  -10.094 -3.594  1.00 8.99  ? 108 ASN X CA  1 
ATOM   796  C C   . ASN A 1 108 ? -6.074  -9.788  -2.867  1.00 9.02  ? 108 ASN X C   1 
ATOM   797  O O   . ASN A 1 108 ? -7.124  -10.232 -3.302  1.00 8.65  ? 108 ASN X O   1 
ATOM   798  C CB  . ASN A 1 108 ? -4.668  -9.273  -4.892  1.00 8.88  ? 108 ASN X CB  1 
ATOM   799  C CG  . ASN A 1 108 ? -3.429  -9.596  -5.689  1.00 9.60  ? 108 ASN X CG  1 
ATOM   800  O OD1 . ASN A 1 108 ? -2.326  -9.211  -5.300  1.00 10.17 ? 108 ASN X OD1 1 
ATOM   801  N ND2 . ASN A 1 108 ? -3.575  -10.425 -6.719  1.00 9.49  ? 108 ASN X ND2 1 
ATOM   802  N N   . GLY A 1 109 ? -5.962  -9.003  -1.805  1.00 8.53  ? 109 GLY X N   1 
ATOM   803  C CA  . GLY A 1 109 ? -7.057  -8.458  -1.065  1.00 8.80  ? 109 GLY X CA  1 
ATOM   804  C C   . GLY A 1 109 ? -6.932  -6.926  -1.066  1.00 8.96  ? 109 GLY X C   1 
ATOM   805  O O   . GLY A 1 109 ? -7.230  -6.274  -2.098  1.00 8.78  ? 109 GLY X O   1 
ATOM   806  N N   . SER A 1 110 ? -6.559  -6.382  0.097   1.00 9.05  ? 110 SER X N   1 
ATOM   807  C CA  . SER A 1 110 ? -6.291  -4.948  0.310   1.00 8.97  ? 110 SER X CA  1 
ATOM   808  C C   . SER A 1 110 ? -4.887  -4.558  0.742   1.00 8.69  ? 110 SER X C   1 
ATOM   809  O O   . SER A 1 110 ? -4.484  -3.394  0.601   1.00 8.06  ? 110 SER X O   1 
ATOM   810  C CB  . SER A 1 110 ? -7.295  -4.345  1.296   1.00 9.45  ? 110 SER X CB  1 
ATOM   811  O OG  . SER A 1 110 ? -7.375  -5.022  2.517   1.00 10.25 ? 110 SER X OG  1 
ATOM   812  N N   . GLN A 1 111 ? -4.160  -5.504  1.302   1.00 9.10  ? 111 GLN X N   1 
ATOM   813  C CA  . GLN A 1 111 ? -2.822  -5.229  1.768   1.00 9.52  ? 111 GLN X CA  1 
ATOM   814  C C   . GLN A 1 111 ? -1.886  -4.864  0.621   1.00 9.47  ? 111 GLN X C   1 
ATOM   815  O O   . GLN A 1 111 ? -1.938  -5.440  -0.501  1.00 9.41  ? 111 GLN X O   1 
ATOM   816  C CB  . GLN A 1 111 ? -2.276  -6.396  2.597   1.00 10.67 ? 111 GLN X CB  1 
ATOM   817  C CG  . GLN A 1 111 ? -2.873  -6.539  3.990   1.00 11.47 ? 111 GLN X CG  1 
ATOM   818  C CD  . GLN A 1 111 ? -2.208  -7.665  4.768   1.00 12.76 ? 111 GLN X CD  1 
ATOM   819  O OE1 . GLN A 1 111 ? -0.986  -7.657  5.004   1.00 12.15 ? 111 GLN X OE1 1 
ATOM   820  N NE2 . GLN A 1 111 ? -3.002  -8.656  5.149   1.00 14.22 ? 111 GLN X NE2 1 
ATOM   821  N N   . PHE A 1 112 ? -1.044  -3.870  0.910   1.00 9.38  ? 112 PHE X N   1 
ATOM   822  C CA  . PHE A 1 112 ? -0.145  -3.287  -0.060  1.00 9.20  ? 112 PHE X CA  1 
ATOM   823  C C   . PHE A 1 112 ? 1.166   -2.905  0.573   1.00 9.20  ? 112 PHE X C   1 
ATOM   824  O O   . PHE A 1 112 ? 1.284   -2.843  1.785   1.00 9.26  ? 112 PHE X O   1 
ATOM   825  C CB  . PHE A 1 112 ? -0.802  -2.054  -0.698  1.00 8.97  ? 112 PHE X CB  1 
ATOM   826  C CG  . PHE A 1 112 ? -1.001  -0.924  0.236   1.00 8.71  ? 112 PHE X CG  1 
ATOM   827  C CD1 . PHE A 1 112 ? -2.155  -0.843  1.006   1.00 8.68  ? 112 PHE X CD1 1 
ATOM   828  C CD2 . PHE A 1 112 ? -0.045  0.099   0.319   1.00 8.93  ? 112 PHE X CD2 1 
ATOM   829  C CE1 . PHE A 1 112 ? -2.351  0.213   1.880   1.00 8.63  ? 112 PHE X CE1 1 
ATOM   830  C CE2 . PHE A 1 112 ? -0.253  1.188   1.177   1.00 9.19  ? 112 PHE X CE2 1 
ATOM   831  C CZ  . PHE A 1 112 ? -1.401  1.237   1.971   1.00 8.64  ? 112 PHE X CZ  1 
ATOM   832  N N   . PHE A 1 113 ? 2.165   -2.641  -0.250  1.00 9.58  ? 113 PHE X N   1 
ATOM   833  C CA  . PHE A 1 113 ? 3.393   -2.097  0.277   1.00 9.72  ? 113 PHE X CA  1 
ATOM   834  C C   . PHE A 1 113 ? 4.046   -1.070  -0.643  1.00 9.80  ? 113 PHE X C   1 
ATOM   835  O O   . PHE A 1 113 ? 3.799   -1.072  -1.839  1.00 9.76  ? 113 PHE X O   1 
ATOM   836  C CB  . PHE A 1 113 ? 4.364   -3.224  0.639   1.00 9.77  ? 113 PHE X CB  1 
ATOM   837  C CG  . PHE A 1 113 ? 4.800   -4.070  -0.515  1.00 9.86  ? 113 PHE X CG  1 
ATOM   838  C CD1 . PHE A 1 113 ? 3.998   -5.121  -0.948  1.00 9.38  ? 113 PHE X CD1 1 
ATOM   839  C CD2 . PHE A 1 113 ? 6.079   -3.853  -1.145  1.00 10.11 ? 113 PHE X CD2 1 
ATOM   840  C CE1 . PHE A 1 113 ? 4.407   -5.959  -1.957  1.00 9.46  ? 113 PHE X CE1 1 
ATOM   841  C CE2 . PHE A 1 113 ? 6.472   -4.680  -2.204  1.00 9.79  ? 113 PHE X CE2 1 
ATOM   842  C CZ  . PHE A 1 113 ? 5.633   -5.747  -2.591  1.00 9.63  ? 113 PHE X CZ  1 
ATOM   843  N N   . ILE A 1 114 ? 4.802   -0.166  -0.025  1.00 9.65  ? 114 ILE X N   1 
ATOM   844  C CA  . ILE A 1 114 ? 5.576   0.822   -0.711  1.00 10.51 ? 114 ILE X CA  1 
ATOM   845  C C   . ILE A 1 114 ? 7.056   0.471   -0.470  1.00 11.25 ? 114 ILE X C   1 
ATOM   846  O O   . ILE A 1 114 ? 7.504   0.372   0.701   1.00 10.42 ? 114 ILE X O   1 
ATOM   847  C CB  . ILE A 1 114 ? 5.282   2.242   -0.196  1.00 10.13 ? 114 ILE X CB  1 
ATOM   848  C CG1 . ILE A 1 114 ? 3.782   2.533   -0.206  1.00 9.96  ? 114 ILE X CG1 1 
ATOM   849  C CG2 . ILE A 1 114 ? 6.131   3.258   -0.969  1.00 10.17 ? 114 ILE X CG2 1 
ATOM   850  C CD1 . ILE A 1 114 ? 3.358   3.824   0.465   1.00 9.79  ? 114 ILE X CD1 1 
ATOM   851  N N   . CYS A 1 115 ? 7.771   0.241   -1.562  1.00 11.70 ? 115 CYS X N   1 
ATOM   852  C CA  . CYS A 1 115 ? 9.166   -0.086  -1.521  1.00 13.36 ? 115 CYS X CA  1 
ATOM   853  C C   . CYS A 1 115 ? 10.044  1.111   -1.166  1.00 14.49 ? 115 CYS X C   1 
ATOM   854  O O   . CYS A 1 115 ? 9.764   2.263   -1.589  1.00 13.94 ? 115 CYS X O   1 
ATOM   855  C CB  . CYS A 1 115 ? 9.611   -0.635  -2.879  1.00 13.77 ? 115 CYS X CB  1 
ATOM   856  S SG  . CYS A 1 115 ? 8.713   -2.123  -3.376  1.00 16.01 ? 115 CYS X SG  1 
ATOM   857  N N   . THR A 1 116 ? 11.101  0.824   -0.394  1.00 14.79 ? 116 THR X N   1 
ATOM   858  C CA  . THR A 1 116 ? 12.114  1.809   -0.073  1.00 17.05 ? 116 THR X CA  1 
ATOM   859  C C   . THR A 1 116 ? 13.433  1.505   -0.757  1.00 18.05 ? 116 THR X C   1 
ATOM   860  O O   . THR A 1 116 ? 14.390  2.131   -0.465  1.00 20.38 ? 116 THR X O   1 
ATOM   861  C CB  . THR A 1 116 ? 12.320  1.946   1.461   1.00 18.05 ? 116 THR X CB  1 
ATOM   862  O OG1 . THR A 1 116 ? 12.495  0.655   2.061   1.00 18.52 ? 116 THR X OG1 1 
ATOM   863  C CG2 . THR A 1 116 ? 11.100  2.604   2.121   1.00 19.11 ? 116 THR X CG2 1 
ATOM   864  N N   . ILE A 1 117 ? 13.446  0.557   -1.686  1.00 19.85 ? 117 ILE X N   1 
ATOM   865  C CA  . ILE A 1 117 ? 14.616  0.179   -2.489  1.00 20.20 ? 117 ILE X CA  1 
ATOM   866  C C   . ILE A 1 117 ? 14.070  -0.609  -3.685  1.00 19.06 ? 117 ILE X C   1 
ATOM   867  O O   . ILE A 1 117 ? 12.869  -0.924  -3.755  1.00 17.70 ? 117 ILE X O   1 
ATOM   868  C CB  . ILE A 1 117 ? 15.551  -0.809  -1.743  1.00 22.74 ? 117 ILE X CB  1 
ATOM   869  C CG1 . ILE A 1 117 ? 14.710  -1.841  -0.980  1.00 23.16 ? 117 ILE X CG1 1 
ATOM   870  C CG2 . ILE A 1 117 ? 16.526  -0.116  -0.829  1.00 25.41 ? 117 ILE X CG2 1 
ATOM   871  C CD1 . ILE A 1 117 ? 15.258  -3.219  -1.104  1.00 24.54 ? 117 ILE X CD1 1 
ATOM   872  N N   . LYS A 1 118 ? 14.966  -0.972  -4.591  1.00 17.86 ? 118 LYS X N   1 
ATOM   873  C CA  . LYS A 1 118 ? 14.646  -1.921  -5.633  1.00 17.97 ? 118 LYS X CA  1 
ATOM   874  C C   . LYS A 1 118 ? 14.427  -3.321  -5.045  1.00 17.67 ? 118 LYS X C   1 
ATOM   875  O O   . LYS A 1 118 ? 15.329  -3.872  -4.463  1.00 18.17 ? 118 LYS X O   1 
ATOM   876  C CB  . LYS A 1 118 ? 15.798  -1.901  -6.611  1.00 18.71 ? 118 LYS X CB  1 
ATOM   877  C CG  . LYS A 1 118 ? 15.659  -2.750  -7.840  1.00 20.73 ? 118 LYS X CG  1 
ATOM   878  C CD  . LYS A 1 118 ? 16.894  -2.567  -8.738  1.00 24.56 ? 118 LYS X CD  1 
ATOM   879  C CE  . LYS A 1 118 ? 18.289  -2.536  -8.034  1.00 27.41 ? 118 LYS X CE  1 
ATOM   880  N NZ  . LYS A 1 118 ? 18.813  -3.891  -7.681  1.00 30.16 ? 118 LYS X NZ  1 
ATOM   881  N N   . THR A 1 119 ? 13.227  -3.884  -5.180  1.00 16.26 ? 119 THR X N   1 
ATOM   882  C CA  . THR A 1 119 ? 12.938  -5.203  -4.672  1.00 15.71 ? 119 THR X CA  1 
ATOM   883  C C   . THR A 1 119 ? 12.685  -6.154  -5.857  1.00 17.02 ? 119 THR X C   1 
ATOM   884  O O   . THR A 1 119 ? 11.653  -6.828  -5.946  1.00 15.96 ? 119 THR X O   1 
ATOM   885  C CB  . THR A 1 119 ? 11.773  -5.204  -3.646  1.00 15.65 ? 119 THR X CB  1 
ATOM   886  O OG1 . THR A 1 119 ? 10.551  -4.807  -4.246  1.00 15.17 ? 119 THR X OG1 1 
ATOM   887  C CG2 . THR A 1 119 ? 12.019  -4.235  -2.485  1.00 15.82 ? 119 THR X CG2 1 
ATOM   888  N N   . ASP A 1 120 ? 13.678  -6.226  -6.747  1.00 17.77 ? 120 ASP X N   1 
ATOM   889  C CA  . ASP A 1 120 ? 13.595  -7.005  -8.004  1.00 19.82 ? 120 ASP X CA  1 
ATOM   890  C C   . ASP A 1 120 ? 13.396  -8.525  -7.780  1.00 18.70 ? 120 ASP X C   1 
ATOM   891  O O   . ASP A 1 120 ? 12.944  -9.230  -8.659  1.00 18.66 ? 120 ASP X O   1 
ATOM   892  C CB  . ASP A 1 120 ? 14.876  -6.784  -8.836  1.00 22.41 ? 120 ASP X CB  1 
ATOM   893  C CG  . ASP A 1 120 ? 16.116  -7.075  -8.012  1.00 23.97 ? 120 ASP X CG  1 
ATOM   894  O OD1 . ASP A 1 120 ? 16.528  -6.171  -7.244  1.00 26.92 ? 120 ASP X OD1 1 
ATOM   895  O OD2 . ASP A 1 120 ? 16.549  -8.239  -7.995  1.00 27.25 ? 120 ASP X OD2 1 
ATOM   896  N N   . TRP A 1 121 ? 13.746  -9.025  -6.608  1.00 19.21 ? 121 TRP X N   1 
ATOM   897  C CA  . TRP A 1 121 ? 13.401  -10.415 -6.222  1.00 18.62 ? 121 TRP X CA  1 
ATOM   898  C C   . TRP A 1 121 ? 11.910  -10.677 -6.122  1.00 16.45 ? 121 TRP X C   1 
ATOM   899  O O   . TRP A 1 121 ? 11.521  -11.818 -6.219  1.00 16.57 ? 121 TRP X O   1 
ATOM   900  C CB  . TRP A 1 121 ? 14.107  -10.866 -4.908  1.00 18.13 ? 121 TRP X CB  1 
ATOM   901  C CG  . TRP A 1 121 ? 13.765  -10.080 -3.673  1.00 18.03 ? 121 TRP X CG  1 
ATOM   902  C CD1 . TRP A 1 121 ? 12.817  -10.408 -2.744  1.00 17.31 ? 121 TRP X CD1 1 
ATOM   903  C CD2 . TRP A 1 121 ? 14.346  -8.850  -3.233  1.00 16.65 ? 121 TRP X CD2 1 
ATOM   904  N NE1 . TRP A 1 121 ? 12.779  -9.477  -1.753  1.00 17.15 ? 121 TRP X NE1 1 
ATOM   905  C CE2 . TRP A 1 121 ? 13.705  -8.507  -2.013  1.00 17.31 ? 121 TRP X CE2 1 
ATOM   906  C CE3 . TRP A 1 121 ? 15.346  -8.017  -3.730  1.00 16.89 ? 121 TRP X CE3 1 
ATOM   907  C CZ2 . TRP A 1 121 ? 14.031  -7.353  -1.279  1.00 17.15 ? 121 TRP X CZ2 1 
ATOM   908  C CZ3 . TRP A 1 121 ? 15.674  -6.865  -3.020  1.00 17.01 ? 121 TRP X CZ3 1 
ATOM   909  C CH2 . TRP A 1 121 ? 15.015  -6.544  -1.804  1.00 17.13 ? 121 TRP X CH2 1 
ATOM   910  N N   . LEU A 1 122 ? 11.080  -9.638  -5.988  1.00 14.84 ? 122 LEU X N   1 
ATOM   911  C CA  . LEU A 1 122 ? 9.603   -9.805  -5.975  1.00 14.24 ? 122 LEU X CA  1 
ATOM   912  C C   . LEU A 1 122 ? 8.943   -9.739  -7.346  1.00 12.99 ? 122 LEU X C   1 
ATOM   913  O O   . LEU A 1 122 ? 7.708   -9.882  -7.479  1.00 12.05 ? 122 LEU X O   1 
ATOM   914  C CB  . LEU A 1 122 ? 8.960   -8.766  -5.035  1.00 14.12 ? 122 LEU X CB  1 
ATOM   915  C CG  . LEU A 1 122 ? 9.421   -8.868  -3.567  1.00 14.67 ? 122 LEU X CG  1 
ATOM   916  C CD1 . LEU A 1 122 ? 8.864   -7.715  -2.747  1.00 15.77 ? 122 LEU X CD1 1 
ATOM   917  C CD2 . LEU A 1 122 ? 9.046   -10.196 -2.930  1.00 14.53 ? 122 LEU X CD2 1 
ATOM   918  N N   . ASP A 1 123 ? 9.747   -9.461  -8.360  1.00 12.48 ? 123 ASP X N   1 
ATOM   919  C CA  . ASP A 1 123 ? 9.260   -9.380  -9.763  1.00 12.08 ? 123 ASP X CA  1 
ATOM   920  C C   . ASP A 1 123 ? 8.673   -10.688 -10.199 1.00 11.55 ? 123 ASP X C   1 
ATOM   921  O O   . ASP A 1 123 ? 9.298   -11.731 -10.020 1.00 12.97 ? 123 ASP X O   1 
ATOM   922  C CB  . ASP A 1 123 ? 10.396  -8.996  -10.705 1.00 11.98 ? 123 ASP X CB  1 
ATOM   923  C CG  . ASP A 1 123 ? 10.757  -7.511  -10.626 1.00 12.14 ? 123 ASP X CG  1 
ATOM   924  O OD1 . ASP A 1 123 ? 10.065  -6.695  -9.971  1.00 11.89 ? 123 ASP X OD1 1 
ATOM   925  O OD2 . ASP A 1 123 ? 11.757  -7.141  -11.254 1.00 12.86 ? 123 ASP X OD2 1 
ATOM   926  N N   . GLY A 1 124 ? 7.459   -10.665 -10.715 1.00 10.39 ? 124 GLY X N   1 
ATOM   927  C CA  . GLY A 1 124 ? 6.752   -11.897 -11.021 1.00 10.43 ? 124 GLY X CA  1 
ATOM   928  C C   . GLY A 1 124 ? 6.050   -12.557 -9.843  1.00 10.50 ? 124 GLY X C   1 
ATOM   929  O O   . GLY A 1 124 ? 5.349   -13.543 -10.044 1.00 9.68  ? 124 GLY X O   1 
ATOM   930  N N   . GLN A 1 125 ? 6.190   -11.980 -8.636  1.00 11.64 ? 125 GLN X N   1 
ATOM   931  C CA  . GLN A 1 125 ? 5.601   -12.503 -7.363  1.00 12.62 ? 125 GLN X CA  1 
ATOM   932  C C   . GLN A 1 125 ? 4.463   -11.650 -6.799  1.00 10.91 ? 125 GLN X C   1 
ATOM   933  O O   . GLN A 1 125 ? 3.522   -12.197 -6.219  1.00 9.73  ? 125 GLN X O   1 
ATOM   934  C CB  . GLN A 1 125 ? 6.664   -12.598 -6.268  1.00 14.20 ? 125 GLN X CB  1 
ATOM   935  C CG  . GLN A 1 125 ? 7.996   -13.171 -6.749  1.00 17.99 ? 125 GLN X CG  1 
ATOM   936  C CD  . GLN A 1 125 ? 8.119   -14.637 -6.543  1.00 19.32 ? 125 GLN X CD  1 
ATOM   937  O OE1 . GLN A 1 125 ? 8.327   -15.399 -7.501  1.00 27.23 ? 125 GLN X OE1 1 
ATOM   938  N NE2 . GLN A 1 125 ? 7.987   -15.054 -5.323  1.00 18.85 ? 125 GLN X NE2 1 
ATOM   939  N N   . HIS A 1 126 ? 4.606   -10.323 -6.954  1.00 9.56  ? 126 HIS X N   1 
ATOM   940  C CA  . HIS A 1 126 ? 3.704   -9.318  -6.394  1.00 9.47  ? 126 HIS X CA  1 
ATOM   941  C C   . HIS A 1 126 ? 3.359   -8.369  -7.563  1.00 9.15  ? 126 HIS X C   1 
ATOM   942  O O   . HIS A 1 126 ? 4.270   -8.037  -8.395  1.00 9.19  ? 126 HIS X O   1 
ATOM   943  C CB  . HIS A 1 126 ? 4.353   -8.588  -5.174  1.00 9.01  ? 126 HIS X CB  1 
ATOM   944  C CG  . HIS A 1 126 ? 4.513   -9.496  -4.002  1.00 9.46  ? 126 HIS X CG  1 
ATOM   945  N ND1 . HIS A 1 126 ? 3.554   -9.637  -3.015  1.00 9.37  ? 126 HIS X ND1 1 
ATOM   946  C CD2 . HIS A 1 126 ? 5.458   -10.433 -3.733  1.00 10.18 ? 126 HIS X CD2 1 
ATOM   947  C CE1 . HIS A 1 126 ? 3.924   -10.580 -2.175  1.00 9.61  ? 126 HIS X CE1 1 
ATOM   948  N NE2 . HIS A 1 126 ? 5.074   -11.073 -2.581  1.00 9.89  ? 126 HIS X NE2 1 
ATOM   949  N N   . VAL A 1 127 ? 2.066   -8.004  -7.678  1.00 7.94  ? 127 VAL X N   1 
ATOM   950  C CA  . VAL A 1 127 ? 1.600   -7.165  -8.769  1.00 7.78  ? 127 VAL X CA  1 
ATOM   951  C C   . VAL A 1 127 ? 1.909   -5.729  -8.416  1.00 7.53  ? 127 VAL X C   1 
ATOM   952  O O   . VAL A 1 127 ? 1.358   -5.210  -7.442  1.00 7.52  ? 127 VAL X O   1 
ATOM   953  C CB  . VAL A 1 127 ? 0.081   -7.373  -9.064  1.00 7.95  ? 127 VAL X CB  1 
ATOM   954  C CG1 . VAL A 1 127 ? -0.482  -6.420  -10.179 1.00 7.77  ? 127 VAL X CG1 1 
ATOM   955  C CG2 . VAL A 1 127 ? -0.196  -8.836  -9.430  1.00 8.04  ? 127 VAL X CG2 1 
ATOM   956  N N   . VAL A 1 128 ? 2.770   -5.086  -9.198  1.00 7.41  ? 128 VAL X N   1 
ATOM   957  C CA  . VAL A 1 128 ? 3.077   -3.679  -9.011  1.00 7.78  ? 128 VAL X CA  1 
ATOM   958  C C   . VAL A 1 128 ? 1.924   -2.989  -9.666  1.00 7.84  ? 128 VAL X C   1 
ATOM   959  O O   . VAL A 1 128 ? 1.477   -3.454  -10.717 1.00 8.31  ? 128 VAL X O   1 
ATOM   960  C CB  . VAL A 1 128 ? 4.413   -3.246  -9.689  1.00 7.94  ? 128 VAL X CB  1 
ATOM   961  C CG1 . VAL A 1 128 ? 4.593   -1.705  -9.655  1.00 7.70  ? 128 VAL X CG1 1 
ATOM   962  C CG2 . VAL A 1 128 ? 5.588   -3.946  -9.027  1.00 8.07  ? 128 VAL X CG2 1 
ATOM   963  N N   . PHE A 1 129 ? 1.381   -1.955  -9.031  1.00 7.68  ? 129 PHE X N   1 
ATOM   964  C CA  . PHE A 1 129 ? 0.271   -1.210  -9.619  1.00 7.89  ? 129 PHE X CA  1 
ATOM   965  C C   . PHE A 1 129 ? 0.292   0.319   -9.456  1.00 8.40  ? 129 PHE X C   1 
ATOM   966  O O   . PHE A 1 129 ? -0.723  0.981   -9.729  1.00 8.20  ? 129 PHE X O   1 
ATOM   967  C CB  . PHE A 1 129 ? -1.050  -1.759  -9.063  1.00 7.84  ? 129 PHE X CB  1 
ATOM   968  C CG  . PHE A 1 129 ? -1.275  -1.461  -7.580  1.00 7.34  ? 129 PHE X CG  1 
ATOM   969  C CD1 . PHE A 1 129 ? -0.707  -2.248  -6.622  1.00 7.22  ? 129 PHE X CD1 1 
ATOM   970  C CD2 . PHE A 1 129 ? -2.106  -0.385  -7.163  1.00 7.06  ? 129 PHE X CD2 1 
ATOM   971  C CE1 . PHE A 1 129 ? -0.958  -2.001  -5.268  1.00 7.10  ? 129 PHE X CE1 1 
ATOM   972  C CE2 . PHE A 1 129 ? -2.324  -0.129  -5.829  1.00 6.86  ? 129 PHE X CE2 1 
ATOM   973  C CZ  . PHE A 1 129 ? -1.773  -0.931  -4.878  1.00 6.92  ? 129 PHE X CZ  1 
ATOM   974  N N   . GLY A 1 130 ? 1.427   0.864   -9.029  1.00 9.03  ? 130 GLY X N   1 
ATOM   975  C CA  . GLY A 1 130 ? 1.566   2.285   -8.861  1.00 9.44  ? 130 GLY X CA  1 
ATOM   976  C C   . GLY A 1 130 ? 2.922   2.768   -8.404  1.00 9.50  ? 130 GLY X C   1 
ATOM   977  O O   . GLY A 1 130 ? 3.843   2.015   -8.294  1.00 8.75  ? 130 GLY X O   1 
ATOM   978  N N   . HIS A 1 131 ? 2.998   4.070   -8.121  1.00 10.79 ? 131 HIS X N   1 
ATOM   979  C CA  . HIS A 1 131 ? 4.222   4.726   -7.747  1.00 12.10 ? 131 HIS X CA  1 
ATOM   980  C C   . HIS A 1 131 ? 3.975   5.980   -6.886  1.00 11.48 ? 131 HIS X C   1 
ATOM   981  O O   . HIS A 1 131 ? 3.000   6.664   -7.059  1.00 10.38 ? 131 HIS X O   1 
ATOM   982  C CB  . HIS A 1 131 ? 5.052   5.050   -9.009  1.00 14.35 ? 131 HIS X CB  1 
ATOM   983  C CG  . HIS A 1 131 ? 6.530   5.043   -8.751  1.00 17.74 ? 131 HIS X CG  1 
ATOM   984  N ND1 . HIS A 1 131 ? 7.209   6.170   -8.306  1.00 20.04 ? 131 HIS X ND1 1 
ATOM   985  C CD2 . HIS A 1 131 ? 7.453   4.043   -8.806  1.00 18.60 ? 131 HIS X CD2 1 
ATOM   986  C CE1 . HIS A 1 131 ? 8.484   5.874   -8.139  1.00 19.49 ? 131 HIS X CE1 1 
ATOM   987  N NE2 . HIS A 1 131 ? 8.658   4.596   -8.434  1.00 19.94 ? 131 HIS X NE2 1 
ATOM   988  N N   . VAL A 1 132 ? 4.876   6.267   -5.952  1.00 11.10 ? 132 VAL X N   1 
ATOM   989  C CA  . VAL A 1 132 ? 4.817   7.495   -5.136  1.00 11.18 ? 132 VAL X CA  1 
ATOM   990  C C   . VAL A 1 132 ? 5.101   8.706   -6.089  1.00 11.87 ? 132 VAL X C   1 
ATOM   991  O O   . VAL A 1 132 ? 6.063   8.695   -6.819  1.00 11.79 ? 132 VAL X O   1 
ATOM   992  C CB  . VAL A 1 132 ? 5.843   7.450   -3.982  1.00 10.92 ? 132 VAL X CB  1 
ATOM   993  C CG1 . VAL A 1 132 ? 6.009   8.777   -3.278  1.00 11.21 ? 132 VAL X CG1 1 
ATOM   994  C CG2 . VAL A 1 132 ? 5.522   6.368   -2.966  1.00 11.28 ? 132 VAL X CG2 1 
ATOM   995  N N   . ILE A 1 133 ? 4.198   9.694   -6.103  1.00 12.42 ? 133 ILE X N   1 
ATOM   996  C CA  . ILE A 1 133 ? 4.366   10.962  -6.821  1.00 12.28 ? 133 ILE X CA  1 
ATOM   997  C C   . ILE A 1 133 ? 4.929   12.056  -5.918  1.00 12.33 ? 133 ILE X C   1 
ATOM   998  O O   . ILE A 1 133 ? 5.765   12.804  -6.336  1.00 12.45 ? 133 ILE X O   1 
ATOM   999  C CB  . ILE A 1 133 ? 3.022   11.403  -7.475  1.00 12.00 ? 133 ILE X CB  1 
ATOM   1000 C CG1 . ILE A 1 133 ? 2.605   10.384  -8.529  1.00 12.35 ? 133 ILE X CG1 1 
ATOM   1001 C CG2 . ILE A 1 133 ? 3.123   12.791  -8.113  1.00 12.04 ? 133 ILE X CG2 1 
ATOM   1002 C CD1 . ILE A 1 133 ? 3.581   10.230  -9.705  1.00 12.69 ? 133 ILE X CD1 1 
ATOM   1003 N N   . GLU A 1 134 ? 4.425   12.153  -4.696  1.00 12.95 ? 134 GLU X N   1 
ATOM   1004 C CA  . GLU A 1 134 ? 4.924   13.046  -3.684  1.00 13.36 ? 134 GLU X CA  1 
ATOM   1005 C C   . GLU A 1 134 ? 4.946   12.325  -2.324  1.00 13.99 ? 134 GLU X C   1 
ATOM   1006 O O   . GLU A 1 134 ? 4.122   11.455  -2.070  1.00 15.18 ? 134 GLU X O   1 
ATOM   1007 C CB  . GLU A 1 134 ? 4.025   14.259  -3.553  1.00 14.00 ? 134 GLU X CB  1 
ATOM   1008 C CG  . GLU A 1 134 ? 4.002   15.179  -4.752  1.00 15.25 ? 134 GLU X CG  1 
ATOM   1009 C CD  . GLU A 1 134 ? 3.203   16.484  -4.509  1.00 16.39 ? 134 GLU X CD  1 
ATOM   1010 O OE1 . GLU A 1 134 ? 3.270   17.409  -5.361  1.00 16.12 ? 134 GLU X OE1 1 
ATOM   1011 O OE2 . GLU A 1 134 ? 2.481   16.563  -3.484  1.00 15.35 ? 134 GLU X OE2 1 
ATOM   1012 N N   . GLY A 1 135 ? 5.833   12.727  -1.442  1.00 13.28 ? 135 GLY X N   1 
ATOM   1013 C CA  . GLY A 1 135 ? 5.798   12.271  -0.032  1.00 13.28 ? 135 GLY X CA  1 
ATOM   1014 C C   . GLY A 1 135 ? 6.760   11.118  0.215   1.00 14.17 ? 135 GLY X C   1 
ATOM   1015 O O   . GLY A 1 135 ? 6.536   10.307  1.120   1.00 13.84 ? 135 GLY X O   1 
ATOM   1016 N N   . MET A 1 136 ? 7.796   10.963  -0.629  1.00 13.75 ? 136 MET X N   1 
ATOM   1017 C CA  . MET A 1 136 ? 8.764   9.886   -0.398  1.00 13.95 ? 136 MET X CA  1 
ATOM   1018 C C   . MET A 1 136 ? 9.479   10.171  0.930   1.00 13.44 ? 136 MET X C   1 
ATOM   1019 O O   . MET A 1 136 ? 9.856   9.248   1.635   1.00 13.86 ? 136 MET X O   1 
ATOM   1020 C CB  . MET A 1 136 ? 9.718   9.719   -1.590  1.00 14.12 ? 136 MET X CB  1 
ATOM   1021 C CG  . MET A 1 136 ? 10.507  8.449   -1.576  1.00 15.99 ? 136 MET X CG  1 
ATOM   1022 S SD  . MET A 1 136 ? 9.540   6.922   -1.712  1.00 17.46 ? 136 MET X SD  1 
ATOM   1023 C CE  . MET A 1 136 ? 10.638  5.913   -0.751  1.00 18.12 ? 136 MET X CE  1 
ATOM   1024 N N   . ASP A 1 137 ? 9.641   11.448  1.288   1.00 13.56 ? 137 ASP X N   1 
ATOM   1025 C CA  . ASP A 1 137 ? 10.096  11.794  2.627   1.00 13.61 ? 137 ASP X CA  1 
ATOM   1026 C C   . ASP A 1 137 ? 9.160   11.304  3.742   1.00 12.26 ? 137 ASP X C   1 
ATOM   1027 O O   . ASP A 1 137 ? 9.615   10.943  4.817   1.00 12.83 ? 137 ASP X O   1 
ATOM   1028 C CB  . ASP A 1 137 ? 10.357  13.304  2.773   1.00 15.36 ? 137 ASP X CB  1 
ATOM   1029 C CG  . ASP A 1 137 ? 9.131   14.154  2.544   1.00 16.94 ? 137 ASP X CG  1 
ATOM   1030 O OD1 . ASP A 1 137 ? 8.173   13.734  1.841   1.00 18.04 ? 137 ASP X OD1 1 
ATOM   1031 O OD2 . ASP A 1 137 ? 9.132   15.282  3.058   1.00 19.78 ? 137 ASP X OD2 1 
ATOM   1032 N N   . VAL A 1 138 ? 7.868   11.288  3.492   1.00 12.00 ? 138 VAL X N   1 
ATOM   1033 C CA  . VAL A 1 138 ? 6.921   10.708  4.444   1.00 12.20 ? 138 VAL X CA  1 
ATOM   1034 C C   . VAL A 1 138 ? 7.137   9.155   4.583   1.00 11.75 ? 138 VAL X C   1 
ATOM   1035 O O   . VAL A 1 138 ? 7.216   8.592   5.688   1.00 11.77 ? 138 VAL X O   1 
ATOM   1036 C CB  . VAL A 1 138 ? 5.481   11.144  4.107   1.00 12.37 ? 138 VAL X CB  1 
ATOM   1037 C CG1 . VAL A 1 138 ? 4.505   10.601  5.174   1.00 12.06 ? 138 VAL X CG1 1 
ATOM   1038 C CG2 . VAL A 1 138 ? 5.417   12.687  4.048   1.00 12.67 ? 138 VAL X CG2 1 
ATOM   1039 N N   . VAL A 1 139 ? 7.347   8.494   3.460   1.00 11.59 ? 139 VAL X N   1 
ATOM   1040 C CA  . VAL A 1 139 ? 7.657   7.074   3.459   1.00 11.93 ? 139 VAL X CA  1 
ATOM   1041 C C   . VAL A 1 139 ? 8.976   6.763   4.258   1.00 12.69 ? 139 VAL X C   1 
ATOM   1042 O O   . VAL A 1 139 ? 9.028   5.773   5.018   1.00 11.28 ? 139 VAL X O   1 
ATOM   1043 C CB  . VAL A 1 139 ? 7.673   6.518   1.996   1.00 11.77 ? 139 VAL X CB  1 
ATOM   1044 C CG1 . VAL A 1 139 ? 7.923   5.014   1.990   1.00 11.58 ? 139 VAL X CG1 1 
ATOM   1045 C CG2 . VAL A 1 139 ? 6.331   6.813   1.300   1.00 11.45 ? 139 VAL X CG2 1 
ATOM   1046 N N   . LYS A 1 140 ? 9.995   7.627   4.115   1.00 13.37 ? 140 LYS X N   1 
ATOM   1047 C CA  . LYS A 1 140 ? 11.242  7.459   4.862   1.00 14.47 ? 140 LYS X CA  1 
ATOM   1048 C C   . LYS A 1 140 ? 10.978  7.604   6.369   1.00 15.38 ? 140 LYS X C   1 
ATOM   1049 O O   . LYS A 1 140 ? 11.529  6.848   7.169   1.00 16.67 ? 140 LYS X O   1 
ATOM   1050 C CB  . LYS A 1 140 ? 12.304  8.453   4.427   1.00 15.19 ? 140 LYS X CB  1 
ATOM   1051 C CG  . LYS A 1 140 ? 12.784  8.389   2.958   1.00 17.67 ? 140 LYS X CG  1 
ATOM   1052 C CD  . LYS A 1 140 ? 13.405  7.109   2.471   1.00 17.96 ? 140 LYS X CD  1 
ATOM   1053 C CE  . LYS A 1 140 ? 14.809  6.953   3.057   1.00 18.79 ? 140 LYS X CE  1 
ATOM   1054 N NZ  . LYS A 1 140 ? 15.244  5.554   2.893   1.00 18.75 ? 140 LYS X NZ  1 
ATOM   1055 N N   . LYS A 1 141 ? 10.103  8.526   6.773   1.00 15.91 ? 141 LYS X N   1 
ATOM   1056 C CA  . LYS A 1 141 ? 9.737   8.634   8.179   1.00 16.38 ? 141 LYS X CA  1 
ATOM   1057 C C   . LYS A 1 141 ? 9.010   7.401   8.700   1.00 16.65 ? 141 LYS X C   1 
ATOM   1058 O O   . LYS A 1 141 ? 9.316   6.883   9.815   1.00 17.19 ? 141 LYS X O   1 
ATOM   1059 C CB  . LYS A 1 141 ? 8.825   9.796   8.411   1.00 18.00 ? 141 LYS X CB  1 
ATOM   1060 C CG  . LYS A 1 141 ? 9.463   11.133  8.228   1.00 19.62 ? 141 LYS X CG  1 
ATOM   1061 C CD  . LYS A 1 141 ? 8.454   12.210  8.602   1.00 22.46 ? 141 LYS X CD  1 
ATOM   1062 C CE  . LYS A 1 141 ? 8.716   13.479  7.821   1.00 25.12 ? 141 LYS X CE  1 
ATOM   1063 N NZ  . LYS A 1 141 ? 7.631   14.416  8.164   1.00 28.47 ? 141 LYS X NZ  1 
ATOM   1064 N N   . ILE A 1 142 ? 8.054   6.910   7.912   1.00 15.61 ? 142 ILE X N   1 
ATOM   1065 C CA  . ILE A 1 142 ? 7.404   5.627   8.248   1.00 15.28 ? 142 ILE X CA  1 
ATOM   1066 C C   . ILE A 1 142 ? 8.468   4.552   8.438   1.00 14.98 ? 142 ILE X C   1 
ATOM   1067 O O   . ILE A 1 142 ? 8.436   3.824   9.436   1.00 14.32 ? 142 ILE X O   1 
ATOM   1068 C CB  . ILE A 1 142 ? 6.358   5.185   7.205   1.00 14.88 ? 142 ILE X CB  1 
ATOM   1069 C CG1 . ILE A 1 142 ? 5.104   6.032   7.334   1.00 14.56 ? 142 ILE X CG1 1 
ATOM   1070 C CG2 . ILE A 1 142 ? 5.973   3.725   7.377   1.00 15.47 ? 142 ILE X CG2 1 
ATOM   1071 C CD1 . ILE A 1 142 ? 4.250   6.118   6.073   1.00 14.36 ? 142 ILE X CD1 1 
ATOM   1072 N N   . GLU A 1 143 ? 9.408   4.490   7.495   1.00 15.54 ? 143 GLU X N   1 
ATOM   1073 C CA  . GLU A 1 143 ? 10.470  3.477   7.479   1.00 15.95 ? 143 GLU X CA  1 
ATOM   1074 C C   . GLU A 1 143 ? 11.321  3.537   8.740   1.00 15.22 ? 143 GLU X C   1 
ATOM   1075 O O   . GLU A 1 143 ? 11.742  2.516   9.270   1.00 13.43 ? 143 GLU X O   1 
ATOM   1076 C CB  . GLU A 1 143 ? 11.341  3.628   6.219   1.00 16.83 ? 143 GLU X CB  1 
ATOM   1077 C CG  . GLU A 1 143 ? 12.419  2.572   6.035   1.00 17.36 ? 143 GLU X CG  1 
ATOM   1078 C CD  . GLU A 1 143 ? 13.391  2.882   4.902   1.00 19.36 ? 143 GLU X CD  1 
ATOM   1079 O OE1 . GLU A 1 143 ? 13.513  4.075   4.500   1.00 20.71 ? 143 GLU X OE1 1 
ATOM   1080 O OE2 . GLU A 1 143 ? 14.077  1.925   4.437   1.00 18.81 ? 143 GLU X OE2 1 
ATOM   1081 N N   . SER A 1 144 ? 11.537  4.749   9.230   1.00 16.78 ? 144 SER X N   1 
ATOM   1082 C CA  . SER A 1 144 ? 12.335  4.952   10.431  1.00 15.93 ? 144 SER X CA  1 
ATOM   1083 C C   . SER A 1 144 ? 11.657  4.365   11.675  1.00 15.86 ? 144 SER X C   1 
ATOM   1084 O O   . SER A 1 144 ? 12.323  4.222   12.668  1.00 14.30 ? 144 SER X O   1 
ATOM   1085 C CB  . SER A 1 144 ? 12.656  6.444   10.669  1.00 14.74 ? 144 SER X CB  1 
ATOM   1086 O OG  . SER A 1 144 ? 11.560  7.043   11.340  1.00 14.60 ? 144 SER X OG  1 
ATOM   1087 N N   . PHE A 1 145 ? 10.348  4.084   11.648  1.00 17.20 ? 145 PHE X N   1 
ATOM   1088 C CA  . PHE A 1 145 ? 9.683   3.347   12.762  1.00 17.80 ? 145 PHE X CA  1 
ATOM   1089 C C   . PHE A 1 145 ? 9.537   1.830   12.613  1.00 17.17 ? 145 PHE X C   1 
ATOM   1090 O O   . PHE A 1 145 ? 8.898   1.216   13.422  1.00 17.57 ? 145 PHE X O   1 
ATOM   1091 C CB  . PHE A 1 145 ? 8.365   4.002   13.135  1.00 18.73 ? 145 PHE X CB  1 
ATOM   1092 C CG  . PHE A 1 145 ? 8.498   5.459   13.384  1.00 21.68 ? 145 PHE X CG  1 
ATOM   1093 C CD1 . PHE A 1 145 ? 9.405   5.932   14.352  1.00 23.49 ? 145 PHE X CD1 1 
ATOM   1094 C CD2 . PHE A 1 145 ? 7.790   6.386   12.621  1.00 21.62 ? 145 PHE X CD2 1 
ATOM   1095 C CE1 . PHE A 1 145 ? 9.572   7.294   14.552  1.00 24.06 ? 145 PHE X CE1 1 
ATOM   1096 C CE2 . PHE A 1 145 ? 7.956   7.746   12.813  1.00 22.34 ? 145 PHE X CE2 1 
ATOM   1097 C CZ  . PHE A 1 145 ? 8.825   8.205   13.796  1.00 22.97 ? 145 PHE X CZ  1 
ATOM   1098 N N   . GLY A 1 146 ? 10.201  1.227   11.627  1.00 18.07 ? 146 GLY X N   1 
ATOM   1099 C CA  . GLY A 1 146 ? 10.179  -0.216  11.415  1.00 17.55 ? 146 GLY X CA  1 
ATOM   1100 C C   . GLY A 1 146 ? 11.397  -0.871  12.064  1.00 17.55 ? 146 GLY X C   1 
ATOM   1101 O O   . GLY A 1 146 ? 12.119  -0.209  12.782  1.00 16.76 ? 146 GLY X O   1 
ATOM   1102 N N   . SER A 1 147 ? 11.592  -2.169  11.805  1.00 16.08 ? 147 SER X N   1 
ATOM   1103 C CA  . SER A 1 147 ? 12.650  -2.965  12.402  1.00 15.79 ? 147 SER X CA  1 
ATOM   1104 C C   . SER A 1 147 ? 12.922  -4.162  11.532  1.00 15.66 ? 147 SER X C   1 
ATOM   1105 O O   . SER A 1 147 ? 12.097  -4.487  10.685  1.00 14.54 ? 147 SER X O   1 
ATOM   1106 C CB  . SER A 1 147 ? 12.238  -3.411  13.830  1.00 16.22 ? 147 SER X CB  1 
ATOM   1107 O OG  . SER A 1 147 ? 11.228  -4.435  13.839  1.00 16.35 ? 147 SER X OG  1 
ATOM   1108 N N   . LYS A 1 148 ? 14.058  -4.827  11.718  1.00 16.23 ? 148 LYS X N   1 
ATOM   1109 C CA  . LYS A 1 148 ? 14.347  -6.109  11.008  1.00 19.03 ? 148 LYS X CA  1 
ATOM   1110 C C   . LYS A 1 148 ? 13.182  -7.078  10.834  1.00 17.22 ? 148 LYS X C   1 
ATOM   1111 O O   . LYS A 1 148 ? 12.993  -7.654  9.765   1.00 17.44 ? 148 LYS X O   1 
ATOM   1112 C CB  . LYS A 1 148 ? 15.430  -6.891  11.754  1.00 25.20 ? 148 LYS X CB  1 
ATOM   1113 C CG  . LYS A 1 148 ? 16.832  -6.599  11.300  1.00 31.39 ? 148 LYS X CG  1 
ATOM   1114 C CD  . LYS A 1 148 ? 17.824  -7.566  11.952  1.00 40.25 ? 148 LYS X CD  1 
ATOM   1115 C CE  . LYS A 1 148 ? 18.100  -8.764  11.037  1.00 44.99 ? 148 LYS X CE  1 
ATOM   1116 N NZ  . LYS A 1 148 ? 18.819  -8.345  9.799   1.00 51.06 ? 148 LYS X NZ  1 
ATOM   1117 N N   . SER A 1 149 ? 12.387  -7.235  11.902  1.00 15.53 ? 149 SER X N   1 
ATOM   1118 C CA  . SER A 1 149 ? 11.263  -8.162  11.950  1.00 13.51 ? 149 SER X CA  1 
ATOM   1119 C C   . SER A 1 149 ? 10.025  -7.617  11.284  1.00 12.65 ? 149 SER X C   1 
ATOM   1120 O O   . SER A 1 149 ? 9.082   -8.343  11.082  1.00 11.99 ? 149 SER X O   1 
ATOM   1121 C CB  . SER A 1 149 ? 10.884  -8.486  13.402  1.00 13.89 ? 149 SER X CB  1 
ATOM   1122 O OG  . SER A 1 149 ? 10.362  -7.361  14.114  1.00 12.63 ? 149 SER X OG  1 
ATOM   1123 N N   . GLY A 1 150 ? 9.970   -6.321  11.062  1.00 11.61 ? 150 GLY X N   1 
ATOM   1124 C CA  . GLY A 1 150 ? 8.753   -5.732  10.611  1.00 11.79 ? 150 GLY X CA  1 
ATOM   1125 C C   . GLY A 1 150 ? 7.928   -5.125  11.719  1.00 11.29 ? 150 GLY X C   1 
ATOM   1126 O O   . GLY A 1 150 ? 7.070   -4.284  11.441  1.00 10.86 ? 150 GLY X O   1 
ATOM   1127 N N   . ARG A 1 151 ? 8.199   -5.503  12.965  1.00 10.99 ? 151 ARG X N   1 
ATOM   1128 C CA  . ARG A 1 151 ? 7.434   -4.954  14.088  1.00 12.02 ? 151 ARG X CA  1 
ATOM   1129 C C   . ARG A 1 151 ? 7.763   -3.458  14.251  1.00 11.94 ? 151 ARG X C   1 
ATOM   1130 O O   . ARG A 1 151 ? 8.936   -3.077  14.330  1.00 11.01 ? 151 ARG X O   1 
ATOM   1131 C CB  . ARG A 1 151 ? 7.791   -5.713  15.344  1.00 12.61 ? 151 ARG X CB  1 
ATOM   1132 C CG  . ARG A 1 151 ? 7.034   -5.256  16.551  1.00 13.77 ? 151 ARG X CG  1 
ATOM   1133 C CD  . ARG A 1 151 ? 5.709   -5.937  16.741  1.00 14.61 ? 151 ARG X CD  1 
ATOM   1134 N NE  . ARG A 1 151 ? 5.051   -5.203  17.812  1.00 15.65 ? 151 ARG X NE  1 
ATOM   1135 C CZ  . ARG A 1 151 ? 3.772   -5.149  18.078  1.00 17.56 ? 151 ARG X CZ  1 
ATOM   1136 N NH1 . ARG A 1 151 ? 3.386   -4.337  19.047  1.00 18.32 ? 151 ARG X NH1 1 
ATOM   1137 N NH2 . ARG A 1 151 ? 2.861   -5.900  17.425  1.00 20.30 ? 151 ARG X NH2 1 
ATOM   1138 N N   . THR A 1 152 ? 6.725   -2.612  14.248  1.00 13.10 ? 152 THR X N   1 
ATOM   1139 C CA  . THR A 1 152 ? 6.945   -1.189  14.344  1.00 13.80 ? 152 THR X CA  1 
ATOM   1140 C C   . THR A 1 152 ? 7.130   -0.731  15.815  1.00 15.00 ? 152 THR X C   1 
ATOM   1141 O O   . THR A 1 152 ? 6.593   -1.330  16.753  1.00 14.56 ? 152 THR X O   1 
ATOM   1142 C CB  . THR A 1 152 ? 5.806   -0.360  13.718  1.00 14.25 ? 152 THR X CB  1 
ATOM   1143 O OG1 . THR A 1 152 ? 4.602   -0.568  14.415  1.00 13.74 ? 152 THR X OG1 1 
ATOM   1144 C CG2 . THR A 1 152 ? 5.612   -0.684  12.240  1.00 14.56 ? 152 THR X CG2 1 
ATOM   1145 N N   . SER A 1 153 ? 7.899   0.348   15.973  1.00 16.61 ? 153 SER X N   1 
ATOM   1146 C CA  . SER A 1 153 ? 8.234   0.943   17.271  1.00 17.54 ? 153 SER X CA  1 
ATOM   1147 C C   . SER A 1 153 ? 7.225   1.978   17.706  1.00 18.48 ? 153 SER X C   1 
ATOM   1148 O O   . SER A 1 153 ? 7.194   2.315   18.865  1.00 18.11 ? 153 SER X O   1 
ATOM   1149 C CB  . SER A 1 153 ? 9.652   1.505   17.279  1.00 17.43 ? 153 SER X CB  1 
ATOM   1150 O OG  . SER A 1 153 ? 9.820   2.620   16.413  1.00 18.81 ? 153 SER X OG  1 
ATOM   1151 N N   . LYS A 1 154 ? 6.420   2.505   16.788  1.00 19.92 ? 154 LYS X N   1 
ATOM   1152 C CA  . LYS A 1 154 ? 5.251   3.316   17.155  1.00 21.92 ? 154 LYS X CA  1 
ATOM   1153 C C   . LYS A 1 154 ? 4.093   2.815   16.333  1.00 20.13 ? 154 LYS X C   1 
ATOM   1154 O O   . LYS A 1 154 ? 4.321   2.178   15.303  1.00 17.18 ? 154 LYS X O   1 
ATOM   1155 C CB  . LYS A 1 154 ? 5.472   4.784   16.779  1.00 25.56 ? 154 LYS X CB  1 
ATOM   1156 C CG  . LYS A 1 154 ? 6.536   5.510   17.557  1.00 27.67 ? 154 LYS X CG  1 
ATOM   1157 C CD  . LYS A 1 154 ? 7.159   6.663   16.753  1.00 31.85 ? 154 LYS X CD  1 
ATOM   1158 C CE  . LYS A 1 154 ? 7.416   7.942   17.561  1.00 32.76 ? 154 LYS X CE  1 
ATOM   1159 N NZ  . LYS A 1 154 ? 7.788   7.682   18.986  1.00 33.55 ? 154 LYS X NZ  1 
ATOM   1160 N N   . LYS A 1 155 ? 2.871   3.177   16.733  1.00 19.81 ? 155 LYS X N   1 
ATOM   1161 C CA  . LYS A 1 155 ? 1.689   2.856   15.956  1.00 21.00 ? 155 LYS X CA  1 
ATOM   1162 C C   . LYS A 1 155 ? 1.531   3.802   14.737  1.00 18.84 ? 155 LYS X C   1 
ATOM   1163 O O   . LYS A 1 155 ? 1.440   5.045   14.885  1.00 15.96 ? 155 LYS X O   1 
ATOM   1164 C CB  . LYS A 1 155 ? 0.432   2.776   16.822  1.00 26.30 ? 155 LYS X CB  1 
ATOM   1165 C CG  . LYS A 1 155 ? -0.572  1.813   16.152  1.00 34.63 ? 155 LYS X CG  1 
ATOM   1166 C CD  . LYS A 1 155 ? -1.993  1.735   16.741  1.00 42.89 ? 155 LYS X CD  1 
ATOM   1167 C CE  . LYS A 1 155 ? -2.614  3.108   17.082  1.00 43.53 ? 155 LYS X CE  1 
ATOM   1168 N NZ  . LYS A 1 155 ? -4.092  3.144   16.888  1.00 40.29 ? 155 LYS X NZ  1 
ATOM   1169 N N   . ILE A 1 156 ? 1.599   3.227   13.520  1.00 16.75 ? 156 ILE X N   1 
ATOM   1170 C CA  . ILE A 1 156 ? 1.654   4.027   12.306  1.00 14.85 ? 156 ILE X CA  1 
ATOM   1171 C C   . ILE A 1 156 ? 0.272   3.939   11.708  1.00 14.13 ? 156 ILE X C   1 
ATOM   1172 O O   . ILE A 1 156 ? -0.102  2.878   11.227  1.00 14.82 ? 156 ILE X O   1 
ATOM   1173 C CB  . ILE A 1 156 ? 2.680   3.510   11.271  1.00 16.12 ? 156 ILE X CB  1 
ATOM   1174 C CG1 . ILE A 1 156 ? 4.109   3.283   11.855  1.00 16.77 ? 156 ILE X CG1 1 
ATOM   1175 C CG2 . ILE A 1 156 ? 2.751   4.443   10.038  1.00 15.93 ? 156 ILE X CG2 1 
ATOM   1176 C CD1 . ILE A 1 156 ? 4.679   4.487   12.540  1.00 17.16 ? 156 ILE X CD1 1 
ATOM   1177 N N   . VAL A 1 157 ? -0.457  5.044   11.666  1.00 12.78 ? 157 VAL X N   1 
ATOM   1178 C CA  . VAL A 1 157 ? -1.913  5.032   11.343  1.00 13.10 ? 157 VAL X CA  1 
ATOM   1179 C C   . VAL A 1 157 ? -2.251  5.882   10.099  1.00 12.74 ? 157 VAL X C   1 
ATOM   1180 O O   . VAL A 1 157 ? -1.801  7.020   9.982   1.00 12.12 ? 157 VAL X O   1 
ATOM   1181 C CB  . VAL A 1 157 ? -2.804  5.475   12.578  1.00 13.00 ? 157 VAL X CB  1 
ATOM   1182 C CG1 . VAL A 1 157 ? -4.293  5.608   12.236  1.00 13.35 ? 157 VAL X CG1 1 
ATOM   1183 C CG2 . VAL A 1 157 ? -2.651  4.501   13.757  1.00 13.56 ? 157 VAL X CG2 1 
ATOM   1184 N N   . ILE A 1 158 ? -3.036  5.312   9.169   1.00 12.70 ? 158 ILE X N   1 
ATOM   1185 C CA  . ILE A 1 158 ? -3.575  6.092   8.066   1.00 12.03 ? 158 ILE X CA  1 
ATOM   1186 C C   . ILE A 1 158 ? -4.752  6.816   8.646   1.00 12.24 ? 158 ILE X C   1 
ATOM   1187 O O   . ILE A 1 158 ? -5.803  6.219   8.776   1.00 11.89 ? 158 ILE X O   1 
ATOM   1188 C CB  . ILE A 1 158 ? -3.973  5.217   6.863   1.00 11.59 ? 158 ILE X CB  1 
ATOM   1189 C CG1 . ILE A 1 158 ? -2.693  4.609   6.216   1.00 11.37 ? 158 ILE X CG1 1 
ATOM   1190 C CG2 . ILE A 1 158 ? -4.734  6.030   5.843   1.00 10.88 ? 158 ILE X CG2 1 
ATOM   1191 C CD1 . ILE A 1 158 ? -2.919  3.346   5.396   1.00 11.34 ? 158 ILE X CD1 1 
ATOM   1192 N N   . THR A 1 159 ? -4.565  8.083   9.051   1.00 13.13 ? 159 THR X N   1 
ATOM   1193 C CA  . THR A 1 159 ? -5.692  8.869   9.669   1.00 13.52 ? 159 THR X CA  1 
ATOM   1194 C C   . THR A 1 159 ? -6.723  9.303   8.638   1.00 13.54 ? 159 THR X C   1 
ATOM   1195 O O   . THR A 1 159 ? -7.846  9.573   8.971   1.00 13.95 ? 159 THR X O   1 
ATOM   1196 C CB  . THR A 1 159 ? -5.238  10.158  10.420  1.00 13.52 ? 159 THR X CB  1 
ATOM   1197 O OG1 . THR A 1 159 ? -4.515  10.984  9.538   1.00 14.20 ? 159 THR X OG1 1 
ATOM   1198 C CG2 . THR A 1 159 ? -4.321  9.862   11.558  1.00 14.15 ? 159 THR X CG2 1 
ATOM   1199 N N   . ASP A 1 160 ? -6.317  9.433   7.383   1.00 13.40 ? 160 ASP X N   1 
ATOM   1200 C CA  . ASP A 1 160 ? -7.210  9.827   6.331   1.00 14.30 ? 160 ASP X CA  1 
ATOM   1201 C C   . ASP A 1 160 ? -6.602  9.470   4.963   1.00 12.65 ? 160 ASP X C   1 
ATOM   1202 O O   . ASP A 1 160 ? -5.375  9.332   4.804   1.00 11.90 ? 160 ASP X O   1 
ATOM   1203 C CB  . ASP A 1 160 ? -7.419  11.347  6.419   1.00 17.00 ? 160 ASP X CB  1 
ATOM   1204 C CG  . ASP A 1 160 ? -8.593  11.843  5.579   1.00 20.00 ? 160 ASP X CG  1 
ATOM   1205 O OD1 . ASP A 1 160 ? -9.553  11.076  5.243   1.00 19.06 ? 160 ASP X OD1 1 
ATOM   1206 O OD2 . ASP A 1 160 ? -8.540  13.045  5.284   1.00 24.29 ? 160 ASP X OD2 1 
ATOM   1207 N N   . CYS A 1 161 ? -7.472  9.311   3.983   1.00 11.69 ? 161 CYS X N   1 
ATOM   1208 C CA  . CYS A 1 161 ? -7.044  8.968   2.623   1.00 10.13 ? 161 CYS X CA  1 
ATOM   1209 C C   . CYS A 1 161 ? -8.178  9.308   1.679   1.00 9.80  ? 161 CYS X C   1 
ATOM   1210 O O   . CYS A 1 161 ? -9.292  9.568   2.129   1.00 10.25 ? 161 CYS X O   1 
ATOM   1211 C CB  . CYS A 1 161 ? -6.711  7.477   2.547   1.00 10.19 ? 161 CYS X CB  1 
ATOM   1212 S SG  . CYS A 1 161 ? -7.945  6.321   3.254   1.00 9.28  ? 161 CYS X SG  1 
ATOM   1213 N N   . GLY A 1 162 ? -7.922  9.274   0.387   1.00 8.68  ? 162 GLY X N   1 
ATOM   1214 C CA  . GLY A 1 162 ? -8.901  9.726   -0.579  1.00 8.56  ? 162 GLY X CA  1 
ATOM   1215 C C   . GLY A 1 162 ? -8.329  9.809   -1.986  1.00 8.46  ? 162 GLY X C   1 
ATOM   1216 O O   . GLY A 1 162 ? -7.141  9.514   -2.228  1.00 6.97  ? 162 GLY X O   1 
ATOM   1217 N N   . GLN A 1 163 ? -9.184  10.275  -2.885  1.00 9.24  ? 163 GLN X N   1 
ATOM   1218 C CA  . GLN A 1 163 ? -8.831  10.497  -4.282  1.00 10.02 ? 163 GLN X CA  1 
ATOM   1219 C C   . GLN A 1 163 ? -8.667  11.996  -4.535  1.00 10.67 ? 163 GLN X C   1 
ATOM   1220 O O   . GLN A 1 163 ? -9.496  12.795  -4.135  1.00 9.84  ? 163 GLN X O   1 
ATOM   1221 C CB  . GLN A 1 163 ? -9.891  9.909   -5.219  1.00 11.46 ? 163 GLN X CB  1 
ATOM   1222 C CG  . GLN A 1 163 ? -9.585  10.088  -6.705  1.00 11.88 ? 163 GLN X CG  1 
ATOM   1223 C CD  . GLN A 1 163 ? -10.431 9.234   -7.629  1.00 12.48 ? 163 GLN X CD  1 
ATOM   1224 O OE1 . GLN A 1 163 ? -11.468 8.675   -7.259  1.00 12.83 ? 163 GLN X OE1 1 
ATOM   1225 N NE2 . GLN A 1 163 ? -9.976  9.117   -8.838  1.00 12.26 ? 163 GLN X NE2 1 
ATOM   1226 N N   . LEU A 1 164 ? -7.538  12.370  -5.153  1.00 10.95 ? 164 LEU X N   1 
ATOM   1227 C CA  . LEU A 1 164 ? -7.259  13.743  -5.605  1.00 10.95 ? 164 LEU X CA  1 
ATOM   1228 C C   . LEU A 1 164 ? -7.695  13.985  -7.044  1.00 11.14 ? 164 LEU X C   1 
ATOM   1229 O O   . LEU A 1 164 ? -8.219  15.051  -7.381  1.00 11.97 ? 164 LEU X O   1 
ATOM   1230 C CB  . LEU A 1 164 ? -5.752  13.990  -5.490  1.00 11.28 ? 164 LEU X CB  1 
ATOM   1231 C CG  . LEU A 1 164 ? -5.215  13.919  -4.051  1.00 10.93 ? 164 LEU X CG  1 
ATOM   1232 C CD1 . LEU A 1 164 ? -3.729  14.028  -4.060  1.00 11.00 ? 164 LEU X CD1 1 
ATOM   1233 C CD2 . LEU A 1 164 ? -5.734  15.046  -3.168  1.00 11.14 ? 164 LEU X CD2 1 
ATOM   1234 N N   . SER A 1 165 ? -7.452  12.999  -7.910  1.00 11.72 ? 165 SER X N   1 
ATOM   1235 C CA  . SER A 1 165 ? -7.894  13.039  -9.308  1.00 11.65 ? 165 SER X CA  1 
ATOM   1236 C C   . SER A 1 165 ? -7.979  11.649  -9.905  1.00 12.70 ? 165 SER X C   1 
ATOM   1237 O O   . SER A 1 165 ? -8.411  11.463  -11.072 1.00 13.11 ? 165 SER X O   1 
ATOM   1238 C CB  . SER A 1 165 ? -6.947  13.907  -10.169 1.00 11.64 ? 165 SER X CB  1 
ATOM   1239 O OG  . SER A 1 165 ? -5.633  13.431  -10.152 1.00 11.16 ? 165 SER X OG  1 
ATOM   1240 O OXT . SER A 1 165 ? -7.605  10.677  -9.257  1.00 12.80 ? 165 SER X OXT 1 
HETATM 1241 N N1  . C4Y B 2 .   ? 0.756   -12.095 3.586   1.00 17.48 ? 201 C4Y X N1  1 
HETATM 1242 C C2  . C4Y B 2 .   ? 1.910   -11.434 3.634   1.00 17.31 ? 201 C4Y X C2  1 
HETATM 1243 C C3  . C4Y B 2 .   ? -0.417  -11.701 4.329   1.00 18.44 ? 201 C4Y X C3  1 
HETATM 1244 C C4  . C4Y B 2 .   ? -1.586  -11.465 3.451   1.00 18.24 ? 201 C4Y X C4  1 
HETATM 1245 C C5  . C4Y B 2 .   ? -1.428  -10.679 2.302   1.00 19.89 ? 201 C4Y X C5  1 
HETATM 1246 C C6  . C4Y B 2 .   ? -2.506  -10.405 1.469   1.00 19.71 ? 201 C4Y X C6  1 
HETATM 1247 C C7  . C4Y B 2 .   ? -3.752  -10.937 1.801   1.00 19.87 ? 201 C4Y X C7  1 
HETATM 1248 C C8  . C4Y B 2 .   ? -3.924  -11.720 2.969   1.00 19.49 ? 201 C4Y X C8  1 
HETATM 1249 C C9  . C4Y B 2 .   ? -2.836  -11.995 3.798   1.00 19.52 ? 201 C4Y X C9  1 
HETATM 1250 N N16 . C4Y B 2 .   ? -4.883  -10.634 0.907   1.00 19.96 ? 201 C4Y X N16 1 
HETATM 1251 O O17 . C4Y B 2 .   ? 2.063   -10.477 4.374   1.00 16.52 ? 201 C4Y X O17 1 
HETATM 1252 N N18 . C4Y B 2 .   ? 2.853   -11.844 2.763   1.00 18.33 ? 201 C4Y X N18 1 
HETATM 1253 C C19 . C4Y B 2 .   ? 4.117   -11.183 2.569   1.00 18.68 ? 201 C4Y X C19 1 
HETATM 1254 C C20 . C4Y B 2 .   ? 4.028   -10.043 1.565   1.00 20.02 ? 201 C4Y X C20 1 
HETATM 1255 O O23 . C4Y B 2 .   ? 3.065   -10.001 0.802   1.00 17.36 ? 201 C4Y X O23 1 
HETATM 1256 N N25 . C4Y B 2 .   ? 5.044   -9.137  1.534   1.00 23.17 ? 201 C4Y X N25 1 
HETATM 1257 C C26 . C4Y B 2 .   ? 6.167   -9.089  2.515   1.00 26.14 ? 201 C4Y X C26 1 
HETATM 1258 C C27 . C4Y B 2 .   ? 6.784   -7.705  2.322   1.00 25.65 ? 201 C4Y X C27 1 
HETATM 1259 C C28 . C4Y B 2 .   ? 6.613   -7.428  0.834   1.00 24.24 ? 201 C4Y X C28 1 
HETATM 1260 C C29 . C4Y B 2 .   ? 5.263   -8.080  0.534   1.00 24.02 ? 201 C4Y X C29 1 
HETATM 1261 C C42 . C4Y B 2 .   ? 7.243   -10.077 2.215   1.00 27.65 ? 201 C4Y X C42 1 
HETATM 1262 C C43 . C4Y B 2 .   ? 8.148   -10.381 3.267   1.00 28.70 ? 201 C4Y X C43 1 
HETATM 1263 C C44 . C4Y B 2 .   ? 9.206   -11.263 3.032   1.00 26.98 ? 201 C4Y X C44 1 
HETATM 1264 C C45 . C4Y B 2 .   ? 9.344   -11.832 1.773   1.00 28.38 ? 201 C4Y X C45 1 
HETATM 1265 C C46 . C4Y B 2 .   ? 8.470   -11.509 0.713   1.00 30.62 ? 201 C4Y X C46 1 
HETATM 1266 C C47 . C4Y B 2 .   ? 7.393   -10.639 0.928   1.00 27.62 ? 201 C4Y X C47 1 
HETATM 1267 O O   . HOH C 3 .   ? -8.384  9.415   -12.446 1.00 18.19 ? 301 HOH X O   1 
HETATM 1268 O O   . HOH C 3 .   ? -6.028  4.427   16.030  1.00 20.44 ? 302 HOH X O   1 
HETATM 1269 O O   . HOH C 3 .   ? 2.782   -7.752  15.763  1.00 27.18 ? 303 HOH X O   1 
HETATM 1270 O O   . HOH C 3 .   ? -8.797  1.162   -13.277 1.00 10.56 ? 304 HOH X O   1 
HETATM 1271 O O   . HOH C 3 .   ? 3.960   9.003   -13.952 1.00 12.79 ? 305 HOH X O   1 
HETATM 1272 O O   . HOH C 3 .   ? 5.586   17.475  -6.370  1.00 22.24 ? 306 HOH X O   1 
HETATM 1273 O O   . HOH C 3 .   ? -14.492 1.283   -0.512  1.00 12.31 ? 307 HOH X O   1 
HETATM 1274 O O   . HOH C 3 .   ? 10.454  -8.389  16.448  1.00 14.93 ? 308 HOH X O   1 
HETATM 1275 O O   . HOH C 3 .   ? -1.585  -17.925 -11.306 1.00 22.30 ? 309 HOH X O   1 
HETATM 1276 O O   . HOH C 3 .   ? 0.421   -5.859  -19.561 1.00 10.63 ? 310 HOH X O   1 
HETATM 1277 O O   . HOH C 3 .   ? -0.075  -15.490 -10.592 1.00 8.12  ? 311 HOH X O   1 
HETATM 1278 O O   . HOH C 3 .   ? 12.849  -6.266  14.731  1.00 16.00 ? 312 HOH X O   1 
HETATM 1279 O O   . HOH C 3 .   ? -2.516  -3.082  8.299   1.00 11.99 ? 313 HOH X O   1 
HETATM 1280 O O   . HOH C 3 .   ? -7.145  -6.393  -16.803 1.00 21.49 ? 314 HOH X O   1 
HETATM 1281 O O   . HOH C 3 .   ? 3.651   -6.416  -11.697 1.00 10.20 ? 315 HOH X O   1 
HETATM 1282 O O   . HOH C 3 .   ? -15.484 -0.062  -8.750  1.00 26.17 ? 316 HOH X O   1 
HETATM 1283 O O   . HOH C 3 .   ? -18.385 2.452   -6.518  1.00 24.93 ? 317 HOH X O   1 
HETATM 1284 O O   . HOH C 3 .   ? 12.057  6.677   -6.342  1.00 43.25 ? 318 HOH X O   1 
HETATM 1285 O O   . HOH C 3 .   ? 7.187   -0.221  -11.924 1.00 13.07 ? 319 HOH X O   1 
HETATM 1286 O O   . HOH C 3 .   ? -5.023  11.833  -12.377 1.00 14.91 ? 320 HOH X O   1 
HETATM 1287 O O   . HOH C 3 .   ? 10.072  4.546   18.221  1.00 23.49 ? 321 HOH X O   1 
HETATM 1288 O O   . HOH C 3 .   ? -3.353  -7.855  -0.888  1.00 4.18  ? 322 HOH X O   1 
HETATM 1289 O O   . HOH C 3 .   ? -5.923  14.690  6.747   1.00 29.85 ? 323 HOH X O   1 
HETATM 1290 O O   . HOH C 3 .   ? -1.483  -12.771 -5.112  1.00 7.08  ? 324 HOH X O   1 
HETATM 1291 O O   . HOH C 3 .   ? -0.785  -5.282  13.812  1.00 31.46 ? 325 HOH X O   1 
HETATM 1292 O O   . HOH C 3 .   ? 14.014  5.909   6.700   1.00 19.96 ? 326 HOH X O   1 
HETATM 1293 O O   . HOH C 3 .   ? -12.339 3.131   7.122   1.00 16.58 ? 327 HOH X O   1 
HETATM 1294 O O   . HOH C 3 .   ? 3.236   -9.052  -18.647 1.00 23.09 ? 328 HOH X O   1 
HETATM 1295 O O   . HOH C 3 .   ? -20.216 0.850   5.506   1.00 32.15 ? 329 HOH X O   1 
HETATM 1296 O O   . HOH C 3 .   ? 1.923   -14.184 -7.128  1.00 12.54 ? 330 HOH X O   1 
HETATM 1297 O O   . HOH C 3 .   ? -12.185 -14.218 -3.061  1.00 10.09 ? 331 HOH X O   1 
HETATM 1298 O O   . HOH C 3 .   ? -2.157  -19.317 -3.877  1.00 13.54 ? 332 HOH X O   1 
HETATM 1299 O O   . HOH C 3 .   ? -5.539  5.683   -16.995 1.00 26.16 ? 333 HOH X O   1 
HETATM 1300 O O   . HOH C 3 .   ? -9.825  14.860  -2.375  1.00 34.35 ? 334 HOH X O   1 
HETATM 1301 O O   . HOH C 3 .   ? -13.745 9.597   -6.058  1.00 20.74 ? 335 HOH X O   1 
HETATM 1302 O O   . HOH C 3 .   ? -1.638  10.370  -13.400 1.00 21.35 ? 336 HOH X O   1 
HETATM 1303 O O   . HOH C 3 .   ? 0.336   -9.614  -5.841  1.00 7.81  ? 337 HOH X O   1 
HETATM 1304 O O   . HOH C 3 .   ? 2.272   0.424   13.264  1.00 8.72  ? 338 HOH X O   1 
HETATM 1305 O O   . HOH C 3 .   ? -4.063  -14.664 -12.536 1.00 9.58  ? 339 HOH X O   1 
HETATM 1306 O O   . HOH C 3 .   ? 8.273   -1.689  -14.619 1.00 12.16 ? 340 HOH X O   1 
HETATM 1307 O O   . HOH C 3 .   ? 17.928  5.470   3.583   1.00 28.38 ? 341 HOH X O   1 
HETATM 1308 O O   . HOH C 3 .   ? 16.003  2.089   1.792   1.00 32.54 ? 342 HOH X O   1 
HETATM 1309 O O   . HOH C 3 .   ? -5.678  -8.285  2.167   1.00 10.95 ? 343 HOH X O   1 
HETATM 1310 O O   . HOH C 3 .   ? -16.812 5.785   -8.358  1.00 24.84 ? 344 HOH X O   1 
HETATM 1311 O O   . HOH C 3 .   ? 17.132  0.777   -4.699  1.00 23.62 ? 345 HOH X O   1 
HETATM 1312 O O   . HOH C 3 .   ? 6.610   4.310   20.729  1.00 25.37 ? 346 HOH X O   1 
HETATM 1313 O O   . HOH C 3 .   ? -4.738  -1.806  10.308  1.00 24.63 ? 347 HOH X O   1 
HETATM 1314 O O   . HOH C 3 .   ? 2.227   -10.562 -16.783 1.00 9.07  ? 348 HOH X O   1 
HETATM 1315 O O   . HOH C 3 .   ? 1.861   -4.949  -13.233 1.00 4.49  ? 349 HOH X O   1 
HETATM 1316 O O   . HOH C 3 .   ? -0.241  13.403  8.163   1.00 17.67 ? 350 HOH X O   1 
HETATM 1317 O O   . HOH C 3 .   ? -5.326  -3.217  -5.365  1.00 7.05  ? 351 HOH X O   1 
HETATM 1318 O O   . HOH C 3 .   ? -16.082 0.330   7.380   1.00 26.84 ? 352 HOH X O   1 
HETATM 1319 O O   . HOH C 3 .   ? 4.117   -3.670  13.882  1.00 11.01 ? 353 HOH X O   1 
HETATM 1320 O O   . HOH C 3 .   ? -9.300  3.050   -11.363 1.00 10.74 ? 354 HOH X O   1 
HETATM 1321 O O   . HOH C 3 .   ? -12.448 -2.865  -11.937 1.00 10.56 ? 355 HOH X O   1 
HETATM 1322 O O   . HOH C 3 .   ? 10.966  -1.806  -5.681  1.00 16.75 ? 356 HOH X O   1 
HETATM 1323 O O   . HOH C 3 .   ? 18.623  -0.573  7.196   1.00 42.55 ? 357 HOH X O   1 
HETATM 1324 O O   . HOH C 3 .   ? 11.880  3.755   -8.270  1.00 29.32 ? 358 HOH X O   1 
HETATM 1325 O O   . HOH C 3 .   ? -10.613 15.366  -8.917  1.00 22.06 ? 359 HOH X O   1 
HETATM 1326 O O   . HOH C 3 .   ? 5.494   -14.625 -12.691 1.00 15.72 ? 360 HOH X O   1 
HETATM 1327 O O   . HOH C 3 .   ? -3.803  -8.159  -9.209  1.00 6.80  ? 361 HOH X O   1 
HETATM 1328 O O   . HOH C 3 .   ? 6.174   -7.948  -10.545 1.00 9.91  ? 362 HOH X O   1 
HETATM 1329 O O   . HOH C 3 .   ? -15.801 3.444   4.038   1.00 21.48 ? 363 HOH X O   1 
HETATM 1330 O O   . HOH C 3 .   ? 18.344  -3.879  1.598   1.00 28.49 ? 364 HOH X O   1 
HETATM 1331 O O   . HOH C 3 .   ? 8.404   12.041  -3.237  1.00 9.18  ? 365 HOH X O   1 
HETATM 1332 O O   . HOH C 3 .   ? 1.399   -9.250  6.909   1.00 22.37 ? 366 HOH X O   1 
HETATM 1333 O O   . HOH C 3 .   ? -7.260  -12.450 13.599  1.00 27.30 ? 367 HOH X O   1 
HETATM 1334 O O   . HOH C 3 .   ? 5.808   2.623   -15.099 1.00 22.22 ? 368 HOH X O   1 
HETATM 1335 O O   . HOH C 3 .   ? -10.872 7.691   -11.210 1.00 22.70 ? 369 HOH X O   1 
HETATM 1336 O O   . HOH C 3 .   ? -11.817 10.869  -1.794  1.00 12.43 ? 370 HOH X O   1 
HETATM 1337 O O   . HOH C 3 .   ? -1.381  -4.097  -19.454 1.00 20.97 ? 371 HOH X O   1 
HETATM 1338 O O   . HOH C 3 .   ? -3.507  -7.767  -17.835 1.00 18.80 ? 372 HOH X O   1 
HETATM 1339 O O   . HOH C 3 .   ? -10.743 -15.976 1.281   1.00 20.66 ? 373 HOH X O   1 
HETATM 1340 O O   . HOH C 3 .   ? -7.982  -11.347 1.846   1.00 21.19 ? 374 HOH X O   1 
HETATM 1341 O O   . HOH C 3 .   ? -7.892  6.103   -15.298 1.00 31.98 ? 375 HOH X O   1 
HETATM 1342 O O   . HOH C 3 .   ? -2.442  16.719  -1.974  1.00 20.16 ? 376 HOH X O   1 
HETATM 1343 O O   . HOH C 3 .   ? -7.413  16.868  2.931   1.00 35.73 ? 377 HOH X O   1 
HETATM 1344 O O   . HOH C 3 .   ? 9.801   13.621  -0.753  1.00 17.36 ? 378 HOH X O   1 
HETATM 1345 O O   . HOH C 3 .   ? -1.188  -13.097 -14.215 1.00 25.52 ? 379 HOH X O   1 
HETATM 1346 O O   . HOH C 3 .   ? 16.029  -11.007 -9.032  1.00 46.90 ? 380 HOH X O   1 
HETATM 1347 O O   . HOH C 3 .   ? -11.669 7.233   3.263   1.00 16.65 ? 381 HOH X O   1 
HETATM 1348 O O   . HOH C 3 .   ? -11.086 4.810   3.242   1.00 8.83  ? 382 HOH X O   1 
HETATM 1349 O O   . HOH C 3 .   ? 3.485   15.926  3.467   1.00 9.94  ? 383 HOH X O   1 
HETATM 1350 O O   . HOH C 3 .   ? -17.032 -8.941  -7.960  1.00 25.17 ? 384 HOH X O   1 
HETATM 1351 O O   . HOH C 3 .   ? -10.937 -4.006  -16.352 1.00 20.94 ? 385 HOH X O   1 
HETATM 1352 O O   . HOH C 3 .   ? -17.131 7.217   0.311   1.00 40.46 ? 386 HOH X O   1 
HETATM 1353 O O   . HOH C 3 .   ? 5.568   9.030   20.758  1.00 31.48 ? 387 HOH X O   1 
HETATM 1354 O O   . HOH C 3 .   ? -14.711 -10.547 1.617   1.00 20.86 ? 388 HOH X O   1 
HETATM 1355 O O   . HOH C 3 .   ? 6.945   -2.017  -17.551 1.00 24.87 ? 389 HOH X O   1 
HETATM 1356 O O   . HOH C 3 .   ? -12.484 10.035  0.537   1.00 39.34 ? 390 HOH X O   1 
HETATM 1357 O O   . HOH C 3 .   ? -13.204 3.632   4.656   1.00 13.86 ? 391 HOH X O   1 
HETATM 1358 O O   . HOH C 3 .   ? -10.867 -2.232  -14.313 1.00 22.21 ? 392 HOH X O   1 
HETATM 1359 O O   . HOH C 3 .   ? 1.200   16.919  3.986   1.00 33.35 ? 393 HOH X O   1 
HETATM 1360 O O   . HOH C 3 .   ? -13.197 7.172   -10.579 1.00 26.57 ? 394 HOH X O   1 
HETATM 1361 O O   . HOH C 3 .   ? 13.132  10.851  0.794   1.00 22.20 ? 395 HOH X O   1 
HETATM 1362 O O   . HOH C 3 .   ? -17.042 2.692   8.007   1.00 22.01 ? 396 HOH X O   1 
HETATM 1363 O O   . HOH C 3 .   ? 9.179   10.131  -5.251  1.00 32.96 ? 397 HOH X O   1 
HETATM 1364 O O   . HOH C 3 .   ? -6.349  3.644   -18.885 1.00 29.45 ? 398 HOH X O   1 
HETATM 1365 O O   . HOH C 3 .   ? 14.214  4.135   -9.341  1.00 34.39 ? 399 HOH X O   1 
HETATM 1366 O O   . HOH C 3 .   ? -9.376  1.795   -16.237 1.00 18.81 ? 400 HOH X O   1 
HETATM 1367 O O   . HOH C 3 .   ? 0.234   -2.498  -20.560 1.00 39.80 ? 401 HOH X O   1 
HETATM 1368 O O   . HOH C 3 .   ? 19.040  -4.745  3.910   1.00 34.69 ? 402 HOH X O   1 
HETATM 1369 O O   . HOH C 3 .   ? 14.864  -4.595  16.387  1.00 21.92 ? 403 HOH X O   1 
HETATM 1370 O O   . HOH C 3 .   ? 11.340  -12.134 11.686  1.00 28.76 ? 404 HOH X O   1 
HETATM 1371 O O   . HOH C 3 .   ? -9.753  5.372   -12.898 1.00 22.36 ? 405 HOH X O   1 
HETATM 1372 O O   . HOH C 3 .   ? 7.952   0.927   -14.226 1.00 12.51 ? 406 HOH X O   1 
HETATM 1373 O O   . HOH C 3 .   ? 4.329   -0.919  -17.828 1.00 18.92 ? 407 HOH X O   1 
HETATM 1374 O O   . HOH C 3 .   ? -13.797 10.892  -3.567  1.00 19.10 ? 408 HOH X O   1 
HETATM 1375 O O   . HOH C 3 .   ? 3.808   1.913   -17.503 1.00 25.93 ? 409 HOH X O   1 
# 
